data_5GNV
# 
_entry.id   5GNV 
# 
_audit_conform.dict_name       mmcif_pdbx.dic 
_audit_conform.dict_version    5.387 
_audit_conform.dict_location   http://mmcif.pdb.org/dictionaries/ascii/mmcif_pdbx.dic 
# 
loop_
_database_2.database_id 
_database_2.database_code 
_database_2.pdbx_database_accession 
_database_2.pdbx_DOI 
PDB   5GNV         pdb_00005gnv 10.2210/pdb5gnv/pdb 
WWPDB D_1300001160 ?            ?                   
# 
loop_
_pdbx_audit_revision_history.ordinal 
_pdbx_audit_revision_history.data_content_type 
_pdbx_audit_revision_history.major_revision 
_pdbx_audit_revision_history.minor_revision 
_pdbx_audit_revision_history.revision_date 
1 'Structure model' 1 0 2017-08-02 
2 'Structure model' 1 1 2017-11-01 
3 'Structure model' 1 2 2024-03-20 
# 
_pdbx_audit_revision_details.ordinal             1 
_pdbx_audit_revision_details.revision_ordinal    1 
_pdbx_audit_revision_details.data_content_type   'Structure model' 
_pdbx_audit_revision_details.provider            repository 
_pdbx_audit_revision_details.type                'Initial release' 
_pdbx_audit_revision_details.description         ? 
_pdbx_audit_revision_details.details             ? 
# 
loop_
_pdbx_audit_revision_group.ordinal 
_pdbx_audit_revision_group.revision_ordinal 
_pdbx_audit_revision_group.data_content_type 
_pdbx_audit_revision_group.group 
1 2 'Structure model' 'Database references'  
2 3 'Structure model' 'Data collection'      
3 3 'Structure model' 'Database references'  
4 3 'Structure model' 'Derived calculations' 
# 
loop_
_pdbx_audit_revision_category.ordinal 
_pdbx_audit_revision_category.revision_ordinal 
_pdbx_audit_revision_category.data_content_type 
_pdbx_audit_revision_category.category 
1 2 'Structure model' citation                     
2 2 'Structure model' citation_author              
3 3 'Structure model' chem_comp_atom               
4 3 'Structure model' chem_comp_bond               
5 3 'Structure model' database_2                   
6 3 'Structure model' pdbx_struct_special_symmetry 
# 
loop_
_pdbx_audit_revision_item.ordinal 
_pdbx_audit_revision_item.revision_ordinal 
_pdbx_audit_revision_item.data_content_type 
_pdbx_audit_revision_item.item 
1  2 'Structure model' '_citation.country'                   
2  2 'Structure model' '_citation.journal_abbrev'            
3  2 'Structure model' '_citation.journal_id_ASTM'           
4  2 'Structure model' '_citation.journal_id_CSD'            
5  2 'Structure model' '_citation.journal_id_ISSN'           
6  2 'Structure model' '_citation.journal_volume'            
7  2 'Structure model' '_citation.page_first'                
8  2 'Structure model' '_citation.page_last'                 
9  2 'Structure model' '_citation.pdbx_database_id_DOI'      
10 2 'Structure model' '_citation.pdbx_database_id_PubMed'   
11 2 'Structure model' '_citation.title'                     
12 2 'Structure model' '_citation.year'                      
13 2 'Structure model' '_citation_author.name'               
14 3 'Structure model' '_database_2.pdbx_DOI'                
15 3 'Structure model' '_database_2.pdbx_database_accession' 
# 
_pdbx_database_status.status_code                     REL 
_pdbx_database_status.status_code_sf                  REL 
_pdbx_database_status.status_code_mr                  ? 
_pdbx_database_status.entry_id                        5GNV 
_pdbx_database_status.recvd_initial_deposition_date   2016-07-25 
_pdbx_database_status.SG_entry                        N 
_pdbx_database_status.deposit_site                    PDBJ 
_pdbx_database_status.process_site                    PDBJ 
_pdbx_database_status.status_code_cs                  ? 
_pdbx_database_status.methods_development_category    FoldIt 
_pdbx_database_status.pdb_format_compatible           Y 
_pdbx_database_status.status_code_nmr_data            ? 
# 
loop_
_audit_author.name 
_audit_author.pdbx_ordinal 
'Shang, Y.' 1 
'Xia, Y.'   2 
'Zhu, R.'   3 
'Zhu, J.'   4 
# 
_citation.abstract                  ? 
_citation.abstract_id_CAS           ? 
_citation.book_id_ISBN              ? 
_citation.book_publisher            ? 
_citation.book_publisher_city       ? 
_citation.book_title                ? 
_citation.coordinate_linkage        ? 
_citation.country                   UK 
_citation.database_id_Medline       ? 
_citation.details                   ? 
_citation.id                        primary 
_citation.journal_abbrev            'Biochem. J.' 
_citation.journal_id_ASTM           BIJOAK 
_citation.journal_id_CSD            0043 
_citation.journal_id_ISSN           1470-8728 
_citation.journal_full              ? 
_citation.journal_issue             ? 
_citation.journal_volume            474 
_citation.language                  ? 
_citation.page_first                2817 
_citation.page_last                 2828 
_citation.title                     
'Structure of the PSD-95/MAP1A complex reveals a unique target recognition mode of the MAGUK GK domain' 
_citation.year                      2017 
_citation.database_id_CSD           ? 
_citation.pdbx_database_id_DOI      10.1042/BCJ20170356 
_citation.pdbx_database_id_PubMed   28701415 
_citation.unpublished_flag          ? 
# 
loop_
_citation_author.citation_id 
_citation_author.name 
_citation_author.ordinal 
_citation_author.identifier_ORCID 
primary 'Xia, Y.'   1 ? 
primary 'Shang, Y.' 2 ? 
primary 'Zhang, R.' 3 ? 
primary 'Zhu, J.'   4 ? 
# 
loop_
_entity.id 
_entity.type 
_entity.src_method 
_entity.pdbx_description 
_entity.formula_weight 
_entity.pdbx_number_of_molecules 
_entity.pdbx_ec 
_entity.pdbx_mutation 
_entity.pdbx_fragment 
_entity.details 
1 polymer     man 'Disks large homolog 4'             21690.418 1  ? ? 'UNP residues 531-713'   ? 
2 polymer     syn 'Microtubule-associated protein 1A' 2798.969  1  ? ? 'UNP residues 1866-1891' ? 
3 non-polymer syn 'SULFATE ION'                       96.063    2  ? ? ?                        ? 
4 water       nat water                               18.015    36 ? ? ?                        ? 
# 
loop_
_entity_name_com.entity_id 
_entity_name_com.name 
1 'Postsynaptic density protein 95,PSD-95,Synapse-associated protein 90,SAP90' 
2 MAP-1A                                                                       
# 
loop_
_entity_poly.entity_id 
_entity_poly.type 
_entity_poly.nstd_linkage 
_entity_poly.nstd_monomer 
_entity_poly.pdbx_seq_one_letter_code 
_entity_poly.pdbx_seq_one_letter_code_can 
_entity_poly.pdbx_strand_id 
_entity_poly.pdbx_target_identifier 
1 'polypeptide(L)' no no 
;GPGSEFVHYARPIIILGPTKDRANDDLLSEFPDKFGSCVPHTTRPKREYEIDGRDYHFVSSREKMEKDIQAHKFIEAGQY
NSHLYGTSVQSVREVAEQGKHCILDVSANAVRRLQAAHLHPIAIFIRPRSLENVLEINKRITEEQARKAFDRATKLEQEF
TECFSAIVEGDSFEEIYHKVKRVIEDLSG
;
;GPGSEFVHYARPIIILGPTKDRANDDLLSEFPDKFGSCVPHTTRPKREYEIDGRDYHFVSSREKMEKDIQAHKFIEAGQY
NSHLYGTSVQSVREVAEQGKHCILDVSANAVRRLQAAHLHPIAIFIRPRSLENVLEINKRITEEQARKAFDRATKLEQEF
TECFSAIVEGDSFEEIYHKVKRVIEDLSG
;
A ? 
2 'polypeptide(L)' no no AELEGGPYSPLGKDYRKAEGEREGEG AELEGGPYSPLGKDYRKAEGEREGEG B ? 
# 
loop_
_pdbx_entity_nonpoly.entity_id 
_pdbx_entity_nonpoly.name 
_pdbx_entity_nonpoly.comp_id 
3 'SULFATE ION' SO4 
4 water         HOH 
# 
loop_
_entity_poly_seq.entity_id 
_entity_poly_seq.num 
_entity_poly_seq.mon_id 
_entity_poly_seq.hetero 
1 1   GLY n 
1 2   PRO n 
1 3   GLY n 
1 4   SER n 
1 5   GLU n 
1 6   PHE n 
1 7   VAL n 
1 8   HIS n 
1 9   TYR n 
1 10  ALA n 
1 11  ARG n 
1 12  PRO n 
1 13  ILE n 
1 14  ILE n 
1 15  ILE n 
1 16  LEU n 
1 17  GLY n 
1 18  PRO n 
1 19  THR n 
1 20  LYS n 
1 21  ASP n 
1 22  ARG n 
1 23  ALA n 
1 24  ASN n 
1 25  ASP n 
1 26  ASP n 
1 27  LEU n 
1 28  LEU n 
1 29  SER n 
1 30  GLU n 
1 31  PHE n 
1 32  PRO n 
1 33  ASP n 
1 34  LYS n 
1 35  PHE n 
1 36  GLY n 
1 37  SER n 
1 38  CYS n 
1 39  VAL n 
1 40  PRO n 
1 41  HIS n 
1 42  THR n 
1 43  THR n 
1 44  ARG n 
1 45  PRO n 
1 46  LYS n 
1 47  ARG n 
1 48  GLU n 
1 49  TYR n 
1 50  GLU n 
1 51  ILE n 
1 52  ASP n 
1 53  GLY n 
1 54  ARG n 
1 55  ASP n 
1 56  TYR n 
1 57  HIS n 
1 58  PHE n 
1 59  VAL n 
1 60  SER n 
1 61  SER n 
1 62  ARG n 
1 63  GLU n 
1 64  LYS n 
1 65  MET n 
1 66  GLU n 
1 67  LYS n 
1 68  ASP n 
1 69  ILE n 
1 70  GLN n 
1 71  ALA n 
1 72  HIS n 
1 73  LYS n 
1 74  PHE n 
1 75  ILE n 
1 76  GLU n 
1 77  ALA n 
1 78  GLY n 
1 79  GLN n 
1 80  TYR n 
1 81  ASN n 
1 82  SER n 
1 83  HIS n 
1 84  LEU n 
1 85  TYR n 
1 86  GLY n 
1 87  THR n 
1 88  SER n 
1 89  VAL n 
1 90  GLN n 
1 91  SER n 
1 92  VAL n 
1 93  ARG n 
1 94  GLU n 
1 95  VAL n 
1 96  ALA n 
1 97  GLU n 
1 98  GLN n 
1 99  GLY n 
1 100 LYS n 
1 101 HIS n 
1 102 CYS n 
1 103 ILE n 
1 104 LEU n 
1 105 ASP n 
1 106 VAL n 
1 107 SER n 
1 108 ALA n 
1 109 ASN n 
1 110 ALA n 
1 111 VAL n 
1 112 ARG n 
1 113 ARG n 
1 114 LEU n 
1 115 GLN n 
1 116 ALA n 
1 117 ALA n 
1 118 HIS n 
1 119 LEU n 
1 120 HIS n 
1 121 PRO n 
1 122 ILE n 
1 123 ALA n 
1 124 ILE n 
1 125 PHE n 
1 126 ILE n 
1 127 ARG n 
1 128 PRO n 
1 129 ARG n 
1 130 SER n 
1 131 LEU n 
1 132 GLU n 
1 133 ASN n 
1 134 VAL n 
1 135 LEU n 
1 136 GLU n 
1 137 ILE n 
1 138 ASN n 
1 139 LYS n 
1 140 ARG n 
1 141 ILE n 
1 142 THR n 
1 143 GLU n 
1 144 GLU n 
1 145 GLN n 
1 146 ALA n 
1 147 ARG n 
1 148 LYS n 
1 149 ALA n 
1 150 PHE n 
1 151 ASP n 
1 152 ARG n 
1 153 ALA n 
1 154 THR n 
1 155 LYS n 
1 156 LEU n 
1 157 GLU n 
1 158 GLN n 
1 159 GLU n 
1 160 PHE n 
1 161 THR n 
1 162 GLU n 
1 163 CYS n 
1 164 PHE n 
1 165 SER n 
1 166 ALA n 
1 167 ILE n 
1 168 VAL n 
1 169 GLU n 
1 170 GLY n 
1 171 ASP n 
1 172 SER n 
1 173 PHE n 
1 174 GLU n 
1 175 GLU n 
1 176 ILE n 
1 177 TYR n 
1 178 HIS n 
1 179 LYS n 
1 180 VAL n 
1 181 LYS n 
1 182 ARG n 
1 183 VAL n 
1 184 ILE n 
1 185 GLU n 
1 186 ASP n 
1 187 LEU n 
1 188 SER n 
1 189 GLY n 
2 1   ALA n 
2 2   GLU n 
2 3   LEU n 
2 4   GLU n 
2 5   GLY n 
2 6   GLY n 
2 7   PRO n 
2 8   TYR n 
2 9   SER n 
2 10  PRO n 
2 11  LEU n 
2 12  GLY n 
2 13  LYS n 
2 14  ASP n 
2 15  TYR n 
2 16  ARG n 
2 17  LYS n 
2 18  ALA n 
2 19  GLU n 
2 20  GLY n 
2 21  GLU n 
2 22  ARG n 
2 23  GLU n 
2 24  GLY n 
2 25  GLU n 
2 26  GLY n 
# 
_entity_src_gen.entity_id                          1 
_entity_src_gen.pdbx_src_id                        1 
_entity_src_gen.pdbx_alt_source_flag               sample 
_entity_src_gen.pdbx_seq_type                      'Biological sequence' 
_entity_src_gen.pdbx_beg_seq_num                   1 
_entity_src_gen.pdbx_end_seq_num                   189 
_entity_src_gen.gene_src_common_name               Rat 
_entity_src_gen.gene_src_genus                     ? 
_entity_src_gen.pdbx_gene_src_gene                 'Dlg4, Dlgh4, Psd95' 
_entity_src_gen.gene_src_species                   ? 
_entity_src_gen.gene_src_strain                    ? 
_entity_src_gen.gene_src_tissue                    ? 
_entity_src_gen.gene_src_tissue_fraction           ? 
_entity_src_gen.gene_src_details                   ? 
_entity_src_gen.pdbx_gene_src_fragment             ? 
_entity_src_gen.pdbx_gene_src_scientific_name      'Rattus norvegicus' 
_entity_src_gen.pdbx_gene_src_ncbi_taxonomy_id     10116 
_entity_src_gen.pdbx_gene_src_variant              ? 
_entity_src_gen.pdbx_gene_src_cell_line            ? 
_entity_src_gen.pdbx_gene_src_atcc                 ? 
_entity_src_gen.pdbx_gene_src_organ                ? 
_entity_src_gen.pdbx_gene_src_organelle            ? 
_entity_src_gen.pdbx_gene_src_cell                 ? 
_entity_src_gen.pdbx_gene_src_cellular_location    ? 
_entity_src_gen.host_org_common_name               ? 
_entity_src_gen.pdbx_host_org_scientific_name      'Escherichia coli BL21(DE3)' 
_entity_src_gen.pdbx_host_org_ncbi_taxonomy_id     469008 
_entity_src_gen.host_org_genus                     ? 
_entity_src_gen.pdbx_host_org_gene                 ? 
_entity_src_gen.pdbx_host_org_organ                ? 
_entity_src_gen.host_org_species                   ? 
_entity_src_gen.pdbx_host_org_tissue               ? 
_entity_src_gen.pdbx_host_org_tissue_fraction      ? 
_entity_src_gen.pdbx_host_org_strain               ? 
_entity_src_gen.pdbx_host_org_variant              ? 
_entity_src_gen.pdbx_host_org_cell_line            ? 
_entity_src_gen.pdbx_host_org_atcc                 ? 
_entity_src_gen.pdbx_host_org_culture_collection   ? 
_entity_src_gen.pdbx_host_org_cell                 ? 
_entity_src_gen.pdbx_host_org_organelle            ? 
_entity_src_gen.pdbx_host_org_cellular_location    ? 
_entity_src_gen.pdbx_host_org_vector_type          ? 
_entity_src_gen.pdbx_host_org_vector               ? 
_entity_src_gen.host_org_details                   ? 
_entity_src_gen.expression_system_id               ? 
_entity_src_gen.plasmid_name                       ? 
_entity_src_gen.plasmid_details                    ? 
_entity_src_gen.pdbx_description                   ? 
# 
_pdbx_entity_src_syn.entity_id              2 
_pdbx_entity_src_syn.pdbx_src_id            1 
_pdbx_entity_src_syn.pdbx_alt_source_flag   sample 
_pdbx_entity_src_syn.pdbx_beg_seq_num       1 
_pdbx_entity_src_syn.pdbx_end_seq_num       26 
_pdbx_entity_src_syn.organism_scientific    'Mus musculus' 
_pdbx_entity_src_syn.organism_common_name   Mouse 
_pdbx_entity_src_syn.ncbi_taxonomy_id       10090 
_pdbx_entity_src_syn.details                ? 
# 
loop_
_chem_comp.id 
_chem_comp.type 
_chem_comp.mon_nstd_flag 
_chem_comp.name 
_chem_comp.pdbx_synonyms 
_chem_comp.formula 
_chem_comp.formula_weight 
ALA 'L-peptide linking' y ALANINE         ? 'C3 H7 N O2'     89.093  
ARG 'L-peptide linking' y ARGININE        ? 'C6 H15 N4 O2 1' 175.209 
ASN 'L-peptide linking' y ASPARAGINE      ? 'C4 H8 N2 O3'    132.118 
ASP 'L-peptide linking' y 'ASPARTIC ACID' ? 'C4 H7 N O4'     133.103 
CYS 'L-peptide linking' y CYSTEINE        ? 'C3 H7 N O2 S'   121.158 
GLN 'L-peptide linking' y GLUTAMINE       ? 'C5 H10 N2 O3'   146.144 
GLU 'L-peptide linking' y 'GLUTAMIC ACID' ? 'C5 H9 N O4'     147.129 
GLY 'peptide linking'   y GLYCINE         ? 'C2 H5 N O2'     75.067  
HIS 'L-peptide linking' y HISTIDINE       ? 'C6 H10 N3 O2 1' 156.162 
HOH non-polymer         . WATER           ? 'H2 O'           18.015  
ILE 'L-peptide linking' y ISOLEUCINE      ? 'C6 H13 N O2'    131.173 
LEU 'L-peptide linking' y LEUCINE         ? 'C6 H13 N O2'    131.173 
LYS 'L-peptide linking' y LYSINE          ? 'C6 H15 N2 O2 1' 147.195 
MET 'L-peptide linking' y METHIONINE      ? 'C5 H11 N O2 S'  149.211 
PHE 'L-peptide linking' y PHENYLALANINE   ? 'C9 H11 N O2'    165.189 
PRO 'L-peptide linking' y PROLINE         ? 'C5 H9 N O2'     115.130 
SER 'L-peptide linking' y SERINE          ? 'C3 H7 N O3'     105.093 
SO4 non-polymer         . 'SULFATE ION'   ? 'O4 S -2'        96.063  
THR 'L-peptide linking' y THREONINE       ? 'C4 H9 N O3'     119.119 
TYR 'L-peptide linking' y TYROSINE        ? 'C9 H11 N O3'    181.189 
VAL 'L-peptide linking' y VALINE          ? 'C5 H11 N O2'    117.146 
# 
loop_
_pdbx_poly_seq_scheme.asym_id 
_pdbx_poly_seq_scheme.entity_id 
_pdbx_poly_seq_scheme.seq_id 
_pdbx_poly_seq_scheme.mon_id 
_pdbx_poly_seq_scheme.ndb_seq_num 
_pdbx_poly_seq_scheme.pdb_seq_num 
_pdbx_poly_seq_scheme.auth_seq_num 
_pdbx_poly_seq_scheme.pdb_mon_id 
_pdbx_poly_seq_scheme.auth_mon_id 
_pdbx_poly_seq_scheme.pdb_strand_id 
_pdbx_poly_seq_scheme.pdb_ins_code 
_pdbx_poly_seq_scheme.hetero 
A 1 1   GLY 1   525  ?    ?   ?   A . n 
A 1 2   PRO 2   526  ?    ?   ?   A . n 
A 1 3   GLY 3   527  ?    ?   ?   A . n 
A 1 4   SER 4   528  ?    ?   ?   A . n 
A 1 5   GLU 5   529  ?    ?   ?   A . n 
A 1 6   PHE 6   530  ?    ?   ?   A . n 
A 1 7   VAL 7   531  ?    ?   ?   A . n 
A 1 8   HIS 8   532  ?    ?   ?   A . n 
A 1 9   TYR 9   533  533  TYR TYR A . n 
A 1 10  ALA 10  534  534  ALA ALA A . n 
A 1 11  ARG 11  535  535  ARG ARG A . n 
A 1 12  PRO 12  536  536  PRO PRO A . n 
A 1 13  ILE 13  537  537  ILE ILE A . n 
A 1 14  ILE 14  538  538  ILE ILE A . n 
A 1 15  ILE 15  539  539  ILE ILE A . n 
A 1 16  LEU 16  540  540  LEU LEU A . n 
A 1 17  GLY 17  541  541  GLY GLY A . n 
A 1 18  PRO 18  542  542  PRO PRO A . n 
A 1 19  THR 19  543  543  THR THR A . n 
A 1 20  LYS 20  544  544  LYS LYS A . n 
A 1 21  ASP 21  545  545  ASP ASP A . n 
A 1 22  ARG 22  546  546  ARG ARG A . n 
A 1 23  ALA 23  547  547  ALA ALA A . n 
A 1 24  ASN 24  548  548  ASN ASN A . n 
A 1 25  ASP 25  549  549  ASP ASP A . n 
A 1 26  ASP 26  550  550  ASP ASP A . n 
A 1 27  LEU 27  551  551  LEU LEU A . n 
A 1 28  LEU 28  552  552  LEU LEU A . n 
A 1 29  SER 29  553  553  SER SER A . n 
A 1 30  GLU 30  554  554  GLU GLU A . n 
A 1 31  PHE 31  555  555  PHE PHE A . n 
A 1 32  PRO 32  556  556  PRO PRO A . n 
A 1 33  ASP 33  557  557  ASP ASP A . n 
A 1 34  LYS 34  558  558  LYS LYS A . n 
A 1 35  PHE 35  559  559  PHE PHE A . n 
A 1 36  GLY 36  560  560  GLY GLY A . n 
A 1 37  SER 37  561  561  SER SER A . n 
A 1 38  CYS 38  562  562  CYS CYS A . n 
A 1 39  VAL 39  563  563  VAL VAL A . n 
A 1 40  PRO 40  564  564  PRO PRO A . n 
A 1 41  HIS 41  565  565  HIS HIS A . n 
A 1 42  THR 42  566  566  THR THR A . n 
A 1 43  THR 43  567  567  THR THR A . n 
A 1 44  ARG 44  568  568  ARG ARG A . n 
A 1 45  PRO 45  569  569  PRO PRO A . n 
A 1 46  LYS 46  570  570  LYS LYS A . n 
A 1 47  ARG 47  571  571  ARG ARG A . n 
A 1 48  GLU 48  572  572  GLU GLU A . n 
A 1 49  TYR 49  573  573  TYR TYR A . n 
A 1 50  GLU 50  574  574  GLU GLU A . n 
A 1 51  ILE 51  575  575  ILE ILE A . n 
A 1 52  ASP 52  576  576  ASP ASP A . n 
A 1 53  GLY 53  577  577  GLY GLY A . n 
A 1 54  ARG 54  578  578  ARG ARG A . n 
A 1 55  ASP 55  579  579  ASP ASP A . n 
A 1 56  TYR 56  580  580  TYR TYR A . n 
A 1 57  HIS 57  581  581  HIS HIS A . n 
A 1 58  PHE 58  582  582  PHE PHE A . n 
A 1 59  VAL 59  583  583  VAL VAL A . n 
A 1 60  SER 60  584  584  SER SER A . n 
A 1 61  SER 61  585  585  SER SER A . n 
A 1 62  ARG 62  586  586  ARG ARG A . n 
A 1 63  GLU 63  587  587  GLU GLU A . n 
A 1 64  LYS 64  588  588  LYS LYS A . n 
A 1 65  MET 65  589  589  MET MET A . n 
A 1 66  GLU 66  590  590  GLU GLU A . n 
A 1 67  LYS 67  591  591  LYS LYS A . n 
A 1 68  ASP 68  592  592  ASP ASP A . n 
A 1 69  ILE 69  593  593  ILE ILE A . n 
A 1 70  GLN 70  594  594  GLN GLN A . n 
A 1 71  ALA 71  595  595  ALA ALA A . n 
A 1 72  HIS 72  596  596  HIS HIS A . n 
A 1 73  LYS 73  597  597  LYS LYS A . n 
A 1 74  PHE 74  598  598  PHE PHE A . n 
A 1 75  ILE 75  599  599  ILE ILE A . n 
A 1 76  GLU 76  600  600  GLU GLU A . n 
A 1 77  ALA 77  601  601  ALA ALA A . n 
A 1 78  GLY 78  602  602  GLY GLY A . n 
A 1 79  GLN 79  603  603  GLN GLN A . n 
A 1 80  TYR 80  604  604  TYR TYR A . n 
A 1 81  ASN 81  605  605  ASN ASN A . n 
A 1 82  SER 82  606  606  SER SER A . n 
A 1 83  HIS 83  607  607  HIS HIS A . n 
A 1 84  LEU 84  608  608  LEU LEU A . n 
A 1 85  TYR 85  609  609  TYR TYR A . n 
A 1 86  GLY 86  610  610  GLY GLY A . n 
A 1 87  THR 87  611  611  THR THR A . n 
A 1 88  SER 88  612  612  SER SER A . n 
A 1 89  VAL 89  613  613  VAL VAL A . n 
A 1 90  GLN 90  614  614  GLN GLN A . n 
A 1 91  SER 91  615  615  SER SER A . n 
A 1 92  VAL 92  616  616  VAL VAL A . n 
A 1 93  ARG 93  617  617  ARG ARG A . n 
A 1 94  GLU 94  618  618  GLU GLU A . n 
A 1 95  VAL 95  619  619  VAL VAL A . n 
A 1 96  ALA 96  620  620  ALA ALA A . n 
A 1 97  GLU 97  621  621  GLU GLU A . n 
A 1 98  GLN 98  622  622  GLN GLN A . n 
A 1 99  GLY 99  623  623  GLY GLY A . n 
A 1 100 LYS 100 624  624  LYS LYS A . n 
A 1 101 HIS 101 625  625  HIS HIS A . n 
A 1 102 CYS 102 626  626  CYS CYS A . n 
A 1 103 ILE 103 627  627  ILE ILE A . n 
A 1 104 LEU 104 628  628  LEU LEU A . n 
A 1 105 ASP 105 629  629  ASP ASP A . n 
A 1 106 VAL 106 630  630  VAL VAL A . n 
A 1 107 SER 107 631  631  SER SER A . n 
A 1 108 ALA 108 632  632  ALA ALA A . n 
A 1 109 ASN 109 633  633  ASN ASN A . n 
A 1 110 ALA 110 634  634  ALA ALA A . n 
A 1 111 VAL 111 635  635  VAL VAL A . n 
A 1 112 ARG 112 636  636  ARG ARG A . n 
A 1 113 ARG 113 637  637  ARG ARG A . n 
A 1 114 LEU 114 638  638  LEU LEU A . n 
A 1 115 GLN 115 639  639  GLN GLN A . n 
A 1 116 ALA 116 640  640  ALA ALA A . n 
A 1 117 ALA 117 641  641  ALA ALA A . n 
A 1 118 HIS 118 642  642  HIS HIS A . n 
A 1 119 LEU 119 643  643  LEU LEU A . n 
A 1 120 HIS 120 644  644  HIS HIS A . n 
A 1 121 PRO 121 645  645  PRO PRO A . n 
A 1 122 ILE 122 646  646  ILE ILE A . n 
A 1 123 ALA 123 647  647  ALA ALA A . n 
A 1 124 ILE 124 648  648  ILE ILE A . n 
A 1 125 PHE 125 649  649  PHE PHE A . n 
A 1 126 ILE 126 650  650  ILE ILE A . n 
A 1 127 ARG 127 651  651  ARG ARG A . n 
A 1 128 PRO 128 652  652  PRO PRO A . n 
A 1 129 ARG 129 653  653  ARG ARG A . n 
A 1 130 SER 130 654  654  SER SER A . n 
A 1 131 LEU 131 655  655  LEU LEU A . n 
A 1 132 GLU 132 656  656  GLU GLU A . n 
A 1 133 ASN 133 657  657  ASN ASN A . n 
A 1 134 VAL 134 658  658  VAL VAL A . n 
A 1 135 LEU 135 659  659  LEU LEU A . n 
A 1 136 GLU 136 660  660  GLU GLU A . n 
A 1 137 ILE 137 661  661  ILE ILE A . n 
A 1 138 ASN 138 662  662  ASN ASN A . n 
A 1 139 LYS 139 663  663  LYS LYS A . n 
A 1 140 ARG 140 664  664  ARG ARG A . n 
A 1 141 ILE 141 665  665  ILE ILE A . n 
A 1 142 THR 142 666  666  THR THR A . n 
A 1 143 GLU 143 667  667  GLU GLU A . n 
A 1 144 GLU 144 668  668  GLU GLU A . n 
A 1 145 GLN 145 669  669  GLN GLN A . n 
A 1 146 ALA 146 670  670  ALA ALA A . n 
A 1 147 ARG 147 671  671  ARG ARG A . n 
A 1 148 LYS 148 672  672  LYS LYS A . n 
A 1 149 ALA 149 673  673  ALA ALA A . n 
A 1 150 PHE 150 674  674  PHE PHE A . n 
A 1 151 ASP 151 675  675  ASP ASP A . n 
A 1 152 ARG 152 676  676  ARG ARG A . n 
A 1 153 ALA 153 677  677  ALA ALA A . n 
A 1 154 THR 154 678  678  THR THR A . n 
A 1 155 LYS 155 679  679  LYS LYS A . n 
A 1 156 LEU 156 680  680  LEU LEU A . n 
A 1 157 GLU 157 681  681  GLU GLU A . n 
A 1 158 GLN 158 682  682  GLN GLN A . n 
A 1 159 GLU 159 683  683  GLU GLU A . n 
A 1 160 PHE 160 684  684  PHE PHE A . n 
A 1 161 THR 161 685  685  THR THR A . n 
A 1 162 GLU 162 686  686  GLU GLU A . n 
A 1 163 CYS 163 687  687  CYS CYS A . n 
A 1 164 PHE 164 688  688  PHE PHE A . n 
A 1 165 SER 165 689  689  SER SER A . n 
A 1 166 ALA 166 690  690  ALA ALA A . n 
A 1 167 ILE 167 691  691  ILE ILE A . n 
A 1 168 VAL 168 692  692  VAL VAL A . n 
A 1 169 GLU 169 693  693  GLU GLU A . n 
A 1 170 GLY 170 694  694  GLY GLY A . n 
A 1 171 ASP 171 695  695  ASP ASP A . n 
A 1 172 SER 172 696  696  SER SER A . n 
A 1 173 PHE 173 697  697  PHE PHE A . n 
A 1 174 GLU 174 698  698  GLU GLU A . n 
A 1 175 GLU 175 699  699  GLU GLU A . n 
A 1 176 ILE 176 700  700  ILE ILE A . n 
A 1 177 TYR 177 701  701  TYR TYR A . n 
A 1 178 HIS 178 702  702  HIS HIS A . n 
A 1 179 LYS 179 703  703  LYS LYS A . n 
A 1 180 VAL 180 704  704  VAL VAL A . n 
A 1 181 LYS 181 705  705  LYS LYS A . n 
A 1 182 ARG 182 706  706  ARG ARG A . n 
A 1 183 VAL 183 707  707  VAL VAL A . n 
A 1 184 ILE 184 708  708  ILE ILE A . n 
A 1 185 GLU 185 709  709  GLU GLU A . n 
A 1 186 ASP 186 710  710  ASP ASP A . n 
A 1 187 LEU 187 711  711  LEU LEU A . n 
A 1 188 SER 188 712  712  SER SER A . n 
A 1 189 GLY 189 713  713  GLY GLY A . n 
B 2 1   ALA 1   2104 ?    ?   ?   B . n 
B 2 2   GLU 2   2105 2105 GLU GLU B . n 
B 2 3   LEU 3   2106 2106 LEU LEU B . n 
B 2 4   GLU 4   2107 2107 GLU GLU B . n 
B 2 5   GLY 5   2108 2108 GLY GLY B . n 
B 2 6   GLY 6   2109 2109 GLY GLY B . n 
B 2 7   PRO 7   2110 2110 PRO PRO B . n 
B 2 8   TYR 8   2111 2111 TYR TYR B . n 
B 2 9   SER 9   2112 2112 SER SER B . n 
B 2 10  PRO 10  2113 2113 PRO PRO B . n 
B 2 11  LEU 11  2114 2114 LEU LEU B . n 
B 2 12  GLY 12  2115 2115 GLY GLY B . n 
B 2 13  LYS 13  2116 2116 LYS LYS B . n 
B 2 14  ASP 14  2117 2117 ASP ASP B . n 
B 2 15  TYR 15  2118 2118 TYR TYR B . n 
B 2 16  ARG 16  2119 2119 ARG ARG B . n 
B 2 17  LYS 17  2120 2120 LYS LYS B . n 
B 2 18  ALA 18  2121 2121 ALA ALA B . n 
B 2 19  GLU 19  2122 2122 GLU GLU B . n 
B 2 20  GLY 20  2123 2123 GLY GLY B . n 
B 2 21  GLU 21  2124 ?    ?   ?   B . n 
B 2 22  ARG 22  2125 ?    ?   ?   B . n 
B 2 23  GLU 23  2126 ?    ?   ?   B . n 
B 2 24  GLY 24  2127 ?    ?   ?   B . n 
B 2 25  GLU 25  2128 ?    ?   ?   B . n 
B 2 26  GLY 26  2129 ?    ?   ?   B . n 
# 
loop_
_pdbx_nonpoly_scheme.asym_id 
_pdbx_nonpoly_scheme.entity_id 
_pdbx_nonpoly_scheme.mon_id 
_pdbx_nonpoly_scheme.ndb_seq_num 
_pdbx_nonpoly_scheme.pdb_seq_num 
_pdbx_nonpoly_scheme.auth_seq_num 
_pdbx_nonpoly_scheme.pdb_mon_id 
_pdbx_nonpoly_scheme.auth_mon_id 
_pdbx_nonpoly_scheme.pdb_strand_id 
_pdbx_nonpoly_scheme.pdb_ins_code 
C 3 SO4 1  801 1  SO4 SO4 A . 
D 3 SO4 1  802 2  SO4 SO4 A . 
E 4 HOH 1  901 6  HOH HOH A . 
E 4 HOH 2  902 19 HOH HOH A . 
E 4 HOH 3  903 39 HOH HOH A . 
E 4 HOH 4  904 2  HOH HOH A . 
E 4 HOH 5  905 44 HOH HOH A . 
E 4 HOH 6  906 29 HOH HOH A . 
E 4 HOH 7  907 11 HOH HOH A . 
E 4 HOH 8  908 24 HOH HOH A . 
E 4 HOH 9  909 5  HOH HOH A . 
E 4 HOH 10 910 28 HOH HOH A . 
E 4 HOH 11 911 1  HOH HOH A . 
E 4 HOH 12 912 10 HOH HOH A . 
E 4 HOH 13 913 35 HOH HOH A . 
E 4 HOH 14 914 8  HOH HOH A . 
E 4 HOH 15 915 26 HOH HOH A . 
E 4 HOH 16 916 36 HOH HOH A . 
E 4 HOH 17 917 4  HOH HOH A . 
E 4 HOH 18 918 12 HOH HOH A . 
E 4 HOH 19 919 34 HOH HOH A . 
E 4 HOH 20 920 30 HOH HOH A . 
E 4 HOH 21 921 40 HOH HOH A . 
E 4 HOH 22 922 42 HOH HOH A . 
E 4 HOH 23 923 33 HOH HOH A . 
E 4 HOH 24 924 23 HOH HOH A . 
E 4 HOH 25 925 7  HOH HOH A . 
E 4 HOH 26 926 43 HOH HOH A . 
E 4 HOH 27 927 27 HOH HOH A . 
E 4 HOH 28 928 41 HOH HOH A . 
E 4 HOH 29 929 13 HOH HOH A . 
E 4 HOH 30 930 14 HOH HOH A . 
E 4 HOH 31 931 22 HOH HOH A . 
E 4 HOH 32 932 21 HOH HOH A . 
E 4 HOH 33 933 38 HOH HOH A . 
E 4 HOH 34 934 20 HOH HOH A . 
E 4 HOH 35 935 37 HOH HOH A . 
E 4 HOH 36 936 9  HOH HOH A . 
# 
loop_
_pdbx_unobs_or_zero_occ_atoms.id 
_pdbx_unobs_or_zero_occ_atoms.PDB_model_num 
_pdbx_unobs_or_zero_occ_atoms.polymer_flag 
_pdbx_unobs_or_zero_occ_atoms.occupancy_flag 
_pdbx_unobs_or_zero_occ_atoms.auth_asym_id 
_pdbx_unobs_or_zero_occ_atoms.auth_comp_id 
_pdbx_unobs_or_zero_occ_atoms.auth_seq_id 
_pdbx_unobs_or_zero_occ_atoms.PDB_ins_code 
_pdbx_unobs_or_zero_occ_atoms.auth_atom_id 
_pdbx_unobs_or_zero_occ_atoms.label_alt_id 
_pdbx_unobs_or_zero_occ_atoms.label_asym_id 
_pdbx_unobs_or_zero_occ_atoms.label_comp_id 
_pdbx_unobs_or_zero_occ_atoms.label_seq_id 
_pdbx_unobs_or_zero_occ_atoms.label_atom_id 
1  1 Y 1 A GLU 572  ? CG  ? A GLU 48  CG  
2  1 Y 1 A GLU 572  ? CD  ? A GLU 48  CD  
3  1 Y 1 A GLU 572  ? OE1 ? A GLU 48  OE1 
4  1 Y 1 A GLU 572  ? OE2 ? A GLU 48  OE2 
5  1 Y 1 A TYR 573  ? CG  ? A TYR 49  CG  
6  1 Y 1 A TYR 573  ? CD1 ? A TYR 49  CD1 
7  1 Y 1 A TYR 573  ? CD2 ? A TYR 49  CD2 
8  1 Y 1 A TYR 573  ? CE1 ? A TYR 49  CE1 
9  1 Y 1 A TYR 573  ? CE2 ? A TYR 49  CE2 
10 1 Y 1 A TYR 573  ? CZ  ? A TYR 49  CZ  
11 1 Y 1 A TYR 573  ? OH  ? A TYR 49  OH  
12 1 Y 1 A GLU 587  ? CG  ? A GLU 63  CG  
13 1 Y 1 A GLU 587  ? CD  ? A GLU 63  CD  
14 1 Y 1 A GLU 587  ? OE1 ? A GLU 63  OE1 
15 1 Y 1 A GLU 587  ? OE2 ? A GLU 63  OE2 
16 1 Y 1 A LYS 588  ? CG  ? A LYS 64  CG  
17 1 Y 1 A LYS 588  ? CD  ? A LYS 64  CD  
18 1 Y 1 A LYS 588  ? CE  ? A LYS 64  CE  
19 1 Y 1 A LYS 588  ? NZ  ? A LYS 64  NZ  
20 1 Y 1 A LYS 591  ? CG  ? A LYS 67  CG  
21 1 Y 1 A LYS 591  ? CD  ? A LYS 67  CD  
22 1 Y 1 A LYS 591  ? CE  ? A LYS 67  CE  
23 1 Y 1 A LYS 591  ? NZ  ? A LYS 67  NZ  
24 1 Y 1 A ASP 592  ? CG  ? A ASP 68  CG  
25 1 Y 1 A ASP 592  ? OD1 ? A ASP 68  OD1 
26 1 Y 1 A ASP 592  ? OD2 ? A ASP 68  OD2 
27 1 Y 1 A LYS 597  ? CG  ? A LYS 73  CG  
28 1 Y 1 A LYS 597  ? CD  ? A LYS 73  CD  
29 1 Y 1 A LYS 597  ? CE  ? A LYS 73  CE  
30 1 Y 1 A LYS 597  ? NZ  ? A LYS 73  NZ  
31 1 Y 1 A ARG 636  ? CG  ? A ARG 112 CG  
32 1 Y 1 A ARG 636  ? CD  ? A ARG 112 CD  
33 1 Y 1 A ARG 636  ? NE  ? A ARG 112 NE  
34 1 Y 1 A ARG 636  ? CZ  ? A ARG 112 CZ  
35 1 Y 1 A ARG 636  ? NH1 ? A ARG 112 NH1 
36 1 Y 1 A ARG 636  ? NH2 ? A ARG 112 NH2 
37 1 Y 1 B GLU 2105 ? CG  ? B GLU 2   CG  
38 1 Y 1 B GLU 2105 ? CD  ? B GLU 2   CD  
39 1 Y 1 B GLU 2105 ? OE1 ? B GLU 2   OE1 
40 1 Y 1 B GLU 2105 ? OE2 ? B GLU 2   OE2 
41 1 Y 1 B LYS 2116 ? CG  ? B LYS 13  CG  
42 1 Y 1 B LYS 2116 ? CD  ? B LYS 13  CD  
43 1 Y 1 B LYS 2116 ? CE  ? B LYS 13  CE  
44 1 Y 1 B LYS 2116 ? NZ  ? B LYS 13  NZ  
45 1 Y 1 B LYS 2120 ? CG  ? B LYS 17  CG  
46 1 Y 1 B LYS 2120 ? CD  ? B LYS 17  CD  
47 1 Y 1 B LYS 2120 ? CE  ? B LYS 17  CE  
48 1 Y 1 B LYS 2120 ? NZ  ? B LYS 17  NZ  
# 
loop_
_software.citation_id 
_software.classification 
_software.compiler_name 
_software.compiler_version 
_software.contact_author 
_software.contact_author_email 
_software.date 
_software.description 
_software.dependencies 
_software.hardware 
_software.language 
_software.location 
_software.mods 
_software.name 
_software.os 
_software.os_version 
_software.type 
_software.version 
_software.pdbx_ordinal 
? refinement       ? ? ? ? ? ? ? ? ? ? ? PHENIX   ? ? ? '(1.10_2155: ???)' 1 
? 'data reduction' ? ? ? ? ? ? ? ? ? ? ? HKL-2000 ? ? ? .                  2 
? 'data scaling'   ? ? ? ? ? ? ? ? ? ? ? HKL-2000 ? ? ? .                  3 
? phasing          ? ? ? ? ? ? ? ? ? ? ? PHASER   ? ? ? .                  4 
# 
_cell.entry_id           5GNV 
_cell.length_a           62.445 
_cell.length_b           156.861 
_cell.length_c           59.513 
_cell.angle_alpha        90.00 
_cell.angle_beta         90.00 
_cell.angle_gamma        90.00 
_cell.Z_PDB              8 
_cell.pdbx_unique_axis   ? 
# 
_symmetry.entry_id                         5GNV 
_symmetry.space_group_name_H-M             'C 2 2 21' 
_symmetry.pdbx_full_space_group_name_H-M   ? 
_symmetry.cell_setting                     ? 
_symmetry.Int_Tables_number                20 
# 
_exptl.absorpt_coefficient_mu     ? 
_exptl.absorpt_correction_T_max   ? 
_exptl.absorpt_correction_T_min   ? 
_exptl.absorpt_correction_type    ? 
_exptl.absorpt_process_details    ? 
_exptl.entry_id                   5GNV 
_exptl.crystals_number            1 
_exptl.details                    ? 
_exptl.method                     'X-RAY DIFFRACTION' 
_exptl.method_details             ? 
# 
_exptl_crystal.colour                      ? 
_exptl_crystal.density_diffrn              ? 
_exptl_crystal.density_Matthews            2.98 
_exptl_crystal.density_method              ? 
_exptl_crystal.density_percent_sol         58.66 
_exptl_crystal.description                 ? 
_exptl_crystal.F_000                       ? 
_exptl_crystal.id                          1 
_exptl_crystal.preparation                 ? 
_exptl_crystal.size_max                    ? 
_exptl_crystal.size_mid                    ? 
_exptl_crystal.size_min                    ? 
_exptl_crystal.size_rad                    ? 
_exptl_crystal.colour_lustre               ? 
_exptl_crystal.colour_modifier             ? 
_exptl_crystal.colour_primary              ? 
_exptl_crystal.density_meas                ? 
_exptl_crystal.density_meas_esd            ? 
_exptl_crystal.density_meas_gt             ? 
_exptl_crystal.density_meas_lt             ? 
_exptl_crystal.density_meas_temp           ? 
_exptl_crystal.density_meas_temp_esd       ? 
_exptl_crystal.density_meas_temp_gt        ? 
_exptl_crystal.density_meas_temp_lt        ? 
_exptl_crystal.pdbx_crystal_image_url      ? 
_exptl_crystal.pdbx_crystal_image_format   ? 
_exptl_crystal.pdbx_mosaicity              ? 
_exptl_crystal.pdbx_mosaicity_esd          ? 
# 
_exptl_crystal_grow.apparatus       ? 
_exptl_crystal_grow.atmosphere      ? 
_exptl_crystal_grow.crystal_id      1 
_exptl_crystal_grow.details         ? 
_exptl_crystal_grow.method          EVAPORATION 
_exptl_crystal_grow.method_ref      ? 
_exptl_crystal_grow.pH              6.5 
_exptl_crystal_grow.pressure        ? 
_exptl_crystal_grow.pressure_esd    ? 
_exptl_crystal_grow.seeding         ? 
_exptl_crystal_grow.seeding_ref     ? 
_exptl_crystal_grow.temp            289 
_exptl_crystal_grow.temp_details    ? 
_exptl_crystal_grow.temp_esd        ? 
_exptl_crystal_grow.time            ? 
_exptl_crystal_grow.pdbx_details    '0.2M lithium sulfate, 0.1M Bis-Tris pH 6.5 and 25%(w/v) polyethylene glycol 3350' 
_exptl_crystal_grow.pdbx_pH_range   ? 
# 
_diffrn.ambient_environment    ? 
_diffrn.ambient_temp           100 
_diffrn.ambient_temp_details   ? 
_diffrn.ambient_temp_esd       ? 
_diffrn.crystal_id             1 
_diffrn.crystal_support        ? 
_diffrn.crystal_treatment      ? 
_diffrn.details                ? 
_diffrn.id                     1 
_diffrn.ambient_pressure       ? 
_diffrn.ambient_pressure_esd   ? 
_diffrn.ambient_pressure_gt    ? 
_diffrn.ambient_pressure_lt    ? 
_diffrn.ambient_temp_gt        ? 
_diffrn.ambient_temp_lt        ? 
# 
_diffrn_detector.details                      ? 
_diffrn_detector.detector                     CCD 
_diffrn_detector.diffrn_id                    1 
_diffrn_detector.type                         'ADSC QUANTUM 315' 
_diffrn_detector.area_resol_mean              ? 
_diffrn_detector.dtime                        ? 
_diffrn_detector.pdbx_frames_total            ? 
_diffrn_detector.pdbx_collection_time_total   ? 
_diffrn_detector.pdbx_collection_date         2012-06-15 
# 
_diffrn_radiation.collimation                      ? 
_diffrn_radiation.diffrn_id                        1 
_diffrn_radiation.filter_edge                      ? 
_diffrn_radiation.inhomogeneity                    ? 
_diffrn_radiation.monochromator                    ? 
_diffrn_radiation.polarisn_norm                    ? 
_diffrn_radiation.polarisn_ratio                   ? 
_diffrn_radiation.probe                            ? 
_diffrn_radiation.type                             ? 
_diffrn_radiation.xray_symbol                      ? 
_diffrn_radiation.wavelength_id                    1 
_diffrn_radiation.pdbx_monochromatic_or_laue_m_l   M 
_diffrn_radiation.pdbx_wavelength_list             ? 
_diffrn_radiation.pdbx_wavelength                  ? 
_diffrn_radiation.pdbx_diffrn_protocol             'SINGLE WAVELENGTH' 
_diffrn_radiation.pdbx_analyzer                    ? 
_diffrn_radiation.pdbx_scattering_type             x-ray 
# 
_diffrn_radiation_wavelength.id           1 
_diffrn_radiation_wavelength.wavelength   0.97928 
_diffrn_radiation_wavelength.wt           1.0 
# 
_diffrn_source.current                     ? 
_diffrn_source.details                     ? 
_diffrn_source.diffrn_id                   1 
_diffrn_source.power                       ? 
_diffrn_source.size                        ? 
_diffrn_source.source                      SYNCHROTRON 
_diffrn_source.target                      ? 
_diffrn_source.type                        'SSRF BEAMLINE BL17U' 
_diffrn_source.voltage                     ? 
_diffrn_source.take-off_angle              ? 
_diffrn_source.pdbx_wavelength_list        0.97928 
_diffrn_source.pdbx_wavelength             ? 
_diffrn_source.pdbx_synchrotron_beamline   BL17U 
_diffrn_source.pdbx_synchrotron_site       SSRF 
# 
_reflns.B_iso_Wilson_estimate            ? 
_reflns.entry_id                         5GNV 
_reflns.data_reduction_details           ? 
_reflns.data_reduction_method            ? 
_reflns.d_resolution_high                2.00 
_reflns.d_resolution_low                 50.00 
_reflns.details                          ? 
_reflns.limit_h_max                      ? 
_reflns.limit_h_min                      ? 
_reflns.limit_k_max                      ? 
_reflns.limit_k_min                      ? 
_reflns.limit_l_max                      ? 
_reflns.limit_l_min                      ? 
_reflns.number_all                       ? 
_reflns.number_obs                       9354 
_reflns.observed_criterion               ? 
_reflns.observed_criterion_F_max         ? 
_reflns.observed_criterion_F_min         ? 
_reflns.observed_criterion_I_max         ? 
_reflns.observed_criterion_I_min         ? 
_reflns.observed_criterion_sigma_F       ? 
_reflns.observed_criterion_sigma_I       ? 
_reflns.percent_possible_obs             99.8 
_reflns.R_free_details                   ? 
_reflns.Rmerge_F_all                     ? 
_reflns.Rmerge_F_obs                     ? 
_reflns.Friedel_coverage                 ? 
_reflns.number_gt                        ? 
_reflns.threshold_expression             ? 
_reflns.pdbx_redundancy                  6.2 
_reflns.pdbx_Rmerge_I_obs                ? 
_reflns.pdbx_Rmerge_I_all                ? 
_reflns.pdbx_Rsym_value                  ? 
_reflns.pdbx_netI_over_av_sigmaI         ? 
_reflns.pdbx_netI_over_sigmaI            31.8 
_reflns.pdbx_res_netI_over_av_sigmaI_2   ? 
_reflns.pdbx_res_netI_over_sigmaI_2      ? 
_reflns.pdbx_chi_squared                 ? 
_reflns.pdbx_scaling_rejects             ? 
_reflns.pdbx_d_res_high_opt              ? 
_reflns.pdbx_d_res_low_opt               ? 
_reflns.pdbx_d_res_opt_method            ? 
_reflns.phase_calculation_details        ? 
_reflns.pdbx_Rrim_I_all                  ? 
_reflns.pdbx_Rpim_I_all                  ? 
_reflns.pdbx_d_opt                       ? 
_reflns.pdbx_number_measured_all         ? 
_reflns.pdbx_diffrn_id                   1 
_reflns.pdbx_ordinal                     1 
_reflns.pdbx_CC_half                     ? 
_reflns.pdbx_R_split                     ? 
# 
_reflns_shell.d_res_high                  . 
_reflns_shell.d_res_low                   ? 
_reflns_shell.meanI_over_sigI_all         ? 
_reflns_shell.meanI_over_sigI_obs         ? 
_reflns_shell.number_measured_all         ? 
_reflns_shell.number_measured_obs         ? 
_reflns_shell.number_possible             ? 
_reflns_shell.number_unique_all           ? 
_reflns_shell.number_unique_obs           ? 
_reflns_shell.percent_possible_all        ? 
_reflns_shell.percent_possible_obs        ? 
_reflns_shell.Rmerge_F_all                ? 
_reflns_shell.Rmerge_F_obs                ? 
_reflns_shell.Rmerge_I_all                ? 
_reflns_shell.Rmerge_I_obs                ? 
_reflns_shell.meanI_over_sigI_gt          ? 
_reflns_shell.meanI_over_uI_all           ? 
_reflns_shell.meanI_over_uI_gt            ? 
_reflns_shell.number_measured_gt          ? 
_reflns_shell.number_unique_gt            ? 
_reflns_shell.percent_possible_gt         ? 
_reflns_shell.Rmerge_F_gt                 ? 
_reflns_shell.Rmerge_I_gt                 ? 
_reflns_shell.pdbx_redundancy             ? 
_reflns_shell.pdbx_Rsym_value             ? 
_reflns_shell.pdbx_chi_squared            ? 
_reflns_shell.pdbx_netI_over_sigmaI_all   ? 
_reflns_shell.pdbx_netI_over_sigmaI_obs   ? 
_reflns_shell.pdbx_Rrim_I_all             ? 
_reflns_shell.pdbx_Rpim_I_all             ? 
_reflns_shell.pdbx_rejects                ? 
_reflns_shell.pdbx_ordinal                1 
_reflns_shell.pdbx_diffrn_id              1 
_reflns_shell.pdbx_CC_half                ? 
_reflns_shell.pdbx_R_split                ? 
# 
_refine.pdbx_refine_id                           'X-RAY DIFFRACTION' 
_refine.entry_id                                 5GNV 
_refine.pdbx_diffrn_id                           1 
_refine.pdbx_TLS_residual_ADP_flag               ? 
_refine.ls_number_reflns_obs                     9335 
_refine.ls_number_reflns_all                     ? 
_refine.pdbx_ls_sigma_I                          ? 
_refine.pdbx_ls_sigma_F                          1.35 
_refine.pdbx_data_cutoff_high_absF               ? 
_refine.pdbx_data_cutoff_low_absF                ? 
_refine.pdbx_data_cutoff_high_rms_absF           ? 
_refine.ls_d_res_low                             40.089 
_refine.ls_d_res_high                            2.596 
_refine.ls_percent_reflns_obs                    99.48 
_refine.ls_R_factor_obs                          0.2171 
_refine.ls_R_factor_all                          ? 
_refine.ls_R_factor_R_work                       0.2152 
_refine.ls_R_factor_R_free                       0.2571 
_refine.ls_R_factor_R_free_error                 ? 
_refine.ls_R_factor_R_free_error_details         ? 
_refine.ls_percent_reflns_R_free                 4.75 
_refine.ls_number_reflns_R_free                  443 
_refine.ls_number_parameters                     ? 
_refine.ls_number_restraints                     ? 
_refine.occupancy_min                            ? 
_refine.occupancy_max                            ? 
_refine.correlation_coeff_Fo_to_Fc               ? 
_refine.correlation_coeff_Fo_to_Fc_free          ? 
_refine.B_iso_mean                               ? 
_refine.aniso_B[1][1]                            ? 
_refine.aniso_B[2][2]                            ? 
_refine.aniso_B[3][3]                            ? 
_refine.aniso_B[1][2]                            ? 
_refine.aniso_B[1][3]                            ? 
_refine.aniso_B[2][3]                            ? 
_refine.solvent_model_details                    'FLAT BULK SOLVENT MODEL' 
_refine.solvent_model_param_ksol                 ? 
_refine.solvent_model_param_bsol                 ? 
_refine.pdbx_solvent_vdw_probe_radii             1.20 
_refine.pdbx_solvent_ion_probe_radii             ? 
_refine.pdbx_solvent_shrinkage_radii             0.90 
_refine.pdbx_ls_cross_valid_method               'FREE R-VALUE' 
_refine.details                                  ? 
_refine.pdbx_starting_model                      ? 
_refine.pdbx_method_to_determine_struct          'MOLECULAR REPLACEMENT' 
_refine.pdbx_isotropic_thermal_model             ? 
_refine.pdbx_stereochemistry_target_values       ML 
_refine.pdbx_stereochem_target_val_spec_case     ? 
_refine.pdbx_R_Free_selection_details            ? 
_refine.pdbx_overall_ESU_R                       ? 
_refine.pdbx_overall_ESU_R_Free                  ? 
_refine.overall_SU_ML                            0.33 
_refine.pdbx_overall_phase_error                 28.49 
_refine.overall_SU_B                             ? 
_refine.overall_SU_R_Cruickshank_DPI             ? 
_refine.pdbx_overall_SU_R_free_Cruickshank_DPI   ? 
_refine.pdbx_overall_SU_R_Blow_DPI               ? 
_refine.pdbx_overall_SU_R_free_Blow_DPI          ? 
# 
_refine_hist.pdbx_refine_id                   'X-RAY DIFFRACTION' 
_refine_hist.cycle_id                         LAST 
_refine_hist.pdbx_number_atoms_protein        1566 
_refine_hist.pdbx_number_atoms_nucleic_acid   0 
_refine_hist.pdbx_number_atoms_ligand         10 
_refine_hist.number_atoms_solvent             36 
_refine_hist.number_atoms_total               1612 
_refine_hist.d_res_high                       2.596 
_refine_hist.d_res_low                        40.089 
# 
loop_
_refine_ls_restr.type 
_refine_ls_restr.dev_ideal 
_refine_ls_restr.dev_ideal_target 
_refine_ls_restr.weight 
_refine_ls_restr.number 
_refine_ls_restr.pdbx_refine_id 
_refine_ls_restr.pdbx_restraint_function 
f_bond_d           0.011  ? ? 1605 'X-RAY DIFFRACTION' ? 
f_angle_d          1.491  ? ? 2169 'X-RAY DIFFRACTION' ? 
f_dihedral_angle_d 22.008 ? ? 594  'X-RAY DIFFRACTION' ? 
f_chiral_restr     0.102  ? ? 234  'X-RAY DIFFRACTION' ? 
f_plane_restr      0.007  ? ? 288  'X-RAY DIFFRACTION' ? 
# 
loop_
_refine_ls_shell.pdbx_refine_id 
_refine_ls_shell.pdbx_total_number_of_bins_used 
_refine_ls_shell.d_res_high 
_refine_ls_shell.d_res_low 
_refine_ls_shell.number_reflns_R_work 
_refine_ls_shell.R_factor_R_work 
_refine_ls_shell.percent_reflns_obs 
_refine_ls_shell.R_factor_R_free 
_refine_ls_shell.R_factor_R_free_error 
_refine_ls_shell.percent_reflns_R_free 
_refine_ls_shell.number_reflns_R_free 
_refine_ls_shell.number_reflns_all 
_refine_ls_shell.R_factor_all 
'X-RAY DIFFRACTION' . 2.5962 2.9717  2884 0.2744 99.00  0.3296 . . 152 . . 
'X-RAY DIFFRACTION' . 2.9717 3.7436  2935 0.2238 100.00 0.3215 . . 146 . . 
'X-RAY DIFFRACTION' . 3.7436 40.0939 3073 0.1988 100.00 0.2108 . . 145 . . 
# 
_struct.entry_id                     5GNV 
_struct.title                        'Structure of PSD-95/MAP1A complex reveals unique target recognition mode of MAGUK GK domain' 
_struct.pdbx_model_details           ? 
_struct.pdbx_formula_weight          ? 
_struct.pdbx_formula_weight_method   ? 
_struct.pdbx_model_type_details      ? 
_struct.pdbx_CASP_flag               N 
# 
_struct_keywords.entry_id        5GNV 
_struct_keywords.text            'binding-induced folding, PEPTIDE BINDING PROTEIN' 
_struct_keywords.pdbx_keywords   'PEPTIDE BINDING PROTEIN' 
# 
loop_
_struct_asym.id 
_struct_asym.pdbx_blank_PDB_chainid_flag 
_struct_asym.pdbx_modified 
_struct_asym.entity_id 
_struct_asym.details 
A N N 1 ? 
B N N 2 ? 
C N N 3 ? 
D N N 3 ? 
E N N 4 ? 
# 
loop_
_struct_ref.id 
_struct_ref.db_name 
_struct_ref.db_code 
_struct_ref.pdbx_db_accession 
_struct_ref.pdbx_db_isoform 
_struct_ref.entity_id 
_struct_ref.pdbx_seq_one_letter_code 
_struct_ref.pdbx_align_begin 
1 UNP DLG4_RAT    P31016 ? 1 
;VHYARPIIILGPTKDRANDDLLSEFPDKFGSCVPHTTRPKREYEIDGRDYHFVSSREKMEKDIQAHKFIEAGQYNSHLYG
TSVQSVREVAEQGKHCILDVSANAVRRLQAAHLHPIAIFIRPRSLENVLEINKRITEEQARKAFDRATKLEQEFTECFSA
IVEGDSFEEIYHKVKRVIEDLSG
;
531  
2 UNP MAP1A_MOUSE Q9QYR6 ? 2 AELEGGPYSPLGKDYRKAEGEREGEG 1866 
# 
loop_
_struct_ref_seq.align_id 
_struct_ref_seq.ref_id 
_struct_ref_seq.pdbx_PDB_id_code 
_struct_ref_seq.pdbx_strand_id 
_struct_ref_seq.seq_align_beg 
_struct_ref_seq.pdbx_seq_align_beg_ins_code 
_struct_ref_seq.seq_align_end 
_struct_ref_seq.pdbx_seq_align_end_ins_code 
_struct_ref_seq.pdbx_db_accession 
_struct_ref_seq.db_align_beg 
_struct_ref_seq.pdbx_db_align_beg_ins_code 
_struct_ref_seq.db_align_end 
_struct_ref_seq.pdbx_db_align_end_ins_code 
_struct_ref_seq.pdbx_auth_seq_align_beg 
_struct_ref_seq.pdbx_auth_seq_align_end 
1 1 5GNV A 7 ? 189 ? P31016 531  ? 713  ? 531  713  
2 2 5GNV B 1 ? 26  ? Q9QYR6 1866 ? 1891 ? 2104 2129 
# 
loop_
_struct_ref_seq_dif.align_id 
_struct_ref_seq_dif.pdbx_pdb_id_code 
_struct_ref_seq_dif.mon_id 
_struct_ref_seq_dif.pdbx_pdb_strand_id 
_struct_ref_seq_dif.seq_num 
_struct_ref_seq_dif.pdbx_pdb_ins_code 
_struct_ref_seq_dif.pdbx_seq_db_name 
_struct_ref_seq_dif.pdbx_seq_db_accession_code 
_struct_ref_seq_dif.db_mon_id 
_struct_ref_seq_dif.pdbx_seq_db_seq_num 
_struct_ref_seq_dif.details 
_struct_ref_seq_dif.pdbx_auth_seq_num 
_struct_ref_seq_dif.pdbx_ordinal 
1 5GNV GLY A 1 ? UNP P31016 ? ? 'expression tag' 525 1 
1 5GNV PRO A 2 ? UNP P31016 ? ? 'expression tag' 526 2 
1 5GNV GLY A 3 ? UNP P31016 ? ? 'expression tag' 527 3 
1 5GNV SER A 4 ? UNP P31016 ? ? 'expression tag' 528 4 
1 5GNV GLU A 5 ? UNP P31016 ? ? 'expression tag' 529 5 
1 5GNV PHE A 6 ? UNP P31016 ? ? 'expression tag' 530 6 
# 
_pdbx_struct_assembly.id                   1 
_pdbx_struct_assembly.details              author_and_software_defined_assembly 
_pdbx_struct_assembly.method_details       PISA 
_pdbx_struct_assembly.oligomeric_details   dimeric 
_pdbx_struct_assembly.oligomeric_count     2 
# 
loop_
_pdbx_struct_assembly_prop.biol_id 
_pdbx_struct_assembly_prop.type 
_pdbx_struct_assembly_prop.value 
_pdbx_struct_assembly_prop.details 
1 'ABSA (A^2)' 1400  ? 
1 MORE         -17   ? 
1 'SSA (A^2)'  10580 ? 
# 
_pdbx_struct_assembly_gen.assembly_id       1 
_pdbx_struct_assembly_gen.oper_expression   1 
_pdbx_struct_assembly_gen.asym_id_list      A,B,C,D,E 
# 
_pdbx_struct_oper_list.id                   1 
_pdbx_struct_oper_list.type                 'identity operation' 
_pdbx_struct_oper_list.name                 1_555 
_pdbx_struct_oper_list.symmetry_operation   x,y,z 
_pdbx_struct_oper_list.matrix[1][1]         1.0000000000 
_pdbx_struct_oper_list.matrix[1][2]         0.0000000000 
_pdbx_struct_oper_list.matrix[1][3]         0.0000000000 
_pdbx_struct_oper_list.vector[1]            0.0000000000 
_pdbx_struct_oper_list.matrix[2][1]         0.0000000000 
_pdbx_struct_oper_list.matrix[2][2]         1.0000000000 
_pdbx_struct_oper_list.matrix[2][3]         0.0000000000 
_pdbx_struct_oper_list.vector[2]            0.0000000000 
_pdbx_struct_oper_list.matrix[3][1]         0.0000000000 
_pdbx_struct_oper_list.matrix[3][2]         0.0000000000 
_pdbx_struct_oper_list.matrix[3][3]         1.0000000000 
_pdbx_struct_oper_list.vector[3]            0.0000000000 
# 
loop_
_struct_conf.conf_type_id 
_struct_conf.id 
_struct_conf.pdbx_PDB_helix_id 
_struct_conf.beg_label_comp_id 
_struct_conf.beg_label_asym_id 
_struct_conf.beg_label_seq_id 
_struct_conf.pdbx_beg_PDB_ins_code 
_struct_conf.end_label_comp_id 
_struct_conf.end_label_asym_id 
_struct_conf.end_label_seq_id 
_struct_conf.pdbx_end_PDB_ins_code 
_struct_conf.beg_auth_comp_id 
_struct_conf.beg_auth_asym_id 
_struct_conf.beg_auth_seq_id 
_struct_conf.end_auth_comp_id 
_struct_conf.end_auth_asym_id 
_struct_conf.end_auth_seq_id 
_struct_conf.pdbx_PDB_helix_class 
_struct_conf.details 
_struct_conf.pdbx_PDB_helix_length 
HELX_P HELX_P1 AA1 THR A 19  ? PHE A 31  ? THR A 543  PHE A 555  1 ? 13 
HELX_P HELX_P2 AA2 SER A 61  ? ALA A 71  ? SER A 585  ALA A 595  1 ? 11 
HELX_P HELX_P3 AA3 VAL A 89  ? GLN A 98  ? VAL A 613  GLN A 622  1 ? 10 
HELX_P HELX_P4 AA4 ALA A 108 ? ALA A 116 ? ALA A 632  ALA A 640  1 ? 9  
HELX_P HELX_P5 AA5 SER A 130 ? ASN A 138 ? SER A 654  ASN A 662  1 ? 9  
HELX_P HELX_P6 AA6 THR A 142 ? THR A 161 ? THR A 666  THR A 685  1 ? 20 
HELX_P HELX_P7 AA7 GLU A 162 ? PHE A 164 ? GLU A 686  PHE A 688  5 ? 3  
HELX_P HELX_P8 AA8 SER A 172 ? GLY A 189 ? SER A 696  GLY A 713  1 ? 18 
HELX_P HELX_P9 AA9 LEU B 11  ? GLY B 20  ? LEU B 2114 GLY B 2123 5 ? 10 
# 
_struct_conf_type.id          HELX_P 
_struct_conf_type.criteria    ? 
_struct_conf_type.reference   ? 
# 
loop_
_struct_sheet.id 
_struct_sheet.type 
_struct_sheet.number_strands 
_struct_sheet.details 
AA1 ? 5 ? 
AA2 ? 4 ? 
# 
loop_
_struct_sheet_order.sheet_id 
_struct_sheet_order.range_id_1 
_struct_sheet_order.range_id_2 
_struct_sheet_order.offset 
_struct_sheet_order.sense 
AA1 1 2 ? parallel      
AA1 2 3 ? parallel      
AA1 3 4 ? parallel      
AA1 4 5 ? parallel      
AA2 1 2 ? parallel      
AA2 2 3 ? anti-parallel 
AA2 3 4 ? anti-parallel 
# 
loop_
_struct_sheet_range.sheet_id 
_struct_sheet_range.id 
_struct_sheet_range.beg_label_comp_id 
_struct_sheet_range.beg_label_asym_id 
_struct_sheet_range.beg_label_seq_id 
_struct_sheet_range.pdbx_beg_PDB_ins_code 
_struct_sheet_range.end_label_comp_id 
_struct_sheet_range.end_label_asym_id 
_struct_sheet_range.end_label_seq_id 
_struct_sheet_range.pdbx_end_PDB_ins_code 
_struct_sheet_range.beg_auth_comp_id 
_struct_sheet_range.beg_auth_asym_id 
_struct_sheet_range.beg_auth_seq_id 
_struct_sheet_range.end_auth_comp_id 
_struct_sheet_range.end_auth_asym_id 
_struct_sheet_range.end_auth_seq_id 
AA1 1 PHE A 35  ? GLY A 36  ? PHE A 559 GLY A 560 
AA1 2 HIS A 101 ? LEU A 104 ? HIS A 625 LEU A 628 
AA1 3 ILE A 13  ? LEU A 16  ? ILE A 537 LEU A 540 
AA1 4 ILE A 122 ? ILE A 126 ? ILE A 646 ILE A 650 
AA1 5 ALA A 166 ? VAL A 168 ? ALA A 690 VAL A 692 
AA2 1 HIS A 57  ? PHE A 58  ? HIS A 581 PHE A 582 
AA2 2 HIS A 41  ? THR A 42  ? HIS A 565 THR A 566 
AA2 3 HIS A 83  ? SER A 88  ? HIS A 607 SER A 612 
AA2 4 PHE A 74  ? TYR A 80  ? PHE A 598 TYR A 604 
# 
loop_
_pdbx_struct_sheet_hbond.sheet_id 
_pdbx_struct_sheet_hbond.range_id_1 
_pdbx_struct_sheet_hbond.range_id_2 
_pdbx_struct_sheet_hbond.range_1_label_atom_id 
_pdbx_struct_sheet_hbond.range_1_label_comp_id 
_pdbx_struct_sheet_hbond.range_1_label_asym_id 
_pdbx_struct_sheet_hbond.range_1_label_seq_id 
_pdbx_struct_sheet_hbond.range_1_PDB_ins_code 
_pdbx_struct_sheet_hbond.range_1_auth_atom_id 
_pdbx_struct_sheet_hbond.range_1_auth_comp_id 
_pdbx_struct_sheet_hbond.range_1_auth_asym_id 
_pdbx_struct_sheet_hbond.range_1_auth_seq_id 
_pdbx_struct_sheet_hbond.range_2_label_atom_id 
_pdbx_struct_sheet_hbond.range_2_label_comp_id 
_pdbx_struct_sheet_hbond.range_2_label_asym_id 
_pdbx_struct_sheet_hbond.range_2_label_seq_id 
_pdbx_struct_sheet_hbond.range_2_PDB_ins_code 
_pdbx_struct_sheet_hbond.range_2_auth_atom_id 
_pdbx_struct_sheet_hbond.range_2_auth_comp_id 
_pdbx_struct_sheet_hbond.range_2_auth_asym_id 
_pdbx_struct_sheet_hbond.range_2_auth_seq_id 
AA1 1 2 N GLY A 36  ? N GLY A 560 O ILE A 103 ? O ILE A 627 
AA1 2 3 O CYS A 102 ? O CYS A 626 N ILE A 13  ? N ILE A 537 
AA1 3 4 N LEU A 16  ? N LEU A 540 O ILE A 126 ? O ILE A 650 
AA1 4 5 N PHE A 125 ? N PHE A 649 O VAL A 168 ? O VAL A 692 
AA2 1 2 O HIS A 57  ? O HIS A 581 N THR A 42  ? N THR A 566 
AA2 2 3 N HIS A 41  ? N HIS A 565 O GLY A 86  ? O GLY A 610 
AA2 3 4 O THR A 87  ? O THR A 611 N GLU A 76  ? N GLU A 600 
# 
loop_
_struct_site.id 
_struct_site.pdbx_evidence_code 
_struct_site.pdbx_auth_asym_id 
_struct_site.pdbx_auth_comp_id 
_struct_site.pdbx_auth_seq_id 
_struct_site.pdbx_auth_ins_code 
_struct_site.pdbx_num_residues 
_struct_site.details 
AC1 Software A SO4 801 ? 2 'binding site for residue SO4 A 801' 
AC2 Software A SO4 802 ? 6 'binding site for residue SO4 A 802' 
# 
loop_
_struct_site_gen.id 
_struct_site_gen.site_id 
_struct_site_gen.pdbx_num_res 
_struct_site_gen.label_comp_id 
_struct_site_gen.label_asym_id 
_struct_site_gen.label_seq_id 
_struct_site_gen.pdbx_auth_ins_code 
_struct_site_gen.auth_comp_id 
_struct_site_gen.auth_asym_id 
_struct_site_gen.auth_seq_id 
_struct_site_gen.label_atom_id 
_struct_site_gen.label_alt_id 
_struct_site_gen.symmetry 
_struct_site_gen.details 
1 AC1 2 ARG A 54  ? ARG A 578 . ? 1_555 ? 
2 AC1 2 ARG A 54  ? ARG A 578 . ? 3_554 ? 
3 AC2 6 ARG A 22  ? ARG A 546 . ? 1_555 ? 
4 AC2 6 ARG A 22  ? ARG A 546 . ? 3_554 ? 
5 AC2 6 LYS A 139 ? LYS A 663 . ? 1_555 ? 
6 AC2 6 LYS A 139 ? LYS A 663 . ? 3_554 ? 
7 AC2 6 HOH E .   ? HOH A 906 . ? 1_555 ? 
8 AC2 6 HOH E .   ? HOH A 910 . ? 1_555 ? 
# 
_pdbx_validate_symm_contact.id                1 
_pdbx_validate_symm_contact.PDB_model_num     1 
_pdbx_validate_symm_contact.auth_atom_id_1    O 
_pdbx_validate_symm_contact.auth_asym_id_1    A 
_pdbx_validate_symm_contact.auth_comp_id_1    HOH 
_pdbx_validate_symm_contact.auth_seq_id_1     915 
_pdbx_validate_symm_contact.PDB_ins_code_1    ? 
_pdbx_validate_symm_contact.label_alt_id_1    ? 
_pdbx_validate_symm_contact.site_symmetry_1   1_555 
_pdbx_validate_symm_contact.auth_atom_id_2    O 
_pdbx_validate_symm_contact.auth_asym_id_2    A 
_pdbx_validate_symm_contact.auth_comp_id_2    HOH 
_pdbx_validate_symm_contact.auth_seq_id_2     915 
_pdbx_validate_symm_contact.PDB_ins_code_2    ? 
_pdbx_validate_symm_contact.label_alt_id_2    ? 
_pdbx_validate_symm_contact.site_symmetry_2   3_554 
_pdbx_validate_symm_contact.dist              2.04 
# 
loop_
_pdbx_validate_torsion.id 
_pdbx_validate_torsion.PDB_model_num 
_pdbx_validate_torsion.auth_comp_id 
_pdbx_validate_torsion.auth_asym_id 
_pdbx_validate_torsion.auth_seq_id 
_pdbx_validate_torsion.PDB_ins_code 
_pdbx_validate_torsion.label_alt_id 
_pdbx_validate_torsion.phi 
_pdbx_validate_torsion.psi 
1 1 GLU A 572 ? ? -48.90  -73.38 
2 1 ARG A 578 ? ? -121.42 -69.84 
3 1 HIS A 644 ? ? 43.75   70.02  
# 
_pdbx_struct_special_symmetry.id              1 
_pdbx_struct_special_symmetry.PDB_model_num   1 
_pdbx_struct_special_symmetry.auth_asym_id    A 
_pdbx_struct_special_symmetry.auth_comp_id    SO4 
_pdbx_struct_special_symmetry.auth_seq_id     801 
_pdbx_struct_special_symmetry.PDB_ins_code    ? 
_pdbx_struct_special_symmetry.label_asym_id   C 
_pdbx_struct_special_symmetry.label_comp_id   SO4 
_pdbx_struct_special_symmetry.label_seq_id    . 
# 
loop_
_pdbx_unobs_or_zero_occ_residues.id 
_pdbx_unobs_or_zero_occ_residues.PDB_model_num 
_pdbx_unobs_or_zero_occ_residues.polymer_flag 
_pdbx_unobs_or_zero_occ_residues.occupancy_flag 
_pdbx_unobs_or_zero_occ_residues.auth_asym_id 
_pdbx_unobs_or_zero_occ_residues.auth_comp_id 
_pdbx_unobs_or_zero_occ_residues.auth_seq_id 
_pdbx_unobs_or_zero_occ_residues.PDB_ins_code 
_pdbx_unobs_or_zero_occ_residues.label_asym_id 
_pdbx_unobs_or_zero_occ_residues.label_comp_id 
_pdbx_unobs_or_zero_occ_residues.label_seq_id 
1  1 Y 1 A GLY 525  ? A GLY 1  
2  1 Y 1 A PRO 526  ? A PRO 2  
3  1 Y 1 A GLY 527  ? A GLY 3  
4  1 Y 1 A SER 528  ? A SER 4  
5  1 Y 1 A GLU 529  ? A GLU 5  
6  1 Y 1 A PHE 530  ? A PHE 6  
7  1 Y 1 A VAL 531  ? A VAL 7  
8  1 Y 1 A HIS 532  ? A HIS 8  
9  1 Y 1 B ALA 2104 ? B ALA 1  
10 1 Y 1 B GLU 2124 ? B GLU 21 
11 1 Y 1 B ARG 2125 ? B ARG 22 
12 1 Y 1 B GLU 2126 ? B GLU 23 
13 1 Y 1 B GLY 2127 ? B GLY 24 
14 1 Y 1 B GLU 2128 ? B GLU 25 
15 1 Y 1 B GLY 2129 ? B GLY 26 
# 
loop_
_chem_comp_atom.comp_id 
_chem_comp_atom.atom_id 
_chem_comp_atom.type_symbol 
_chem_comp_atom.pdbx_aromatic_flag 
_chem_comp_atom.pdbx_stereo_config 
_chem_comp_atom.pdbx_ordinal 
ALA N    N N N 1   
ALA CA   C N S 2   
ALA C    C N N 3   
ALA O    O N N 4   
ALA CB   C N N 5   
ALA OXT  O N N 6   
ALA H    H N N 7   
ALA H2   H N N 8   
ALA HA   H N N 9   
ALA HB1  H N N 10  
ALA HB2  H N N 11  
ALA HB3  H N N 12  
ALA HXT  H N N 13  
ARG N    N N N 14  
ARG CA   C N S 15  
ARG C    C N N 16  
ARG O    O N N 17  
ARG CB   C N N 18  
ARG CG   C N N 19  
ARG CD   C N N 20  
ARG NE   N N N 21  
ARG CZ   C N N 22  
ARG NH1  N N N 23  
ARG NH2  N N N 24  
ARG OXT  O N N 25  
ARG H    H N N 26  
ARG H2   H N N 27  
ARG HA   H N N 28  
ARG HB2  H N N 29  
ARG HB3  H N N 30  
ARG HG2  H N N 31  
ARG HG3  H N N 32  
ARG HD2  H N N 33  
ARG HD3  H N N 34  
ARG HE   H N N 35  
ARG HH11 H N N 36  
ARG HH12 H N N 37  
ARG HH21 H N N 38  
ARG HH22 H N N 39  
ARG HXT  H N N 40  
ASN N    N N N 41  
ASN CA   C N S 42  
ASN C    C N N 43  
ASN O    O N N 44  
ASN CB   C N N 45  
ASN CG   C N N 46  
ASN OD1  O N N 47  
ASN ND2  N N N 48  
ASN OXT  O N N 49  
ASN H    H N N 50  
ASN H2   H N N 51  
ASN HA   H N N 52  
ASN HB2  H N N 53  
ASN HB3  H N N 54  
ASN HD21 H N N 55  
ASN HD22 H N N 56  
ASN HXT  H N N 57  
ASP N    N N N 58  
ASP CA   C N S 59  
ASP C    C N N 60  
ASP O    O N N 61  
ASP CB   C N N 62  
ASP CG   C N N 63  
ASP OD1  O N N 64  
ASP OD2  O N N 65  
ASP OXT  O N N 66  
ASP H    H N N 67  
ASP H2   H N N 68  
ASP HA   H N N 69  
ASP HB2  H N N 70  
ASP HB3  H N N 71  
ASP HD2  H N N 72  
ASP HXT  H N N 73  
CYS N    N N N 74  
CYS CA   C N R 75  
CYS C    C N N 76  
CYS O    O N N 77  
CYS CB   C N N 78  
CYS SG   S N N 79  
CYS OXT  O N N 80  
CYS H    H N N 81  
CYS H2   H N N 82  
CYS HA   H N N 83  
CYS HB2  H N N 84  
CYS HB3  H N N 85  
CYS HG   H N N 86  
CYS HXT  H N N 87  
GLN N    N N N 88  
GLN CA   C N S 89  
GLN C    C N N 90  
GLN O    O N N 91  
GLN CB   C N N 92  
GLN CG   C N N 93  
GLN CD   C N N 94  
GLN OE1  O N N 95  
GLN NE2  N N N 96  
GLN OXT  O N N 97  
GLN H    H N N 98  
GLN H2   H N N 99  
GLN HA   H N N 100 
GLN HB2  H N N 101 
GLN HB3  H N N 102 
GLN HG2  H N N 103 
GLN HG3  H N N 104 
GLN HE21 H N N 105 
GLN HE22 H N N 106 
GLN HXT  H N N 107 
GLU N    N N N 108 
GLU CA   C N S 109 
GLU C    C N N 110 
GLU O    O N N 111 
GLU CB   C N N 112 
GLU CG   C N N 113 
GLU CD   C N N 114 
GLU OE1  O N N 115 
GLU OE2  O N N 116 
GLU OXT  O N N 117 
GLU H    H N N 118 
GLU H2   H N N 119 
GLU HA   H N N 120 
GLU HB2  H N N 121 
GLU HB3  H N N 122 
GLU HG2  H N N 123 
GLU HG3  H N N 124 
GLU HE2  H N N 125 
GLU HXT  H N N 126 
GLY N    N N N 127 
GLY CA   C N N 128 
GLY C    C N N 129 
GLY O    O N N 130 
GLY OXT  O N N 131 
GLY H    H N N 132 
GLY H2   H N N 133 
GLY HA2  H N N 134 
GLY HA3  H N N 135 
GLY HXT  H N N 136 
HIS N    N N N 137 
HIS CA   C N S 138 
HIS C    C N N 139 
HIS O    O N N 140 
HIS CB   C N N 141 
HIS CG   C Y N 142 
HIS ND1  N Y N 143 
HIS CD2  C Y N 144 
HIS CE1  C Y N 145 
HIS NE2  N Y N 146 
HIS OXT  O N N 147 
HIS H    H N N 148 
HIS H2   H N N 149 
HIS HA   H N N 150 
HIS HB2  H N N 151 
HIS HB3  H N N 152 
HIS HD1  H N N 153 
HIS HD2  H N N 154 
HIS HE1  H N N 155 
HIS HE2  H N N 156 
HIS HXT  H N N 157 
HOH O    O N N 158 
HOH H1   H N N 159 
HOH H2   H N N 160 
ILE N    N N N 161 
ILE CA   C N S 162 
ILE C    C N N 163 
ILE O    O N N 164 
ILE CB   C N S 165 
ILE CG1  C N N 166 
ILE CG2  C N N 167 
ILE CD1  C N N 168 
ILE OXT  O N N 169 
ILE H    H N N 170 
ILE H2   H N N 171 
ILE HA   H N N 172 
ILE HB   H N N 173 
ILE HG12 H N N 174 
ILE HG13 H N N 175 
ILE HG21 H N N 176 
ILE HG22 H N N 177 
ILE HG23 H N N 178 
ILE HD11 H N N 179 
ILE HD12 H N N 180 
ILE HD13 H N N 181 
ILE HXT  H N N 182 
LEU N    N N N 183 
LEU CA   C N S 184 
LEU C    C N N 185 
LEU O    O N N 186 
LEU CB   C N N 187 
LEU CG   C N N 188 
LEU CD1  C N N 189 
LEU CD2  C N N 190 
LEU OXT  O N N 191 
LEU H    H N N 192 
LEU H2   H N N 193 
LEU HA   H N N 194 
LEU HB2  H N N 195 
LEU HB3  H N N 196 
LEU HG   H N N 197 
LEU HD11 H N N 198 
LEU HD12 H N N 199 
LEU HD13 H N N 200 
LEU HD21 H N N 201 
LEU HD22 H N N 202 
LEU HD23 H N N 203 
LEU HXT  H N N 204 
LYS N    N N N 205 
LYS CA   C N S 206 
LYS C    C N N 207 
LYS O    O N N 208 
LYS CB   C N N 209 
LYS CG   C N N 210 
LYS CD   C N N 211 
LYS CE   C N N 212 
LYS NZ   N N N 213 
LYS OXT  O N N 214 
LYS H    H N N 215 
LYS H2   H N N 216 
LYS HA   H N N 217 
LYS HB2  H N N 218 
LYS HB3  H N N 219 
LYS HG2  H N N 220 
LYS HG3  H N N 221 
LYS HD2  H N N 222 
LYS HD3  H N N 223 
LYS HE2  H N N 224 
LYS HE3  H N N 225 
LYS HZ1  H N N 226 
LYS HZ2  H N N 227 
LYS HZ3  H N N 228 
LYS HXT  H N N 229 
MET N    N N N 230 
MET CA   C N S 231 
MET C    C N N 232 
MET O    O N N 233 
MET CB   C N N 234 
MET CG   C N N 235 
MET SD   S N N 236 
MET CE   C N N 237 
MET OXT  O N N 238 
MET H    H N N 239 
MET H2   H N N 240 
MET HA   H N N 241 
MET HB2  H N N 242 
MET HB3  H N N 243 
MET HG2  H N N 244 
MET HG3  H N N 245 
MET HE1  H N N 246 
MET HE2  H N N 247 
MET HE3  H N N 248 
MET HXT  H N N 249 
PHE N    N N N 250 
PHE CA   C N S 251 
PHE C    C N N 252 
PHE O    O N N 253 
PHE CB   C N N 254 
PHE CG   C Y N 255 
PHE CD1  C Y N 256 
PHE CD2  C Y N 257 
PHE CE1  C Y N 258 
PHE CE2  C Y N 259 
PHE CZ   C Y N 260 
PHE OXT  O N N 261 
PHE H    H N N 262 
PHE H2   H N N 263 
PHE HA   H N N 264 
PHE HB2  H N N 265 
PHE HB3  H N N 266 
PHE HD1  H N N 267 
PHE HD2  H N N 268 
PHE HE1  H N N 269 
PHE HE2  H N N 270 
PHE HZ   H N N 271 
PHE HXT  H N N 272 
PRO N    N N N 273 
PRO CA   C N S 274 
PRO C    C N N 275 
PRO O    O N N 276 
PRO CB   C N N 277 
PRO CG   C N N 278 
PRO CD   C N N 279 
PRO OXT  O N N 280 
PRO H    H N N 281 
PRO HA   H N N 282 
PRO HB2  H N N 283 
PRO HB3  H N N 284 
PRO HG2  H N N 285 
PRO HG3  H N N 286 
PRO HD2  H N N 287 
PRO HD3  H N N 288 
PRO HXT  H N N 289 
SER N    N N N 290 
SER CA   C N S 291 
SER C    C N N 292 
SER O    O N N 293 
SER CB   C N N 294 
SER OG   O N N 295 
SER OXT  O N N 296 
SER H    H N N 297 
SER H2   H N N 298 
SER HA   H N N 299 
SER HB2  H N N 300 
SER HB3  H N N 301 
SER HG   H N N 302 
SER HXT  H N N 303 
SO4 S    S N N 304 
SO4 O1   O N N 305 
SO4 O2   O N N 306 
SO4 O3   O N N 307 
SO4 O4   O N N 308 
THR N    N N N 309 
THR CA   C N S 310 
THR C    C N N 311 
THR O    O N N 312 
THR CB   C N R 313 
THR OG1  O N N 314 
THR CG2  C N N 315 
THR OXT  O N N 316 
THR H    H N N 317 
THR H2   H N N 318 
THR HA   H N N 319 
THR HB   H N N 320 
THR HG1  H N N 321 
THR HG21 H N N 322 
THR HG22 H N N 323 
THR HG23 H N N 324 
THR HXT  H N N 325 
TYR N    N N N 326 
TYR CA   C N S 327 
TYR C    C N N 328 
TYR O    O N N 329 
TYR CB   C N N 330 
TYR CG   C Y N 331 
TYR CD1  C Y N 332 
TYR CD2  C Y N 333 
TYR CE1  C Y N 334 
TYR CE2  C Y N 335 
TYR CZ   C Y N 336 
TYR OH   O N N 337 
TYR OXT  O N N 338 
TYR H    H N N 339 
TYR H2   H N N 340 
TYR HA   H N N 341 
TYR HB2  H N N 342 
TYR HB3  H N N 343 
TYR HD1  H N N 344 
TYR HD2  H N N 345 
TYR HE1  H N N 346 
TYR HE2  H N N 347 
TYR HH   H N N 348 
TYR HXT  H N N 349 
VAL N    N N N 350 
VAL CA   C N S 351 
VAL C    C N N 352 
VAL O    O N N 353 
VAL CB   C N N 354 
VAL CG1  C N N 355 
VAL CG2  C N N 356 
VAL OXT  O N N 357 
VAL H    H N N 358 
VAL H2   H N N 359 
VAL HA   H N N 360 
VAL HB   H N N 361 
VAL HG11 H N N 362 
VAL HG12 H N N 363 
VAL HG13 H N N 364 
VAL HG21 H N N 365 
VAL HG22 H N N 366 
VAL HG23 H N N 367 
VAL HXT  H N N 368 
# 
loop_
_chem_comp_bond.comp_id 
_chem_comp_bond.atom_id_1 
_chem_comp_bond.atom_id_2 
_chem_comp_bond.value_order 
_chem_comp_bond.pdbx_aromatic_flag 
_chem_comp_bond.pdbx_stereo_config 
_chem_comp_bond.pdbx_ordinal 
ALA N   CA   sing N N 1   
ALA N   H    sing N N 2   
ALA N   H2   sing N N 3   
ALA CA  C    sing N N 4   
ALA CA  CB   sing N N 5   
ALA CA  HA   sing N N 6   
ALA C   O    doub N N 7   
ALA C   OXT  sing N N 8   
ALA CB  HB1  sing N N 9   
ALA CB  HB2  sing N N 10  
ALA CB  HB3  sing N N 11  
ALA OXT HXT  sing N N 12  
ARG N   CA   sing N N 13  
ARG N   H    sing N N 14  
ARG N   H2   sing N N 15  
ARG CA  C    sing N N 16  
ARG CA  CB   sing N N 17  
ARG CA  HA   sing N N 18  
ARG C   O    doub N N 19  
ARG C   OXT  sing N N 20  
ARG CB  CG   sing N N 21  
ARG CB  HB2  sing N N 22  
ARG CB  HB3  sing N N 23  
ARG CG  CD   sing N N 24  
ARG CG  HG2  sing N N 25  
ARG CG  HG3  sing N N 26  
ARG CD  NE   sing N N 27  
ARG CD  HD2  sing N N 28  
ARG CD  HD3  sing N N 29  
ARG NE  CZ   sing N N 30  
ARG NE  HE   sing N N 31  
ARG CZ  NH1  sing N N 32  
ARG CZ  NH2  doub N N 33  
ARG NH1 HH11 sing N N 34  
ARG NH1 HH12 sing N N 35  
ARG NH2 HH21 sing N N 36  
ARG NH2 HH22 sing N N 37  
ARG OXT HXT  sing N N 38  
ASN N   CA   sing N N 39  
ASN N   H    sing N N 40  
ASN N   H2   sing N N 41  
ASN CA  C    sing N N 42  
ASN CA  CB   sing N N 43  
ASN CA  HA   sing N N 44  
ASN C   O    doub N N 45  
ASN C   OXT  sing N N 46  
ASN CB  CG   sing N N 47  
ASN CB  HB2  sing N N 48  
ASN CB  HB3  sing N N 49  
ASN CG  OD1  doub N N 50  
ASN CG  ND2  sing N N 51  
ASN ND2 HD21 sing N N 52  
ASN ND2 HD22 sing N N 53  
ASN OXT HXT  sing N N 54  
ASP N   CA   sing N N 55  
ASP N   H    sing N N 56  
ASP N   H2   sing N N 57  
ASP CA  C    sing N N 58  
ASP CA  CB   sing N N 59  
ASP CA  HA   sing N N 60  
ASP C   O    doub N N 61  
ASP C   OXT  sing N N 62  
ASP CB  CG   sing N N 63  
ASP CB  HB2  sing N N 64  
ASP CB  HB3  sing N N 65  
ASP CG  OD1  doub N N 66  
ASP CG  OD2  sing N N 67  
ASP OD2 HD2  sing N N 68  
ASP OXT HXT  sing N N 69  
CYS N   CA   sing N N 70  
CYS N   H    sing N N 71  
CYS N   H2   sing N N 72  
CYS CA  C    sing N N 73  
CYS CA  CB   sing N N 74  
CYS CA  HA   sing N N 75  
CYS C   O    doub N N 76  
CYS C   OXT  sing N N 77  
CYS CB  SG   sing N N 78  
CYS CB  HB2  sing N N 79  
CYS CB  HB3  sing N N 80  
CYS SG  HG   sing N N 81  
CYS OXT HXT  sing N N 82  
GLN N   CA   sing N N 83  
GLN N   H    sing N N 84  
GLN N   H2   sing N N 85  
GLN CA  C    sing N N 86  
GLN CA  CB   sing N N 87  
GLN CA  HA   sing N N 88  
GLN C   O    doub N N 89  
GLN C   OXT  sing N N 90  
GLN CB  CG   sing N N 91  
GLN CB  HB2  sing N N 92  
GLN CB  HB3  sing N N 93  
GLN CG  CD   sing N N 94  
GLN CG  HG2  sing N N 95  
GLN CG  HG3  sing N N 96  
GLN CD  OE1  doub N N 97  
GLN CD  NE2  sing N N 98  
GLN NE2 HE21 sing N N 99  
GLN NE2 HE22 sing N N 100 
GLN OXT HXT  sing N N 101 
GLU N   CA   sing N N 102 
GLU N   H    sing N N 103 
GLU N   H2   sing N N 104 
GLU CA  C    sing N N 105 
GLU CA  CB   sing N N 106 
GLU CA  HA   sing N N 107 
GLU C   O    doub N N 108 
GLU C   OXT  sing N N 109 
GLU CB  CG   sing N N 110 
GLU CB  HB2  sing N N 111 
GLU CB  HB3  sing N N 112 
GLU CG  CD   sing N N 113 
GLU CG  HG2  sing N N 114 
GLU CG  HG3  sing N N 115 
GLU CD  OE1  doub N N 116 
GLU CD  OE2  sing N N 117 
GLU OE2 HE2  sing N N 118 
GLU OXT HXT  sing N N 119 
GLY N   CA   sing N N 120 
GLY N   H    sing N N 121 
GLY N   H2   sing N N 122 
GLY CA  C    sing N N 123 
GLY CA  HA2  sing N N 124 
GLY CA  HA3  sing N N 125 
GLY C   O    doub N N 126 
GLY C   OXT  sing N N 127 
GLY OXT HXT  sing N N 128 
HIS N   CA   sing N N 129 
HIS N   H    sing N N 130 
HIS N   H2   sing N N 131 
HIS CA  C    sing N N 132 
HIS CA  CB   sing N N 133 
HIS CA  HA   sing N N 134 
HIS C   O    doub N N 135 
HIS C   OXT  sing N N 136 
HIS CB  CG   sing N N 137 
HIS CB  HB2  sing N N 138 
HIS CB  HB3  sing N N 139 
HIS CG  ND1  sing Y N 140 
HIS CG  CD2  doub Y N 141 
HIS ND1 CE1  doub Y N 142 
HIS ND1 HD1  sing N N 143 
HIS CD2 NE2  sing Y N 144 
HIS CD2 HD2  sing N N 145 
HIS CE1 NE2  sing Y N 146 
HIS CE1 HE1  sing N N 147 
HIS NE2 HE2  sing N N 148 
HIS OXT HXT  sing N N 149 
HOH O   H1   sing N N 150 
HOH O   H2   sing N N 151 
ILE N   CA   sing N N 152 
ILE N   H    sing N N 153 
ILE N   H2   sing N N 154 
ILE CA  C    sing N N 155 
ILE CA  CB   sing N N 156 
ILE CA  HA   sing N N 157 
ILE C   O    doub N N 158 
ILE C   OXT  sing N N 159 
ILE CB  CG1  sing N N 160 
ILE CB  CG2  sing N N 161 
ILE CB  HB   sing N N 162 
ILE CG1 CD1  sing N N 163 
ILE CG1 HG12 sing N N 164 
ILE CG1 HG13 sing N N 165 
ILE CG2 HG21 sing N N 166 
ILE CG2 HG22 sing N N 167 
ILE CG2 HG23 sing N N 168 
ILE CD1 HD11 sing N N 169 
ILE CD1 HD12 sing N N 170 
ILE CD1 HD13 sing N N 171 
ILE OXT HXT  sing N N 172 
LEU N   CA   sing N N 173 
LEU N   H    sing N N 174 
LEU N   H2   sing N N 175 
LEU CA  C    sing N N 176 
LEU CA  CB   sing N N 177 
LEU CA  HA   sing N N 178 
LEU C   O    doub N N 179 
LEU C   OXT  sing N N 180 
LEU CB  CG   sing N N 181 
LEU CB  HB2  sing N N 182 
LEU CB  HB3  sing N N 183 
LEU CG  CD1  sing N N 184 
LEU CG  CD2  sing N N 185 
LEU CG  HG   sing N N 186 
LEU CD1 HD11 sing N N 187 
LEU CD1 HD12 sing N N 188 
LEU CD1 HD13 sing N N 189 
LEU CD2 HD21 sing N N 190 
LEU CD2 HD22 sing N N 191 
LEU CD2 HD23 sing N N 192 
LEU OXT HXT  sing N N 193 
LYS N   CA   sing N N 194 
LYS N   H    sing N N 195 
LYS N   H2   sing N N 196 
LYS CA  C    sing N N 197 
LYS CA  CB   sing N N 198 
LYS CA  HA   sing N N 199 
LYS C   O    doub N N 200 
LYS C   OXT  sing N N 201 
LYS CB  CG   sing N N 202 
LYS CB  HB2  sing N N 203 
LYS CB  HB3  sing N N 204 
LYS CG  CD   sing N N 205 
LYS CG  HG2  sing N N 206 
LYS CG  HG3  sing N N 207 
LYS CD  CE   sing N N 208 
LYS CD  HD2  sing N N 209 
LYS CD  HD3  sing N N 210 
LYS CE  NZ   sing N N 211 
LYS CE  HE2  sing N N 212 
LYS CE  HE3  sing N N 213 
LYS NZ  HZ1  sing N N 214 
LYS NZ  HZ2  sing N N 215 
LYS NZ  HZ3  sing N N 216 
LYS OXT HXT  sing N N 217 
MET N   CA   sing N N 218 
MET N   H    sing N N 219 
MET N   H2   sing N N 220 
MET CA  C    sing N N 221 
MET CA  CB   sing N N 222 
MET CA  HA   sing N N 223 
MET C   O    doub N N 224 
MET C   OXT  sing N N 225 
MET CB  CG   sing N N 226 
MET CB  HB2  sing N N 227 
MET CB  HB3  sing N N 228 
MET CG  SD   sing N N 229 
MET CG  HG2  sing N N 230 
MET CG  HG3  sing N N 231 
MET SD  CE   sing N N 232 
MET CE  HE1  sing N N 233 
MET CE  HE2  sing N N 234 
MET CE  HE3  sing N N 235 
MET OXT HXT  sing N N 236 
PHE N   CA   sing N N 237 
PHE N   H    sing N N 238 
PHE N   H2   sing N N 239 
PHE CA  C    sing N N 240 
PHE CA  CB   sing N N 241 
PHE CA  HA   sing N N 242 
PHE C   O    doub N N 243 
PHE C   OXT  sing N N 244 
PHE CB  CG   sing N N 245 
PHE CB  HB2  sing N N 246 
PHE CB  HB3  sing N N 247 
PHE CG  CD1  doub Y N 248 
PHE CG  CD2  sing Y N 249 
PHE CD1 CE1  sing Y N 250 
PHE CD1 HD1  sing N N 251 
PHE CD2 CE2  doub Y N 252 
PHE CD2 HD2  sing N N 253 
PHE CE1 CZ   doub Y N 254 
PHE CE1 HE1  sing N N 255 
PHE CE2 CZ   sing Y N 256 
PHE CE2 HE2  sing N N 257 
PHE CZ  HZ   sing N N 258 
PHE OXT HXT  sing N N 259 
PRO N   CA   sing N N 260 
PRO N   CD   sing N N 261 
PRO N   H    sing N N 262 
PRO CA  C    sing N N 263 
PRO CA  CB   sing N N 264 
PRO CA  HA   sing N N 265 
PRO C   O    doub N N 266 
PRO C   OXT  sing N N 267 
PRO CB  CG   sing N N 268 
PRO CB  HB2  sing N N 269 
PRO CB  HB3  sing N N 270 
PRO CG  CD   sing N N 271 
PRO CG  HG2  sing N N 272 
PRO CG  HG3  sing N N 273 
PRO CD  HD2  sing N N 274 
PRO CD  HD3  sing N N 275 
PRO OXT HXT  sing N N 276 
SER N   CA   sing N N 277 
SER N   H    sing N N 278 
SER N   H2   sing N N 279 
SER CA  C    sing N N 280 
SER CA  CB   sing N N 281 
SER CA  HA   sing N N 282 
SER C   O    doub N N 283 
SER C   OXT  sing N N 284 
SER CB  OG   sing N N 285 
SER CB  HB2  sing N N 286 
SER CB  HB3  sing N N 287 
SER OG  HG   sing N N 288 
SER OXT HXT  sing N N 289 
SO4 S   O1   doub N N 290 
SO4 S   O2   doub N N 291 
SO4 S   O3   sing N N 292 
SO4 S   O4   sing N N 293 
THR N   CA   sing N N 294 
THR N   H    sing N N 295 
THR N   H2   sing N N 296 
THR CA  C    sing N N 297 
THR CA  CB   sing N N 298 
THR CA  HA   sing N N 299 
THR C   O    doub N N 300 
THR C   OXT  sing N N 301 
THR CB  OG1  sing N N 302 
THR CB  CG2  sing N N 303 
THR CB  HB   sing N N 304 
THR OG1 HG1  sing N N 305 
THR CG2 HG21 sing N N 306 
THR CG2 HG22 sing N N 307 
THR CG2 HG23 sing N N 308 
THR OXT HXT  sing N N 309 
TYR N   CA   sing N N 310 
TYR N   H    sing N N 311 
TYR N   H2   sing N N 312 
TYR CA  C    sing N N 313 
TYR CA  CB   sing N N 314 
TYR CA  HA   sing N N 315 
TYR C   O    doub N N 316 
TYR C   OXT  sing N N 317 
TYR CB  CG   sing N N 318 
TYR CB  HB2  sing N N 319 
TYR CB  HB3  sing N N 320 
TYR CG  CD1  doub Y N 321 
TYR CG  CD2  sing Y N 322 
TYR CD1 CE1  sing Y N 323 
TYR CD1 HD1  sing N N 324 
TYR CD2 CE2  doub Y N 325 
TYR CD2 HD2  sing N N 326 
TYR CE1 CZ   doub Y N 327 
TYR CE1 HE1  sing N N 328 
TYR CE2 CZ   sing Y N 329 
TYR CE2 HE2  sing N N 330 
TYR CZ  OH   sing N N 331 
TYR OH  HH   sing N N 332 
TYR OXT HXT  sing N N 333 
VAL N   CA   sing N N 334 
VAL N   H    sing N N 335 
VAL N   H2   sing N N 336 
VAL CA  C    sing N N 337 
VAL CA  CB   sing N N 338 
VAL CA  HA   sing N N 339 
VAL C   O    doub N N 340 
VAL C   OXT  sing N N 341 
VAL CB  CG1  sing N N 342 
VAL CB  CG2  sing N N 343 
VAL CB  HB   sing N N 344 
VAL CG1 HG11 sing N N 345 
VAL CG1 HG12 sing N N 346 
VAL CG1 HG13 sing N N 347 
VAL CG2 HG21 sing N N 348 
VAL CG2 HG22 sing N N 349 
VAL CG2 HG23 sing N N 350 
VAL OXT HXT  sing N N 351 
# 
loop_
_pdbx_audit_support.funding_organization 
_pdbx_audit_support.country 
_pdbx_audit_support.grant_number 
_pdbx_audit_support.ordinal 
'National Natural Science Foundation of China'                    China 31470733    1 
'the Shanghai YangFan Plan for Young Scientists'                  China 14YF1406700 2 
'the SIBS Frontier Science Program for talented young scientists' China 2014KIP101  3 
# 
_atom_sites.entry_id                    5GNV 
_atom_sites.fract_transf_matrix[1][1]   -0.00353636 
_atom_sites.fract_transf_matrix[1][2]   -0.00401061 
_atom_sites.fract_transf_matrix[1][3]   -0.01509495 
_atom_sites.fract_transf_matrix[2][1]   -0.00593775 
_atom_sites.fract_transf_matrix[2][2]   -0.00148247 
_atom_sites.fract_transf_matrix[2][3]   0.00178494 
_atom_sites.fract_transf_matrix[3][1]   -0.00486144 
_atom_sites.fract_transf_matrix[3][2]   0.01579126 
_atom_sites.fract_transf_matrix[3][3]   -0.00305670 
_atom_sites.fract_transf_vector[1]      -0.113871 
_atom_sites.fract_transf_vector[2]      -0.157033 
_atom_sites.fract_transf_vector[3]      -0.035484 
# 
loop_
_atom_type.symbol 
C 
N 
O 
S 
# 
loop_
_atom_site.group_PDB 
_atom_site.id 
_atom_site.type_symbol 
_atom_site.label_atom_id 
_atom_site.label_alt_id 
_atom_site.label_comp_id 
_atom_site.label_asym_id 
_atom_site.label_entity_id 
_atom_site.label_seq_id 
_atom_site.pdbx_PDB_ins_code 
_atom_site.Cartn_x 
_atom_site.Cartn_y 
_atom_site.Cartn_z 
_atom_site.occupancy 
_atom_site.B_iso_or_equiv 
_atom_site.pdbx_formal_charge 
_atom_site.auth_seq_id 
_atom_site.auth_comp_id 
_atom_site.auth_asym_id 
_atom_site.auth_atom_id 
_atom_site.pdbx_PDB_model_num 
ATOM   1    N N   . TYR A 1 9   ? 0.700   -7.044  18.998  1.00 94.19  ?  533  TYR A N   1 
ATOM   2    C CA  . TYR A 1 9   ? 0.126   -6.150  17.986  1.00 88.88  ?  533  TYR A CA  1 
ATOM   3    C C   . TYR A 1 9   ? 1.175   -5.661  16.958  1.00 88.03  ?  533  TYR A C   1 
ATOM   4    O O   . TYR A 1 9   ? 2.303   -5.291  17.336  1.00 84.51  ?  533  TYR A O   1 
ATOM   5    C CB  . TYR A 1 9   ? -0.588  -4.963  18.650  1.00 83.71  ?  533  TYR A CB  1 
ATOM   6    C CG  . TYR A 1 9   ? -0.532  -3.704  17.812  1.00 84.95  ?  533  TYR A CG  1 
ATOM   7    C CD1 . TYR A 1 9   ? -1.461  -3.470  16.798  1.00 79.43  ?  533  TYR A CD1 1 
ATOM   8    C CD2 . TYR A 1 9   ? 0.467   -2.751  18.022  1.00 88.25  ?  533  TYR A CD2 1 
ATOM   9    C CE1 . TYR A 1 9   ? -1.396  -2.311  16.019  1.00 81.51  ?  533  TYR A CE1 1 
ATOM   10   C CE2 . TYR A 1 9   ? 0.544   -1.597  17.250  1.00 86.46  ?  533  TYR A CE2 1 
ATOM   11   C CZ  . TYR A 1 9   ? -0.385  -1.379  16.248  1.00 83.13  ?  533  TYR A CZ  1 
ATOM   12   O OH  . TYR A 1 9   ? -0.297  -0.223  15.494  1.00 81.47  ?  533  TYR A OH  1 
ATOM   13   N N   . ALA A 1 10  ? 0.796   -5.641  15.673  1.00 78.37  ?  534  ALA A N   1 
ATOM   14   C CA  . ALA A 1 10  ? 1.764   -5.391  14.600  1.00 72.56  ?  534  ALA A CA  1 
ATOM   15   C C   . ALA A 1 10  ? 1.484   -4.157  13.736  1.00 68.25  ?  534  ALA A C   1 
ATOM   16   O O   . ALA A 1 10  ? 0.401   -3.998  13.180  1.00 70.55  ?  534  ALA A O   1 
ATOM   17   C CB  . ALA A 1 10  ? 1.903   -6.619  13.730  1.00 72.73  ?  534  ALA A CB  1 
ATOM   18   N N   . ARG A 1 11  ? 2.492   -3.301  13.616  1.00 65.30  ?  535  ARG A N   1 
ATOM   19   C CA  . ARG A 1 11  ? 2.361   -2.056  12.887  1.00 63.21  ?  535  ARG A CA  1 
ATOM   20   C C   . ARG A 1 11  ? 2.277   -2.377  11.417  1.00 61.87  ?  535  ARG A C   1 
ATOM   21   O O   . ARG A 1 11  ? 3.048   -3.181  10.918  1.00 60.14  ?  535  ARG A O   1 
ATOM   22   C CB  . ARG A 1 11  ? 3.580   -1.164  13.140  1.00 65.08  ?  535  ARG A CB  1 
ATOM   23   C CG  . ARG A 1 11  ? 3.967   -1.011  14.605  1.00 60.10  ?  535  ARG A CG  1 
ATOM   24   C CD  . ARG A 1 11  ? 5.176   -0.092  14.770  1.00 55.00  ?  535  ARG A CD  1 
ATOM   25   N NE  . ARG A 1 11  ? 4.966   1.243   14.207  1.00 51.45  ?  535  ARG A NE  1 
ATOM   26   C CZ  . ARG A 1 11  ? 5.901   2.193   14.153  1.00 50.91  ?  535  ARG A CZ  1 
ATOM   27   N NH1 . ARG A 1 11  ? 7.114   1.974   14.642  1.00 50.24  ?  535  ARG A NH1 1 
ATOM   28   N NH2 . ARG A 1 11  ? 5.630   3.367   13.608  1.00 52.40  ?  535  ARG A NH2 1 
ATOM   29   N N   . PRO A 1 12  ? 1.340   -1.738  10.719  1.00 61.66  ?  536  PRO A N   1 
ATOM   30   C CA  . PRO A 1 12  ? 1.142   -1.847  9.275   1.00 58.81  ?  536  PRO A CA  1 
ATOM   31   C C   . PRO A 1 12  ? 2.313   -1.224  8.526   1.00 59.73  ?  536  PRO A C   1 
ATOM   32   O O   . PRO A 1 12  ? 3.046   -0.423  9.107   1.00 54.70  ?  536  PRO A O   1 
ATOM   33   C CB  . PRO A 1 12  ? -0.112  -1.011  9.042   1.00 63.06  ?  536  PRO A CB  1 
ATOM   34   C CG  . PRO A 1 12  ? -0.069  0.007   10.140  1.00 64.40  ?  536  PRO A CG  1 
ATOM   35   C CD  . PRO A 1 12  ? 0.431   -0.755  11.328  1.00 63.18  ?  536  PRO A CD  1 
ATOM   36   N N   . ILE A 1 13  ? 2.466   -1.584  7.252   1.00 60.38  ?  537  ILE A N   1 
ATOM   37   C CA  . ILE A 1 13  ? 3.645   -1.220  6.480   1.00 57.37  ?  537  ILE A CA  1 
ATOM   38   C C   . ILE A 1 13  ? 3.244   -0.498  5.230   1.00 53.30  ?  537  ILE A C   1 
ATOM   39   O O   . ILE A 1 13  ? 2.389   -0.961  4.497   1.00 53.15  ?  537  ILE A O   1 
ATOM   40   C CB  . ILE A 1 13  ? 4.404   -2.458  5.988   1.00 55.41  ?  537  ILE A CB  1 
ATOM   41   C CG1 . ILE A 1 13  ? 4.644   -3.454  7.133   1.00 52.94  ?  537  ILE A CG1 1 
ATOM   42   C CG2 . ILE A 1 13  ? 5.687   -2.043  5.335   1.00 47.34  ?  537  ILE A CG2 1 
ATOM   43   C CD1 . ILE A 1 13  ? 5.531   -2.940  8.203   1.00 51.53  ?  537  ILE A CD1 1 
ATOM   44   N N   . ILE A 1 14  ? 3.871   0.635   4.972   1.00 52.97  ?  538  ILE A N   1 
ATOM   45   C CA  . ILE A 1 14  ? 3.628   1.327   3.726   1.00 52.28  ?  538  ILE A CA  1 
ATOM   46   C C   . ILE A 1 14  ? 4.960   1.581   3.052   1.00 53.11  ?  538  ILE A C   1 
ATOM   47   O O   . ILE A 1 14  ? 5.792   2.371   3.532   1.00 47.33  ?  538  ILE A O   1 
ATOM   48   C CB  . ILE A 1 14  ? 2.880   2.639   3.966   1.00 56.82  ?  538  ILE A CB  1 
ATOM   49   C CG1 . ILE A 1 14  ? 1.726   2.379   4.941   1.00 58.92  ?  538  ILE A CG1 1 
ATOM   50   C CG2 . ILE A 1 14  ? 2.374   3.222   2.650   1.00 50.83  ?  538  ILE A CG2 1 
ATOM   51   C CD1 . ILE A 1 14  ? 1.304   3.563   5.735   1.00 62.90  ?  538  ILE A CD1 1 
ATOM   52   N N   . ILE A 1 15  ? 5.155   0.898   1.929   1.00 48.53  ?  539  ILE A N   1 
ATOM   53   C CA  . ILE A 1 15  ? 6.399   1.006   1.205   1.00 45.48  ?  539  ILE A CA  1 
ATOM   54   C C   . ILE A 1 15  ? 6.167   1.851   -0.021  1.00 42.98  ?  539  ILE A C   1 
ATOM   55   O O   . ILE A 1 15  ? 5.173   1.708   -0.710  1.00 48.46  ?  539  ILE A O   1 
ATOM   56   C CB  . ILE A 1 15  ? 6.979   -0.383  0.870   1.00 46.41  ?  539  ILE A CB  1 
ATOM   57   C CG1 . ILE A 1 15  ? 7.262   -1.124  2.175   1.00 42.19  ?  539  ILE A CG1 1 
ATOM   58   C CG2 . ILE A 1 15  ? 8.265   -0.259  0.005   1.00 40.62  ?  539  ILE A CG2 1 
ATOM   59   C CD1 . ILE A 1 15  ? 7.195   -2.596  2.068   1.00 45.41  ?  539  ILE A CD1 1 
ATOM   60   N N   . LEU A 1 16  ? 7.077   2.766   -0.276  1.00 46.11  ?  540  LEU A N   1 
ATOM   61   C CA  . LEU A 1 16  ? 6.856   3.742   -1.311  1.00 48.51  ?  540  LEU A CA  1 
ATOM   62   C C   . LEU A 1 16  ? 8.129   3.880   -2.099  1.00 45.49  ?  540  LEU A C   1 
ATOM   63   O O   . LEU A 1 16  ? 9.226   3.717   -1.568  1.00 40.67  ?  540  LEU A O   1 
ATOM   64   C CB  . LEU A 1 16  ? 6.442   5.093   -0.701  1.00 46.94  ?  540  LEU A CB  1 
ATOM   65   C CG  . LEU A 1 16  ? 5.095   5.052   0.039   1.00 53.03  ?  540  LEU A CG  1 
ATOM   66   C CD1 . LEU A 1 16  ? 5.069   6.011   1.203   1.00 53.06  ?  540  LEU A CD1 1 
ATOM   67   C CD2 . LEU A 1 16  ? 3.939   5.349   -0.895  1.00 47.82  ?  540  LEU A CD2 1 
ATOM   68   N N   . GLY A 1 17  ? 7.960   4.201   -3.373  1.00 45.50  ?  541  GLY A N   1 
ATOM   69   C CA  . GLY A 1 17  ? 9.071   4.432   -4.261  1.00 40.45  ?  541  GLY A CA  1 
ATOM   70   C C   . GLY A 1 17  ? 9.185   3.263   -5.184  1.00 39.34  ?  541  GLY A C   1 
ATOM   71   O O   . GLY A 1 17  ? 8.419   2.299   -5.095  1.00 39.50  ?  541  GLY A O   1 
ATOM   72   N N   . PRO A 1 18  ? 10.166  3.335   -6.073  1.00 43.29  ?  542  PRO A N   1 
ATOM   73   C CA  . PRO A 1 18  ? 10.479  2.273   -7.050  1.00 42.25  ?  542  PRO A CA  1 
ATOM   74   C C   . PRO A 1 18  ? 10.627  0.905   -6.364  1.00 37.82  ?  542  PRO A C   1 
ATOM   75   O O   . PRO A 1 18  ? 11.169  0.877   -5.270  1.00 42.36  ?  542  PRO A O   1 
ATOM   76   C CB  . PRO A 1 18  ? 11.839  2.698   -7.612  1.00 36.59  ?  542  PRO A CB  1 
ATOM   77   C CG  . PRO A 1 18  ? 12.022  4.121   -7.219  1.00 41.80  ?  542  PRO A CG  1 
ATOM   78   C CD  . PRO A 1 18  ? 11.204  4.378   -5.993  1.00 38.80  ?  542  PRO A CD  1 
ATOM   79   N N   . THR A 1 19  ? 10.140  -0.175  -6.984  1.00 44.73  ?  543  THR A N   1 
ATOM   80   C CA  . THR A 1 19  ? 10.307  -1.562  -6.495  1.00 36.29  ?  543  THR A CA  1 
ATOM   81   C C   . THR A 1 19  ? 9.499   -1.860  -5.261  1.00 40.76  ?  543  THR A C   1 
ATOM   82   O O   . THR A 1 19  ? 9.637   -2.932  -4.684  1.00 42.39  ?  543  THR A O   1 
ATOM   83   C CB  . THR A 1 19  ? 11.753  -1.950  -6.175  1.00 41.02  ?  543  THR A CB  1 
ATOM   84   O OG1 . THR A 1 19  ? 12.145  -1.306  -4.958  1.00 45.65  ?  543  THR A OG1 1 
ATOM   85   C CG2 . THR A 1 19  ? 12.739  -1.549  -7.294  1.00 38.80  ?  543  THR A CG2 1 
ATOM   86   N N   . LYS A 1 20  ? 8.730   -0.897  -4.774  1.00 42.98  ?  544  LYS A N   1 
ATOM   87   C CA  . LYS A 1 20  ? 7.889   -1.191  -3.621  1.00 40.76  ?  544  LYS A CA  1 
ATOM   88   C C   . LYS A 1 20  ? 6.958   -2.381  -3.868  1.00 45.11  ?  544  LYS A C   1 
ATOM   89   O O   . LYS A 1 20  ? 6.599   -3.091  -2.941  1.00 43.16  ?  544  LYS A O   1 
ATOM   90   C CB  . LYS A 1 20  ? 7.094   0.033   -3.203  1.00 43.37  ?  544  LYS A CB  1 
ATOM   91   C CG  . LYS A 1 20  ? 6.237   0.612   -4.261  1.00 43.93  ?  544  LYS A CG  1 
ATOM   92   C CD  . LYS A 1 20  ? 4.834   0.759   -3.759  1.00 49.65  ?  544  LYS A CD  1 
ATOM   93   C CE  . LYS A 1 20  ? 3.943   1.270   -4.853  1.00 53.37  ?  544  LYS A CE  1 
ATOM   94   N NZ  . LYS A 1 20  ? 2.764   1.959   -4.266  1.00 65.04  ?  544  LYS A NZ  1 
ATOM   95   N N   . ASP A 1 21  ? 6.586   -2.640  -5.122  1.00 49.99  ?  545  ASP A N   1 
ATOM   96   C CA  . ASP A 1 21  ? 5.701   -3.785  -5.348  1.00 47.29  ?  545  ASP A CA  1 
ATOM   97   C C   . ASP A 1 21  ? 6.389   -5.127  -5.177  1.00 43.70  ?  545  ASP A C   1 
ATOM   98   O O   . ASP A 1 21  ? 5.809   -6.060  -4.617  1.00 40.46  ?  545  ASP A O   1 
ATOM   99   C CB  . ASP A 1 21  ? 4.984   -3.662  -6.674  1.00 50.29  ?  545  ASP A CB  1 
ATOM   100  C CG  . ASP A 1 21  ? 4.362   -2.300  -6.823  1.00 61.41  ?  545  ASP A CG  1 
ATOM   101  O OD1 . ASP A 1 21  ? 5.113   -1.359  -7.241  1.00 66.30  -1 545  ASP A OD1 1 
ATOM   102  O OD2 . ASP A 1 21  ? 3.167   -2.153  -6.435  1.00 60.30  ?  545  ASP A OD2 1 
ATOM   103  N N   . ARG A 1 22  ? 7.633   -5.216  -5.623  1.00 39.63  ?  546  ARG A N   1 
ATOM   104  C CA  . ARG A 1 22  ? 8.392   -6.420  -5.393  1.00 36.27  ?  546  ARG A CA  1 
ATOM   105  C C   . ARG A 1 22  ? 8.683   -6.617  -3.907  1.00 46.43  ?  546  ARG A C   1 
ATOM   106  O O   . ARG A 1 22  ? 8.695   -7.772  -3.422  1.00 47.46  ?  546  ARG A O   1 
ATOM   107  C CB  . ARG A 1 22  ? 9.694   -6.376  -6.157  1.00 40.77  ?  546  ARG A CB  1 
ATOM   108  C CG  . ARG A 1 22  ? 10.447  -7.714  -6.115  1.00 43.80  ?  546  ARG A CG  1 
ATOM   109  C CD  . ARG A 1 22  ? 11.786  -7.595  -6.798  1.00 40.83  ?  546  ARG A CD  1 
ATOM   110  N NE  . ARG A 1 22  ? 12.603  -8.778  -6.615  1.00 39.96  ?  546  ARG A NE  1 
ATOM   111  C CZ  . ARG A 1 22  ? 13.864  -8.863  -7.025  1.00 45.43  ?  546  ARG A CZ  1 
ATOM   112  N NH1 . ARG A 1 22  ? 14.424  -7.804  -7.604  1.00 41.28  ?  546  ARG A NH1 1 
ATOM   113  N NH2 . ARG A 1 22  ? 14.563  -9.994  -6.862  1.00 46.97  ?  546  ARG A NH2 1 
ATOM   114  N N   . ALA A 1 23  ? 8.908   -5.508  -3.184  1.00 41.46  ?  547  ALA A N   1 
ATOM   115  C CA  . ALA A 1 23  ? 9.173   -5.575  -1.750  1.00 40.69  ?  547  ALA A CA  1 
ATOM   116  C C   . ALA A 1 23  ? 7.958   -6.120  -1.057  1.00 40.70  ?  547  ALA A C   1 
ATOM   117  O O   . ALA A 1 23  ? 8.040   -7.018  -0.198  1.00 41.38  ?  547  ALA A O   1 
ATOM   118  C CB  . ALA A 1 23  ? 9.519   -4.185  -1.177  1.00 44.22  ?  547  ALA A CB  1 
ATOM   119  N N   . ASN A 1 24  ? 6.827   -5.547  -1.433  1.00 38.47  ?  548  ASN A N   1 
ATOM   120  C CA  . ASN A 1 24  ? 5.540   -5.966  -0.909  1.00 44.10  ?  548  ASN A CA  1 
ATOM   121  C C   . ASN A 1 24  ? 5.303   -7.463  -1.140  1.00 50.26  ?  548  ASN A C   1 
ATOM   122  O O   . ASN A 1 24  ? 4.834   -8.166  -0.243  1.00 52.42  ?  548  ASN A O   1 
ATOM   123  C CB  . ASN A 1 24  ? 4.426   -5.115  -1.523  1.00 47.65  ?  548  ASN A CB  1 
ATOM   124  C CG  . ASN A 1 24  ? 4.306   -3.740  -0.858  1.00 50.44  ?  548  ASN A CG  1 
ATOM   125  O OD1 . ASN A 1 24  ? 4.795   -3.548  0.262   1.00 47.75  ?  548  ASN A OD1 1 
ATOM   126  N ND2 . ASN A 1 24  ? 3.632   -2.789  -1.531  1.00 44.97  ?  548  ASN A ND2 1 
ATOM   127  N N   . ASP A 1 25  ? 5.675   -7.957  -2.318  1.00 42.74  ?  549  ASP A N   1 
ATOM   128  C CA  . ASP A 1 25  ? 5.424   -9.339  -2.651  1.00 47.40  ?  549  ASP A CA  1 
ATOM   129  C C   . ASP A 1 25  ? 6.345   -10.244 -1.918  1.00 49.02  ?  549  ASP A C   1 
ATOM   130  O O   . ASP A 1 25  ? 5.924   -11.245 -1.367  1.00 52.60  ?  549  ASP A O   1 
ATOM   131  C CB  . ASP A 1 25  ? 5.624   -9.567  -4.137  1.00 53.50  ?  549  ASP A CB  1 
ATOM   132  C CG  . ASP A 1 25  ? 4.515   -8.963  -4.947  1.00 55.92  ?  549  ASP A CG  1 
ATOM   133  O OD1 . ASP A 1 25  ? 3.470   -8.650  -4.304  1.00 51.65  ?  549  ASP A OD1 1 
ATOM   134  O OD2 . ASP A 1 25  ? 4.698   -8.790  -6.189  1.00 61.28  -1 549  ASP A OD2 1 
ATOM   135  N N   . ASP A 1 26  ? 7.618   -9.899  -1.936  1.00 44.52  ?  550  ASP A N   1 
ATOM   136  C CA  . ASP A 1 26  ? 8.600   -10.743 -1.295  1.00 48.82  ?  550  ASP A CA  1 
ATOM   137  C C   . ASP A 1 26  ? 8.384   -10.908 0.228   1.00 54.93  ?  550  ASP A C   1 
ATOM   138  O O   . ASP A 1 26  ? 8.433   -12.028 0.735   1.00 58.94  ?  550  ASP A O   1 
ATOM   139  C CB  . ASP A 1 26  ? 9.999   -10.251 -1.629  1.00 49.85  ?  550  ASP A CB  1 
ATOM   140  C CG  . ASP A 1 26  ? 10.348  -10.440 -3.107  1.00 53.14  ?  550  ASP A CG  1 
ATOM   141  O OD1 . ASP A 1 26  ? 9.435   -10.725 -3.918  1.00 46.99  ?  550  ASP A OD1 1 
ATOM   142  O OD2 . ASP A 1 26  ? 11.551  -10.308 -3.445  1.00 53.81  -1 550  ASP A OD2 1 
ATOM   143  N N   . LEU A 1 27  ? 8.132   -9.816  0.949   1.00 46.51  ?  551  LEU A N   1 
ATOM   144  C CA  . LEU A 1 27  ? 7.796   -9.919  2.367   1.00 51.87  ?  551  LEU A CA  1 
ATOM   145  C C   . LEU A 1 27  ? 6.659   -10.910 2.638   1.00 53.93  ?  551  LEU A C   1 
ATOM   146  O O   . LEU A 1 27  ? 6.732   -11.735 3.546   1.00 53.46  ?  551  LEU A O   1 
ATOM   147  C CB  . LEU A 1 27  ? 7.401   -8.546  2.930   1.00 54.46  ?  551  LEU A CB  1 
ATOM   148  C CG  . LEU A 1 27  ? 8.468   -7.453  2.948   1.00 47.89  ?  551  LEU A CG  1 
ATOM   149  C CD1 . LEU A 1 27  ? 7.841   -6.077  3.119   1.00 39.21  ?  551  LEU A CD1 1 
ATOM   150  C CD2 . LEU A 1 27  ? 9.478   -7.765  4.021   1.00 44.86  ?  551  LEU A CD2 1 
ATOM   151  N N   . LEU A 1 28  ? 5.598   -10.804 1.845   1.00 54.85  ?  552  LEU A N   1 
ATOM   152  C CA  . LEU A 1 28  ? 4.499   -11.770 1.898   1.00 56.25  ?  552  LEU A CA  1 
ATOM   153  C C   . LEU A 1 28  ? 4.928   -13.203 1.548   1.00 59.59  ?  552  LEU A C   1 
ATOM   154  O O   . LEU A 1 28  ? 4.564   -14.157 2.246   1.00 62.65  ?  552  LEU A O   1 
ATOM   155  C CB  . LEU A 1 28  ? 3.346   -11.327 0.986   1.00 48.92  ?  552  LEU A CB  1 
ATOM   156  C CG  . LEU A 1 28  ? 2.557   -10.114 1.506   1.00 54.50  ?  552  LEU A CG  1 
ATOM   157  C CD1 . LEU A 1 28  ? 1.795   -9.427  0.414   1.00 49.70  ?  552  LEU A CD1 1 
ATOM   158  C CD2 . LEU A 1 28  ? 1.615   -10.477 2.647   1.00 58.29  ?  552  LEU A CD2 1 
ATOM   159  N N   . SER A 1 29  ? 5.701   -13.365 0.478   1.00 60.95  ?  553  SER A N   1 
ATOM   160  C CA  . SER A 1 29  ? 6.063   -14.713 0.055   1.00 59.38  ?  553  SER A CA  1 
ATOM   161  C C   . SER A 1 29  ? 7.044   -15.367 1.039   1.00 59.21  ?  553  SER A C   1 
ATOM   162  O O   . SER A 1 29  ? 7.004   -16.586 1.236   1.00 59.85  ?  553  SER A O   1 
ATOM   163  C CB  . SER A 1 29  ? 6.579   -14.740 -1.393  1.00 59.03  ?  553  SER A CB  1 
ATOM   164  O OG  . SER A 1 29  ? 7.896   -14.217 -1.498  1.00 70.31  ?  553  SER A OG  1 
ATOM   165  N N   . GLU A 1 30  ? 7.923   -14.553 1.632   1.00 58.61  ?  554  GLU A N   1 
ATOM   166  C CA  . GLU A 1 30  ? 8.936   -15.024 2.596   1.00 57.11  ?  554  GLU A CA  1 
ATOM   167  C C   . GLU A 1 30  ? 8.508   -15.153 4.053   1.00 59.21  ?  554  GLU A C   1 
ATOM   168  O O   . GLU A 1 30  ? 9.042   -15.967 4.797   1.00 63.68  ?  554  GLU A O   1 
ATOM   169  C CB  . GLU A 1 30  ? 10.210  -14.187 2.529   1.00 51.01  ?  554  GLU A CB  1 
ATOM   170  C CG  . GLU A 1 30  ? 10.989  -14.395 1.257   1.00 53.66  ?  554  GLU A CG  1 
ATOM   171  C CD  . GLU A 1 30  ? 12.418  -13.872 1.330   1.00 62.26  ?  554  GLU A CD  1 
ATOM   172  O OE1 . GLU A 1 30  ? 13.117  -13.985 0.281   1.00 56.98  ?  554  GLU A OE1 1 
ATOM   173  O OE2 . GLU A 1 30  ? 12.837  -13.374 2.434   1.00 65.89  -1 554  GLU A OE2 1 
ATOM   174  N N   . PHE A 1 31  ? 7.612   -14.292 4.486   1.00 59.50  ?  555  PHE A N   1 
ATOM   175  C CA  . PHE A 1 31  ? 7.266   -14.264 5.889   1.00 57.27  ?  555  PHE A CA  1 
ATOM   176  C C   . PHE A 1 31  ? 5.767   -14.172 6.015   1.00 63.59  ?  555  PHE A C   1 
ATOM   177  O O   . PHE A 1 31  ? 5.266   -13.221 6.608   1.00 65.99  ?  555  PHE A O   1 
ATOM   178  C CB  . PHE A 1 31  ? 7.894   -13.051 6.573   1.00 59.69  ?  555  PHE A CB  1 
ATOM   179  C CG  . PHE A 1 31  ? 9.404   -13.023 6.518   1.00 57.86  ?  555  PHE A CG  1 
ATOM   180  C CD1 . PHE A 1 31  ? 10.162  -13.918 7.269   1.00 57.37  ?  555  PHE A CD1 1 
ATOM   181  C CD2 . PHE A 1 31  ? 10.065  -12.091 5.734   1.00 53.43  ?  555  PHE A CD2 1 
ATOM   182  C CE1 . PHE A 1 31  ? 11.559  -13.890 7.236   1.00 47.50  ?  555  PHE A CE1 1 
ATOM   183  C CE2 . PHE A 1 31  ? 11.453  -12.058 5.687   1.00 55.14  ?  555  PHE A CE2 1 
ATOM   184  C CZ  . PHE A 1 31  ? 12.203  -12.962 6.446   1.00 52.78  ?  555  PHE A CZ  1 
ATOM   185  N N   . PRO A 1 32  ? 5.051   -15.175 5.481   1.00 64.81  ?  556  PRO A N   1 
ATOM   186  C CA  . PRO A 1 32  ? 3.593   -15.139 5.398   1.00 62.87  ?  556  PRO A CA  1 
ATOM   187  C C   . PRO A 1 32  ? 2.989   -15.089 6.794   1.00 69.94  ?  556  PRO A C   1 
ATOM   188  O O   . PRO A 1 32  ? 1.923   -14.511 7.008   1.00 73.36  ?  556  PRO A O   1 
ATOM   189  C CB  . PRO A 1 32  ? 3.250   -16.476 4.736   1.00 61.55  ?  556  PRO A CB  1 
ATOM   190  C CG  . PRO A 1 32  ? 4.535   -17.021 4.220   1.00 66.48  ?  556  PRO A CG  1 
ATOM   191  C CD  . PRO A 1 32  ? 5.584   -16.497 5.104   1.00 67.86  ?  556  PRO A CD  1 
ATOM   192  N N   . ASP A 1 33  ? 3.680   -15.703 7.744   1.00 67.08  ?  557  ASP A N   1 
ATOM   193  C CA  . ASP A 1 33  ? 3.246   -15.702 9.130   1.00 70.93  ?  557  ASP A CA  1 
ATOM   194  C C   . ASP A 1 33  ? 3.307   -14.284 9.743   1.00 74.16  ?  557  ASP A C   1 
ATOM   195  O O   . ASP A 1 33  ? 2.480   -13.928 10.597  1.00 73.54  ?  557  ASP A O   1 
ATOM   196  C CB  . ASP A 1 33  ? 4.131   -16.667 9.920   1.00 76.50  ?  557  ASP A CB  1 
ATOM   197  C CG  . ASP A 1 33  ? 5.618   -16.550 9.525   1.00 83.26  ?  557  ASP A CG  1 
ATOM   198  O OD1 . ASP A 1 33  ? 5.912   -16.504 8.300   1.00 79.08  -1 557  ASP A OD1 1 
ATOM   199  O OD2 . ASP A 1 33  ? 6.491   -16.496 10.432  1.00 84.47  ?  557  ASP A OD2 1 
ATOM   200  N N   . LYS A 1 34  ? 4.282   -13.479 9.314   1.00 70.52  ?  558  LYS A N   1 
ATOM   201  C CA  . LYS A 1 34  ? 4.466   -12.161 9.919   1.00 66.82  ?  558  LYS A CA  1 
ATOM   202  C C   . LYS A 1 34  ? 3.833   -11.024 9.145   1.00 59.47  ?  558  LYS A C   1 
ATOM   203  O O   . LYS A 1 34  ? 3.891   -9.891  9.578   1.00 60.14  ?  558  LYS A O   1 
ATOM   204  C CB  . LYS A 1 34  ? 5.943   -11.855 10.148  1.00 65.71  ?  558  LYS A CB  1 
ATOM   205  C CG  . LYS A 1 34  ? 6.705   -12.992 10.791  1.00 69.62  ?  558  LYS A CG  1 
ATOM   206  C CD  . LYS A 1 34  ? 6.015   -13.489 12.045  1.00 71.95  ?  558  LYS A CD  1 
ATOM   207  C CE  . LYS A 1 34  ? 6.483   -12.739 13.281  1.00 79.72  ?  558  LYS A CE  1 
ATOM   208  N NZ  . LYS A 1 34  ? 6.518   -13.627 14.497  1.00 85.19  ?  558  LYS A NZ  1 
ATOM   209  N N   . PHE A 1 35  ? 3.236   -11.317 8.002   1.00 61.03  ?  559  PHE A N   1 
ATOM   210  C CA  . PHE A 1 35  ? 2.745   -10.255 7.141   1.00 60.24  ?  559  PHE A CA  1 
ATOM   211  C C   . PHE A 1 35  ? 1.462   -10.722 6.506   1.00 66.04  ?  559  PHE A C   1 
ATOM   212  O O   . PHE A 1 35  ? 1.323   -11.902 6.191   1.00 71.62  ?  559  PHE A O   1 
ATOM   213  C CB  . PHE A 1 35  ? 3.739   -9.947  6.005   1.00 55.86  ?  559  PHE A CB  1 
ATOM   214  C CG  . PHE A 1 35  ? 5.000   -9.300  6.458   1.00 54.08  ?  559  PHE A CG  1 
ATOM   215  C CD1 . PHE A 1 35  ? 6.091   -10.066 6.843   1.00 56.56  ?  559  PHE A CD1 1 
ATOM   216  C CD2 . PHE A 1 35  ? 5.106   -7.924  6.500   1.00 54.58  ?  559  PHE A CD2 1 
ATOM   217  C CE1 . PHE A 1 35  ? 7.256   -9.469  7.281   1.00 47.95  ?  559  PHE A CE1 1 
ATOM   218  C CE2 . PHE A 1 35  ? 6.268   -7.322  6.937   1.00 48.61  ?  559  PHE A CE2 1 
ATOM   219  C CZ  . PHE A 1 35  ? 7.344   -8.099  7.320   1.00 45.89  ?  559  PHE A CZ  1 
ATOM   220  N N   . GLY A 1 36  ? 0.541   -9.797  6.276   1.00 60.59  ?  560  GLY A N   1 
ATOM   221  C CA  . GLY A 1 36  ? -0.658  -10.108 5.534   1.00 59.29  ?  560  GLY A CA  1 
ATOM   222  C C   . GLY A 1 36  ? -1.319  -8.848  5.034   1.00 62.57  ?  560  GLY A C   1 
ATOM   223  O O   . GLY A 1 36  ? -0.814  -7.747  5.249   1.00 66.01  ?  560  GLY A O   1 
ATOM   224  N N   . SER A 1 37  ? -2.460  -9.003  4.380   1.00 64.84  ?  561  SER A N   1 
ATOM   225  C CA  . SER A 1 37  ? -3.171  -7.865  3.825   1.00 71.15  ?  561  SER A CA  1 
ATOM   226  C C   . SER A 1 37  ? -4.596  -7.827  4.361   1.00 70.96  ?  561  SER A C   1 
ATOM   227  O O   . SER A 1 37  ? -5.150  -8.861  4.742   1.00 71.85  ?  561  SER A O   1 
ATOM   228  C CB  . SER A 1 37  ? -3.182  -7.948  2.304   1.00 65.74  ?  561  SER A CB  1 
ATOM   229  O OG  . SER A 1 37  ? -3.661  -9.220  1.912   1.00 74.91  ?  561  SER A OG  1 
ATOM   230  N N   . CYS A 1 38  ? -5.143  -6.620  4.465   1.00 70.76  ?  562  CYS A N   1 
ATOM   231  C CA  . CYS A 1 38  ? -6.534  -6.410  4.854   1.00 77.29  ?  562  CYS A CA  1 
ATOM   232  C C   . CYS A 1 38  ? -7.553  -6.555  3.705   1.00 77.44  ?  562  CYS A C   1 
ATOM   233  O O   . CYS A 1 38  ? -7.195  -6.522  2.524   1.00 69.85  ?  562  CYS A O   1 
ATOM   234  C CB  . CYS A 1 38  ? -6.692  -5.079  5.574   1.00 72.64  ?  562  CYS A CB  1 
ATOM   235  S SG  . CYS A 1 38  ? -6.469  -3.706  4.484   1.00 84.71  ?  562  CYS A SG  1 
ATOM   236  N N   . VAL A 1 39  ? -8.815  -6.755  4.077   1.00 80.53  ?  563  VAL A N   1 
ATOM   237  C CA  . VAL A 1 39  ? -9.931  -6.779  3.135   1.00 78.19  ?  563  VAL A CA  1 
ATOM   238  C C   . VAL A 1 39  ? -10.450 -5.360  2.878   1.00 78.03  ?  563  VAL A C   1 
ATOM   239  O O   . VAL A 1 39  ? -10.808 -4.647  3.813   1.00 82.86  ?  563  VAL A O   1 
ATOM   240  C CB  . VAL A 1 39  ? -11.085 -7.640  3.696   1.00 79.96  ?  563  VAL A CB  1 
ATOM   241  C CG1 . VAL A 1 39  ? -12.223 -7.730  2.706   1.00 84.79  ?  563  VAL A CG1 1 
ATOM   242  C CG2 . VAL A 1 39  ? -10.587 -9.024  4.065   1.00 76.13  ?  563  VAL A CG2 1 
ATOM   243  N N   . PRO A 1 40  ? -10.465 -4.933  1.609   1.00 76.45  ?  564  PRO A N   1 
ATOM   244  C CA  . PRO A 1 40  ? -11.004 -3.636  1.168   1.00 84.81  ?  564  PRO A CA  1 
ATOM   245  C C   . PRO A 1 40  ? -12.541 -3.593  1.039   1.00 88.70  ?  564  PRO A C   1 
ATOM   246  O O   . PRO A 1 40  ? -13.187 -4.641  0.985   1.00 86.94  ?  564  PRO A O   1 
ATOM   247  C CB  . PRO A 1 40  ? -10.336 -3.435  -0.195  1.00 79.28  ?  564  PRO A CB  1 
ATOM   248  C CG  . PRO A 1 40  ? -10.165 -4.808  -0.711  1.00 73.89  ?  564  PRO A CG  1 
ATOM   249  C CD  . PRO A 1 40  ? -9.962  -5.726  0.478   1.00 74.97  ?  564  PRO A CD  1 
ATOM   250  N N   . HIS A 1 41  ? -13.110 -2.388  0.984   1.00 91.44  ?  565  HIS A N   1 
ATOM   251  C CA  . HIS A 1 41  ? -14.562 -2.212  0.807   1.00 93.88  ?  565  HIS A CA  1 
ATOM   252  C C   . HIS A 1 41  ? -14.921 -1.834  -0.630  1.00 93.50  ?  565  HIS A C   1 
ATOM   253  O O   . HIS A 1 41  ? -14.174 -1.112  -1.284  1.00 95.08  ?  565  HIS A O   1 
ATOM   254  C CB  . HIS A 1 41  ? -15.104 -1.119  1.746   1.00 91.93  ?  565  HIS A CB  1 
ATOM   255  C CG  . HIS A 1 41  ? -15.069 -1.483  3.202   1.00 94.86  ?  565  HIS A CG  1 
ATOM   256  N ND1 . HIS A 1 41  ? -16.204 -1.533  3.985   1.00 95.61  ?  565  HIS A ND1 1 
ATOM   257  C CD2 . HIS A 1 41  ? -14.037 -1.804  4.018   1.00 94.70  ?  565  HIS A CD2 1 
ATOM   258  C CE1 . HIS A 1 41  ? -15.874 -1.876  5.217   1.00 89.87  ?  565  HIS A CE1 1 
ATOM   259  N NE2 . HIS A 1 41  ? -14.565 -2.045  5.265   1.00 92.76  ?  565  HIS A NE2 1 
ATOM   260  N N   . THR A 1 42  ? -16.062 -2.309  -1.121  1.00 95.06  ?  566  THR A N   1 
ATOM   261  C CA  . THR A 1 42  ? -16.571 -1.813  -2.401  1.00 96.20  ?  566  THR A CA  1 
ATOM   262  C C   . THR A 1 42  ? -18.100 -1.792  -2.547  1.00 102.18 ?  566  THR A C   1 
ATOM   263  O O   . THR A 1 42  ? -18.809 -2.619  -1.963  1.00 100.50 ?  566  THR A O   1 
ATOM   264  C CB  . THR A 1 42  ? -15.984 -2.563  -3.596  1.00 90.40  ?  566  THR A CB  1 
ATOM   265  O OG1 . THR A 1 42  ? -16.409 -1.913  -4.800  1.00 93.09  ?  566  THR A OG1 1 
ATOM   266  C CG2 . THR A 1 42  ? -16.461 -4.006  -3.600  1.00 89.45  ?  566  THR A CG2 1 
ATOM   267  N N   . THR A 1 43  ? -18.594 -0.838  -3.342  1.00 103.00 ?  567  THR A N   1 
ATOM   268  C CA  . THR A 1 43  ? -20.022 -0.722  -3.619  1.00 101.09 ?  567  THR A CA  1 
ATOM   269  C C   . THR A 1 43  ? -20.442 -1.743  -4.649  1.00 101.99 ?  567  THR A C   1 
ATOM   270  O O   . THR A 1 43  ? -21.524 -2.311  -4.559  1.00 105.42 ?  567  THR A O   1 
ATOM   271  C CB  . THR A 1 43  ? -20.412 0.668   -4.168  1.00 102.11 ?  567  THR A CB  1 
ATOM   272  O OG1 . THR A 1 43  ? -19.813 0.877   -5.455  1.00 101.98 ?  567  THR A OG1 1 
ATOM   273  C CG2 . THR A 1 43  ? -19.993 1.760   -3.204  1.00 104.48 ?  567  THR A CG2 1 
ATOM   274  N N   . ARG A 1 44  ? -19.561 -1.977  -5.614  1.00 101.05 ?  568  ARG A N   1 
ATOM   275  C CA  . ARG A 1 44  ? -19.865 -2.814  -6.762  1.00 101.57 ?  568  ARG A CA  1 
ATOM   276  C C   . ARG A 1 44  ? -20.393 -4.197  -6.343  1.00 100.89 ?  568  ARG A C   1 
ATOM   277  O O   . ARG A 1 44  ? -20.055 -4.695  -5.260  1.00 97.92  ?  568  ARG A O   1 
ATOM   278  C CB  . ARG A 1 44  ? -18.638 -2.918  -7.680  1.00 98.19  ?  568  ARG A CB  1 
ATOM   279  C CG  . ARG A 1 44  ? -17.640 -3.995  -7.308  1.00 98.19  ?  568  ARG A CG  1 
ATOM   280  C CD  . ARG A 1 44  ? -17.171 -4.734  -8.565  1.00 96.97  ?  568  ARG A CD  1 
ATOM   281  N NE  . ARG A 1 44  ? -16.113 -5.717  -8.315  1.00 94.39  ?  568  ARG A NE  1 
ATOM   282  C CZ  . ARG A 1 44  ? -16.325 -6.981  -7.949  1.00 94.99  ?  568  ARG A CZ  1 
ATOM   283  N NH1 . ARG A 1 44  ? -17.561 -7.428  -7.769  1.00 96.99  ?  568  ARG A NH1 1 
ATOM   284  N NH2 . ARG A 1 44  ? -15.295 -7.799  -7.754  1.00 91.07  ?  568  ARG A NH2 1 
ATOM   285  N N   . PRO A 1 45  ? -21.265 -4.790  -7.188  1.00 101.01 ?  569  PRO A N   1 
ATOM   286  C CA  . PRO A 1 45  ? -21.976 -6.056  -6.956  1.00 98.69  ?  569  PRO A CA  1 
ATOM   287  C C   . PRO A 1 45  ? -21.113 -7.307  -6.791  1.00 96.81  ?  569  PRO A C   1 
ATOM   288  O O   . PRO A 1 45  ? -20.275 -7.614  -7.645  1.00 94.19  ?  569  PRO A O   1 
ATOM   289  C CB  . PRO A 1 45  ? -22.817 -6.216  -8.231  1.00 97.82  ?  569  PRO A CB  1 
ATOM   290  C CG  . PRO A 1 45  ? -22.126 -5.371  -9.259  1.00 101.75 ?  569  PRO A CG  1 
ATOM   291  C CD  . PRO A 1 45  ? -21.676 -4.183  -8.467  1.00 101.11 ?  569  PRO A CD  1 
ATOM   292  N N   . LYS A 1 46  ? -21.388 -8.048  -5.721  1.00 93.90  ?  570  LYS A N   1 
ATOM   293  C CA  . LYS A 1 46  ? -20.772 -9.343  -5.460  1.00 93.84  ?  570  LYS A CA  1 
ATOM   294  C C   . LYS A 1 46  ? -20.968 -10.262 -6.666  1.00 98.35  ?  570  LYS A C   1 
ATOM   295  O O   . LYS A 1 46  ? -22.097 -10.481 -7.113  1.00 100.31 ?  570  LYS A O   1 
ATOM   296  C CB  . LYS A 1 46  ? -21.442 -9.933  -4.218  1.00 90.09  ?  570  LYS A CB  1 
ATOM   297  C CG  . LYS A 1 46  ? -21.079 -11.344 -3.813  1.00 92.40  ?  570  LYS A CG  1 
ATOM   298  C CD  . LYS A 1 46  ? -21.718 -11.589 -2.439  1.00 99.37  ?  570  LYS A CD  1 
ATOM   299  C CE  . LYS A 1 46  ? -21.376 -12.939 -1.800  1.00 105.90 ?  570  LYS A CE  1 
ATOM   300  N NZ  . LYS A 1 46  ? -21.618 -12.942 -0.301  1.00 101.40 ?  570  LYS A NZ  1 
ATOM   301  N N   . ARG A 1 47  ? -19.869 -10.786 -7.202  1.00 99.20  ?  571  ARG A N   1 
ATOM   302  C CA  . ARG A 1 47  ? -19.943 -11.654 -8.373  1.00 94.67  ?  571  ARG A CA  1 
ATOM   303  C C   . ARG A 1 47  ? -20.270 -13.081 -7.961  1.00 97.99  ?  571  ARG A C   1 
ATOM   304  O O   . ARG A 1 47  ? -20.599 -13.342 -6.790  1.00 93.60  ?  571  ARG A O   1 
ATOM   305  C CB  . ARG A 1 47  ? -18.649 -11.631 -9.191  1.00 94.22  ?  571  ARG A CB  1 
ATOM   306  C CG  . ARG A 1 47  ? -18.200 -10.247 -9.629  1.00 98.25  ?  571  ARG A CG  1 
ATOM   307  C CD  . ARG A 1 47  ? -19.250 -9.536  -10.467 1.00 102.40 ?  571  ARG A CD  1 
ATOM   308  N NE  . ARG A 1 47  ? -19.050 -8.082  -10.490 1.00 103.25 ?  571  ARG A NE  1 
ATOM   309  C CZ  . ARG A 1 47  ? -18.712 -7.375  -11.569 1.00 104.58 ?  571  ARG A CZ  1 
ATOM   310  N NH1 . ARG A 1 47  ? -18.534 -7.979  -12.741 1.00 105.73 ?  571  ARG A NH1 1 
ATOM   311  N NH2 . ARG A 1 47  ? -18.564 -6.055  -11.478 1.00 98.53  ?  571  ARG A NH2 1 
ATOM   312  N N   . GLU A 1 48  ? -20.161 -13.984 -8.939  1.00 101.84 ?  572  GLU A N   1 
ATOM   313  C CA  . GLU A 1 48  ? -20.616 -15.367 -8.814  1.00 99.45  ?  572  GLU A CA  1 
ATOM   314  C C   . GLU A 1 48  ? -20.129 -16.037 -7.537  1.00 99.72  ?  572  GLU A C   1 
ATOM   315  O O   . GLU A 1 48  ? -20.897 -16.205 -6.590  1.00 100.33 ?  572  GLU A O   1 
ATOM   316  C CB  . GLU A 1 48  ? -20.149 -16.182 -10.025 1.00 97.94  ?  572  GLU A CB  1 
ATOM   317  N N   . TYR A 1 49  ? -18.845 -16.370 -7.490  1.00 96.57  ?  573  TYR A N   1 
ATOM   318  C CA  . TYR A 1 49  ? -18.304 -17.113 -6.358  1.00 95.24  ?  573  TYR A CA  1 
ATOM   319  C C   . TYR A 1 49  ? -17.663 -16.213 -5.275  1.00 97.98  ?  573  TYR A C   1 
ATOM   320  O O   . TYR A 1 49  ? -17.108 -16.706 -4.288  1.00 90.67  ?  573  TYR A O   1 
ATOM   321  C CB  . TYR A 1 49  ? -17.329 -18.183 -6.857  1.00 92.88  ?  573  TYR A CB  1 
ATOM   322  N N   . GLU A 1 50  ? -17.748 -14.897 -5.459  1.00 99.17  ?  574  GLU A N   1 
ATOM   323  C CA  . GLU A 1 50  ? -17.132 -13.941 -4.534  1.00 91.67  ?  574  GLU A CA  1 
ATOM   324  C C   . GLU A 1 50  ? -17.730 -13.958 -3.128  1.00 95.36  ?  574  GLU A C   1 
ATOM   325  O O   . GLU A 1 50  ? -18.872 -14.373 -2.931  1.00 99.72  ?  574  GLU A O   1 
ATOM   326  C CB  . GLU A 1 50  ? -17.211 -12.526 -5.092  1.00 92.20  ?  574  GLU A CB  1 
ATOM   327  C CG  . GLU A 1 50  ? -16.287 -12.278 -6.251  1.00 94.38  ?  574  GLU A CG  1 
ATOM   328  C CD  . GLU A 1 50  ? -16.107 -10.806 -6.523  1.00 93.15  ?  574  GLU A CD  1 
ATOM   329  O OE1 . GLU A 1 50  ? -16.880 -10.013 -5.950  1.00 92.93  ?  574  GLU A OE1 1 
ATOM   330  O OE2 . GLU A 1 50  ? -15.196 -10.444 -7.298  1.00 90.39  -1 574  GLU A OE2 1 
ATOM   331  N N   . ILE A 1 51  ? -16.950 -13.484 -2.158  1.00 92.70  ?  575  ILE A N   1 
ATOM   332  C CA  . ILE A 1 51  ? -17.295 -13.617 -0.741  1.00 92.55  ?  575  ILE A CA  1 
ATOM   333  C C   . ILE A 1 51  ? -17.175 -12.325 0.077   1.00 90.46  ?  575  ILE A C   1 
ATOM   334  O O   . ILE A 1 51  ? -16.161 -11.635 0.030   1.00 89.98  ?  575  ILE A O   1 
ATOM   335  C CB  . ILE A 1 51  ? -16.452 -14.720 -0.084  1.00 88.30  ?  575  ILE A CB  1 
ATOM   336  C CG1 . ILE A 1 51  ? -16.906 -16.078 -0.612  1.00 86.61  ?  575  ILE A CG1 1 
ATOM   337  C CG2 . ILE A 1 51  ? -16.566 -14.658 1.435   1.00 80.78  ?  575  ILE A CG2 1 
ATOM   338  C CD1 . ILE A 1 51  ? -15.914 -17.158 -0.420  1.00 87.15  ?  575  ILE A CD1 1 
ATOM   339  N N   . ASP A 1 52  ? -18.223 -12.009 0.829   1.00 90.80  ?  576  ASP A N   1 
ATOM   340  C CA  . ASP A 1 52  ? -18.221 -10.810 1.644   1.00 90.94  ?  576  ASP A CA  1 
ATOM   341  C C   . ASP A 1 52  ? -17.334 -11.048 2.867   1.00 91.73  ?  576  ASP A C   1 
ATOM   342  O O   . ASP A 1 52  ? -17.555 -11.996 3.630   1.00 86.60  ?  576  ASP A O   1 
ATOM   343  C CB  . ASP A 1 52  ? -19.649 -10.458 2.067   1.00 95.64  ?  576  ASP A CB  1 
ATOM   344  C CG  . ASP A 1 52  ? -19.755 -9.066  2.673   1.00 99.82  ?  576  ASP A CG  1 
ATOM   345  O OD1 . ASP A 1 52  ? -19.332 -8.885  3.839   1.00 97.98  -1 576  ASP A OD1 1 
ATOM   346  O OD2 . ASP A 1 52  ? -20.255 -8.150  1.980   1.00 101.13 ?  576  ASP A OD2 1 
ATOM   347  N N   . GLY A 1 53  ? -16.323 -10.190 3.034   1.00 88.51  ?  577  GLY A N   1 
ATOM   348  C CA  . GLY A 1 53  ? -15.383 -10.304 4.136   1.00 88.05  ?  577  GLY A CA  1 
ATOM   349  C C   . GLY A 1 53  ? -14.149 -11.129 3.810   1.00 88.00  ?  577  GLY A C   1 
ATOM   350  O O   . GLY A 1 53  ? -13.324 -11.394 4.686   1.00 88.14  ?  577  GLY A O   1 
ATOM   351  N N   . ARG A 1 54  ? -14.043 -11.559 2.554   1.00 87.30  ?  578  ARG A N   1 
ATOM   352  C CA  . ARG A 1 54  ? -12.843 -12.226 2.047   1.00 84.63  ?  578  ARG A CA  1 
ATOM   353  C C   . ARG A 1 54  ? -12.307 -11.420 0.866   1.00 86.22  ?  578  ARG A C   1 
ATOM   354  O O   . ARG A 1 54  ? -11.260 -10.777 0.965   1.00 84.61  ?  578  ARG A O   1 
ATOM   355  C CB  . ARG A 1 54  ? -13.153 -13.656 1.615   1.00 81.97  ?  578  ARG A CB  1 
ATOM   356  C CG  . ARG A 1 54  ? -11.977 -14.415 1.030   1.00 82.45  ?  578  ARG A CG  1 
ATOM   357  C CD  . ARG A 1 54  ? -11.770 -15.734 1.761   1.00 80.86  ?  578  ARG A CD  1 
ATOM   358  N NE  . ARG A 1 54  ? -10.726 -16.539 1.140   1.00 85.20  ?  578  ARG A NE  1 
ATOM   359  C CZ  . ARG A 1 54  ? -10.360 -17.748 1.555   1.00 89.76  ?  578  ARG A CZ  1 
ATOM   360  N NH1 . ARG A 1 54  ? -10.956 -18.307 2.604   1.00 87.24  ?  578  ARG A NH1 1 
ATOM   361  N NH2 . ARG A 1 54  ? -9.390  -18.403 0.924   1.00 91.09  ?  578  ARG A NH2 1 
ATOM   362  N N   . ASP A 1 55  ? -13.032 -11.439 -0.247  1.00 87.44  ?  579  ASP A N   1 
ATOM   363  C CA  . ASP A 1 55  ? -12.688 -10.590 -1.381  1.00 88.12  ?  579  ASP A CA  1 
ATOM   364  C C   . ASP A 1 55  ? -12.872 -9.111  -1.031  1.00 90.72  ?  579  ASP A C   1 
ATOM   365  O O   . ASP A 1 55  ? -11.935 -8.323  -1.131  1.00 94.20  ?  579  ASP A O   1 
ATOM   366  C CB  . ASP A 1 55  ? -13.506 -10.957 -2.623  1.00 87.96  ?  579  ASP A CB  1 
ATOM   367  C CG  . ASP A 1 55  ? -13.296 -12.402 -3.058  1.00 92.70  ?  579  ASP A CG  1 
ATOM   368  O OD1 . ASP A 1 55  ? -12.524 -13.134 -2.398  1.00 92.28  ?  579  ASP A OD1 1 
ATOM   369  O OD2 . ASP A 1 55  ? -13.905 -12.808 -4.072  1.00 101.51 -1 579  ASP A OD2 1 
ATOM   370  N N   . TYR A 1 56  ? -14.072 -8.731  -0.610  1.00 90.23  ?  580  TYR A N   1 
ATOM   371  C CA  . TYR A 1 56  ? -14.311 -7.367  -0.157  1.00 88.09  ?  580  TYR A CA  1 
ATOM   372  C C   . TYR A 1 56  ? -15.306 -7.355  1.001   1.00 90.24  ?  580  TYR A C   1 
ATOM   373  O O   . TYR A 1 56  ? -15.930 -8.365  1.313   1.00 90.57  ?  580  TYR A O   1 
ATOM   374  C CB  . TYR A 1 56  ? -14.859 -6.487  -1.283  1.00 86.24  ?  580  TYR A CB  1 
ATOM   375  C CG  . TYR A 1 56  ? -13.973 -6.271  -2.504  1.00 85.74  ?  580  TYR A CG  1 
ATOM   376  C CD1 . TYR A 1 56  ? -13.967 -7.182  -3.563  1.00 88.54  ?  580  TYR A CD1 1 
ATOM   377  C CD2 . TYR A 1 56  ? -13.200 -5.120  -2.638  1.00 84.82  ?  580  TYR A CD2 1 
ATOM   378  C CE1 . TYR A 1 56  ? -13.185 -6.970  -4.699  1.00 81.01  ?  580  TYR A CE1 1 
ATOM   379  C CE2 . TYR A 1 56  ? -12.421 -4.903  -3.774  1.00 77.26  ?  580  TYR A CE2 1 
ATOM   380  C CZ  . TYR A 1 56  ? -12.417 -5.829  -4.795  1.00 75.81  ?  580  TYR A CZ  1 
ATOM   381  O OH  . TYR A 1 56  ? -11.644 -5.619  -5.916  1.00 74.60  ?  580  TYR A OH  1 
ATOM   382  N N   . HIS A 1 57  ? -15.424 -6.211  1.658   1.00 93.79  ?  581  HIS A N   1 
ATOM   383  C CA  . HIS A 1 57  ? -16.638 -5.912  2.401   1.00 93.31  ?  581  HIS A CA  1 
ATOM   384  C C   . HIS A 1 57  ? -17.498 -5.133  1.409   1.00 95.10  ?  581  HIS A C   1 
ATOM   385  O O   . HIS A 1 57  ? -17.154 -4.004  1.050   1.00 93.36  ?  581  HIS A O   1 
ATOM   386  C CB  . HIS A 1 57  ? -16.353 -5.017  3.607   1.00 86.61  ?  581  HIS A CB  1 
ATOM   387  C CG  . HIS A 1 57  ? -15.276 -5.525  4.514   1.00 89.72  ?  581  HIS A CG  1 
ATOM   388  N ND1 . HIS A 1 57  ? -15.536 -6.339  5.598   1.00 91.62  ?  581  HIS A ND1 1 
ATOM   389  C CD2 . HIS A 1 57  ? -13.939 -5.298  4.529   1.00 92.21  ?  581  HIS A CD2 1 
ATOM   390  C CE1 . HIS A 1 57  ? -14.404 -6.608  6.229   1.00 91.45  ?  581  HIS A CE1 1 
ATOM   391  N NE2 . HIS A 1 57  ? -13.420 -5.989  5.600   1.00 94.50  ?  581  HIS A NE2 1 
ATOM   392  N N   . PHE A 1 58  ? -18.602 -5.725  0.951   1.00 96.93  ?  582  PHE A N   1 
ATOM   393  C CA  . PHE A 1 58  ? -19.479 -5.040  -0.008  1.00 99.60  ?  582  PHE A CA  1 
ATOM   394  C C   . PHE A 1 58  ? -20.484 -4.124  0.693   1.00 101.33 ?  582  PHE A C   1 
ATOM   395  O O   . PHE A 1 58  ? -21.148 -4.535  1.651   1.00 102.17 ?  582  PHE A O   1 
ATOM   396  C CB  . PHE A 1 58  ? -20.256 -6.033  -0.878  1.00 96.30  ?  582  PHE A CB  1 
ATOM   397  C CG  . PHE A 1 58  ? -19.400 -7.012  -1.619  1.00 93.18  ?  582  PHE A CG  1 
ATOM   398  C CD1 . PHE A 1 58  ? -19.062 -8.234  -1.046  1.00 93.44  ?  582  PHE A CD1 1 
ATOM   399  C CD2 . PHE A 1 58  ? -18.962 -6.734  -2.902  1.00 95.30  ?  582  PHE A CD2 1 
ATOM   400  C CE1 . PHE A 1 58  ? -18.286 -9.157  -1.737  1.00 91.66  ?  582  PHE A CE1 1 
ATOM   401  C CE2 . PHE A 1 58  ? -18.180 -7.649  -3.593  1.00 90.42  ?  582  PHE A CE2 1 
ATOM   402  C CZ  . PHE A 1 58  ? -17.847 -8.863  -3.013  1.00 85.98  ?  582  PHE A CZ  1 
ATOM   403  N N   . VAL A 1 59  ? -20.604 -2.892  0.204   1.00 101.93 ?  583  VAL A N   1 
ATOM   404  C CA  . VAL A 1 59  ? -21.587 -1.951  0.736   1.00 104.76 ?  583  VAL A CA  1 
ATOM   405  C C   . VAL A 1 59  ? -22.700 -1.667  -0.284  1.00 111.82 ?  583  VAL A C   1 
ATOM   406  O O   . VAL A 1 59  ? -22.444 -1.205  -1.400  1.00 112.14 ?  583  VAL A O   1 
ATOM   407  C CB  . VAL A 1 59  ? -20.930 -0.640  1.224   1.00 107.09 ?  583  VAL A CB  1 
ATOM   408  C CG1 . VAL A 1 59  ? -21.995 0.381   1.633   1.00 112.41 ?  583  VAL A CG1 1 
ATOM   409  C CG2 . VAL A 1 59  ? -19.988 -0.923  2.389   1.00 104.79 ?  583  VAL A CG2 1 
ATOM   410  N N   . SER A 1 60  ? -23.934 -1.961  0.124   1.00 111.55 ?  584  SER A N   1 
ATOM   411  C CA  . SER A 1 60  ? -25.119 -1.876  -0.728  1.00 107.87 ?  584  SER A CA  1 
ATOM   412  C C   . SER A 1 60  ? -25.430 -0.453  -1.187  1.00 109.64 ?  584  SER A C   1 
ATOM   413  O O   . SER A 1 60  ? -25.721 -0.204  -2.363  1.00 108.55 ?  584  SER A O   1 
ATOM   414  C CB  . SER A 1 60  ? -26.305 -2.419  0.054   1.00 105.49 ?  584  SER A CB  1 
ATOM   415  O OG  . SER A 1 60  ? -26.305 -1.869  1.365   1.00 107.30 ?  584  SER A OG  1 
ATOM   416  N N   . SER A 1 61  ? -25.382 0.475   -0.240  1.00 108.40 ?  585  SER A N   1 
ATOM   417  C CA  . SER A 1 61  ? -25.669 1.869   -0.528  1.00 111.53 ?  585  SER A CA  1 
ATOM   418  C C   . SER A 1 61  ? -24.406 2.635   -0.896  1.00 113.61 ?  585  SER A C   1 
ATOM   419  O O   . SER A 1 61  ? -23.450 2.662   -0.119  1.00 112.76 ?  585  SER A O   1 
ATOM   420  C CB  . SER A 1 61  ? -26.306 2.526   0.689   1.00 110.30 ?  585  SER A CB  1 
ATOM   421  O OG  . SER A 1 61  ? -26.131 3.929   0.632   1.00 112.24 ?  585  SER A OG  1 
ATOM   422  N N   . ARG A 1 62  ? -24.407 3.275   -2.065  1.00 115.61 ?  586  ARG A N   1 
ATOM   423  C CA  . ARG A 1 62  ? -23.309 4.162   -2.437  1.00 113.30 ?  586  ARG A CA  1 
ATOM   424  C C   . ARG A 1 62  ? -23.242 5.329   -1.443  1.00 117.49 ?  586  ARG A C   1 
ATOM   425  O O   . ARG A 1 62  ? -22.194 5.954   -1.276  1.00 119.18 ?  586  ARG A O   1 
ATOM   426  C CB  . ARG A 1 62  ? -23.448 4.678   -3.883  1.00 115.48 ?  586  ARG A CB  1 
ATOM   427  C CG  . ARG A 1 62  ? -24.209 6.012   -4.028  1.00 121.31 ?  586  ARG A CG  1 
ATOM   428  C CD  . ARG A 1 62  ? -25.682 5.841   -4.460  1.00 118.87 ?  586  ARG A CD  1 
ATOM   429  N NE  . ARG A 1 62  ? -26.312 4.653   -3.884  1.00 116.13 ?  586  ARG A NE  1 
ATOM   430  C CZ  . ARG A 1 62  ? -26.525 3.522   -4.555  1.00 114.97 ?  586  ARG A CZ  1 
ATOM   431  N NH1 . ARG A 1 62  ? -26.173 3.425   -5.831  1.00 115.84 ?  586  ARG A NH1 1 
ATOM   432  N NH2 . ARG A 1 62  ? -27.092 2.489   -3.949  1.00 111.74 ?  586  ARG A NH2 1 
ATOM   433  N N   . GLU A 1 63  ? -24.360 5.614   -0.777  1.00 116.21 ?  587  GLU A N   1 
ATOM   434  C CA  . GLU A 1 63  ? -24.409 6.688   0.217   1.00 116.85 ?  587  GLU A CA  1 
ATOM   435  C C   . GLU A 1 63  ? -23.850 6.272   1.588   1.00 114.77 ?  587  GLU A C   1 
ATOM   436  O O   . GLU A 1 63  ? -23.117 7.033   2.224   1.00 111.70 ?  587  GLU A O   1 
ATOM   437  C CB  . GLU A 1 63  ? -25.836 7.237   0.351   1.00 114.36 ?  587  GLU A CB  1 
ATOM   438  N N   . LYS A 1 64  ? -24.199 5.064   2.032   1.00 116.05 ?  588  LYS A N   1 
ATOM   439  C CA  . LYS A 1 64  ? -23.718 4.537   3.309   1.00 113.78 ?  588  LYS A CA  1 
ATOM   440  C C   . LYS A 1 64  ? -22.201 4.562   3.319   1.00 114.15 ?  588  LYS A C   1 
ATOM   441  O O   . LYS A 1 64  ? -21.580 4.859   4.343   1.00 115.47 ?  588  LYS A O   1 
ATOM   442  C CB  . LYS A 1 64  ? -24.217 3.104   3.535   1.00 111.69 ?  588  LYS A CB  1 
ATOM   443  N N   . MET A 1 65  ? -21.615 4.251   2.165   1.00 111.34 ?  589  MET A N   1 
ATOM   444  C CA  . MET A 1 65  ? -20.178 4.347   1.983   1.00 110.77 ?  589  MET A CA  1 
ATOM   445  C C   . MET A 1 65  ? -19.754 5.782   2.232   1.00 111.62 ?  589  MET A C   1 
ATOM   446  O O   . MET A 1 65  ? -18.979 6.048   3.149   1.00 113.29 ?  589  MET A O   1 
ATOM   447  C CB  . MET A 1 65  ? -19.796 3.933   0.561   1.00 111.43 ?  589  MET A CB  1 
ATOM   448  C CG  . MET A 1 65  ? -18.296 3.795   0.290   1.00 109.35 ?  589  MET A CG  1 
ATOM   449  S SD  . MET A 1 65  ? -17.531 2.266   0.905   1.00 118.97 ?  589  MET A SD  1 
ATOM   450  C CE  . MET A 1 65  ? -15.981 2.278   -0.010  1.00 100.79 ?  589  MET A CE  1 
ATOM   451  N N   . GLU A 1 66  ? -20.305 6.706   1.447   1.00 108.58 ?  590  GLU A N   1 
ATOM   452  C CA  . GLU A 1 66  ? -19.957 8.116   1.560   1.00 108.36 ?  590  GLU A CA  1 
ATOM   453  C C   . GLU A 1 66  ? -20.165 8.632   2.982   1.00 111.26 ?  590  GLU A C   1 
ATOM   454  O O   . GLU A 1 66  ? -19.463 9.540   3.439   1.00 108.49 ?  590  GLU A O   1 
ATOM   455  C CB  . GLU A 1 66  ? -20.768 8.938   0.572   1.00 106.02 ?  590  GLU A CB  1 
ATOM   456  C CG  . GLU A 1 66  ? -20.457 8.618   -0.862  1.00 109.09 ?  590  GLU A CG  1 
ATOM   457  C CD  . GLU A 1 66  ? -21.614 8.948   -1.783  1.00 117.92 ?  590  GLU A CD  1 
ATOM   458  O OE1 . GLU A 1 66  ? -22.413 9.839   -1.427  1.00 116.85 ?  590  GLU A OE1 1 
ATOM   459  O OE2 . GLU A 1 66  ? -21.736 8.309   -2.856  1.00 120.69 -1 590  GLU A OE2 1 
ATOM   460  N N   . LYS A 1 67  ? -21.126 8.034   3.680   1.00 111.44 ?  591  LYS A N   1 
ATOM   461  C CA  . LYS A 1 67  ? -21.367 8.358   5.079   1.00 111.94 ?  591  LYS A CA  1 
ATOM   462  C C   . LYS A 1 67  ? -20.210 7.850   5.927   1.00 113.58 ?  591  LYS A C   1 
ATOM   463  O O   . LYS A 1 67  ? -19.717 8.557   6.812   1.00 113.66 ?  591  LYS A O   1 
ATOM   464  C CB  . LYS A 1 67  ? -22.688 7.751   5.562   1.00 111.42 ?  591  LYS A CB  1 
ATOM   465  N N   . ASP A 1 68  ? -19.771 6.626   5.651   1.00 110.90 ?  592  ASP A N   1 
ATOM   466  C CA  . ASP A 1 68  ? -18.656 6.039   6.385   1.00 109.63 ?  592  ASP A CA  1 
ATOM   467  C C   . ASP A 1 68  ? -17.355 6.790   6.081   1.00 111.99 ?  592  ASP A C   1 
ATOM   468  O O   . ASP A 1 68  ? -16.506 6.981   6.965   1.00 110.38 ?  592  ASP A O   1 
ATOM   469  C CB  . ASP A 1 68  ? -18.525 4.557   6.045   1.00 107.97 ?  592  ASP A CB  1 
ATOM   470  N N   . ILE A 1 69  ? -17.224 7.226   4.830   1.00 110.21 ?  593  ILE A N   1 
ATOM   471  C CA  . ILE A 1 69  ? -16.061 7.979   4.371   1.00 109.42 ?  593  ILE A CA  1 
ATOM   472  C C   . ILE A 1 69  ? -15.784 9.219   5.196   1.00 111.54 ?  593  ILE A C   1 
ATOM   473  O O   . ILE A 1 69  ? -14.795 9.283   5.923   1.00 111.55 ?  593  ILE A O   1 
ATOM   474  C CB  . ILE A 1 69  ? -16.257 8.481   2.929   1.00 111.23 ?  593  ILE A CB  1 
ATOM   475  C CG1 . ILE A 1 69  ? -16.468 7.313   1.964   1.00 106.99 ?  593  ILE A CG1 1 
ATOM   476  C CG2 . ILE A 1 69  ? -15.076 9.356   2.501   1.00 109.72 ?  593  ILE A CG2 1 
ATOM   477  C CD1 . ILE A 1 69  ? -15.379 6.275   2.004   1.00 103.55 ?  593  ILE A CD1 1 
ATOM   478  N N   . GLN A 1 70  ? -16.670 10.205  5.063   1.00 114.40 ?  594  GLN A N   1 
ATOM   479  C CA  . GLN A 1 70  ? -16.476 11.529  5.650   1.00 114.18 ?  594  GLN A CA  1 
ATOM   480  C C   . GLN A 1 70  ? -16.388 11.443  7.168   1.00 110.21 ?  594  GLN A C   1 
ATOM   481  O O   . GLN A 1 70  ? -15.790 12.300  7.815   1.00 110.65 ?  594  GLN A O   1 
ATOM   482  C CB  . GLN A 1 70  ? -17.593 12.485  5.210   1.00 114.83 ?  594  GLN A CB  1 
ATOM   483  C CG  . GLN A 1 70  ? -17.232 13.415  4.036   1.00 116.60 ?  594  GLN A CG  1 
ATOM   484  C CD  . GLN A 1 70  ? -17.256 12.732  2.662   1.00 116.89 ?  594  GLN A CD  1 
ATOM   485  O OE1 . GLN A 1 70  ? -17.642 11.565  2.527   1.00 112.30 ?  594  GLN A OE1 1 
ATOM   486  N NE2 . GLN A 1 70  ? -16.846 13.475  1.633   1.00 112.50 ?  594  GLN A NE2 1 
ATOM   487  N N   . ALA A 1 71  ? -16.958 10.377  7.718   1.00 110.78 ?  595  ALA A N   1 
ATOM   488  C CA  . ALA A 1 71  ? -16.809 10.052  9.132   1.00 110.02 ?  595  ALA A CA  1 
ATOM   489  C C   . ALA A 1 71  ? -15.392 9.577   9.424   1.00 110.85 ?  595  ALA A C   1 
ATOM   490  O O   . ALA A 1 71  ? -15.073 9.257   10.568  1.00 104.85 ?  595  ALA A O   1 
ATOM   491  C CB  . ALA A 1 71  ? -17.809 8.991   9.542   1.00 109.88 ?  595  ALA A CB  1 
ATOM   492  N N   . HIS A 1 72  ? -14.574 9.481   8.371   1.00 114.06 ?  596  HIS A N   1 
ATOM   493  C CA  . HIS A 1 72  ? -13.155 9.141   8.494   1.00 110.14 ?  596  HIS A CA  1 
ATOM   494  C C   . HIS A 1 72  ? -12.852 7.659   8.673   1.00 108.41 ?  596  HIS A C   1 
ATOM   495  O O   . HIS A 1 72  ? -11.709 7.290   8.926   1.00 109.80 ?  596  HIS A O   1 
ATOM   496  C CB  . HIS A 1 72  ? -12.424 10.022  9.509   1.00 114.69 ?  596  HIS A CB  1 
ATOM   497  C CG  . HIS A 1 72  ? -11.873 11.277  8.909   1.00 118.73 ?  596  HIS A CG  1 
ATOM   498  N ND1 . HIS A 1 72  ? -12.002 11.574  7.568   1.00 118.89 ?  596  HIS A ND1 1 
ATOM   499  C CD2 . HIS A 1 72  ? -11.182 12.305  9.460   1.00 113.66 ?  596  HIS A CD2 1 
ATOM   500  C CE1 . HIS A 1 72  ? -11.417 12.732  7.319   1.00 122.04 ?  596  HIS A CE1 1 
ATOM   501  N NE2 . HIS A 1 72  ? -10.913 13.197  8.449   1.00 119.45 ?  596  HIS A NE2 1 
ATOM   502  N N   . LYS A 1 73  ? -13.887 6.828   8.608   1.00 106.73 ?  597  LYS A N   1 
ATOM   503  C CA  . LYS A 1 73  ? -13.732 5.377   8.710   1.00 103.10 ?  597  LYS A CA  1 
ATOM   504  C C   . LYS A 1 73  ? -12.748 4.736   7.693   1.00 102.27 ?  597  LYS A C   1 
ATOM   505  O O   . LYS A 1 73  ? -12.332 3.583   7.874   1.00 98.46  ?  597  LYS A O   1 
ATOM   506  C CB  . LYS A 1 73  ? -15.101 4.697   8.635   1.00 101.88 ?  597  LYS A CB  1 
ATOM   507  N N   . PHE A 1 74  ? -12.389 5.462   6.631   1.00 100.21 ?  598  PHE A N   1 
ATOM   508  C CA  . PHE A 1 74  ? -11.435 4.945   5.637   1.00 97.26  ?  598  PHE A CA  1 
ATOM   509  C C   . PHE A 1 74  ? -10.121 5.733   5.491   1.00 94.25  ?  598  PHE A C   1 
ATOM   510  O O   . PHE A 1 74  ? -10.136 6.957   5.324   1.00 95.22  ?  598  PHE A O   1 
ATOM   511  C CB  . PHE A 1 74  ? -12.099 4.866   4.267   1.00 93.60  ?  598  PHE A CB  1 
ATOM   512  C CG  . PHE A 1 74  ? -13.215 3.886   4.199   1.00 95.75  ?  598  PHE A CG  1 
ATOM   513  C CD1 . PHE A 1 74  ? -14.493 4.242   4.606   1.00 101.72 ?  598  PHE A CD1 1 
ATOM   514  C CD2 . PHE A 1 74  ? -12.993 2.605   3.729   1.00 93.11  ?  598  PHE A CD2 1 
ATOM   515  C CE1 . PHE A 1 74  ? -15.537 3.332   4.536   1.00 100.58 ?  598  PHE A CE1 1 
ATOM   516  C CE2 . PHE A 1 74  ? -14.026 1.687   3.660   1.00 95.06  ?  598  PHE A CE2 1 
ATOM   517  C CZ  . PHE A 1 74  ? -15.304 2.051   4.066   1.00 97.90  ?  598  PHE A CZ  1 
ATOM   518  N N   . ILE A 1 75  ? -8.991  5.021   5.508   1.00 91.55  ?  599  ILE A N   1 
ATOM   519  C CA  . ILE A 1 75  ? -7.678  5.660   5.332   1.00 91.27  ?  599  ILE A CA  1 
ATOM   520  C C   . ILE A 1 75  ? -7.418  6.086   3.892   1.00 86.14  ?  599  ILE A C   1 
ATOM   521  O O   . ILE A 1 75  ? -6.648  7.013   3.629   1.00 86.30  ?  599  ILE A O   1 
ATOM   522  C CB  . ILE A 1 75  ? -6.493  4.776   5.802   1.00 85.69  ?  599  ILE A CB  1 
ATOM   523  C CG1 . ILE A 1 75  ? -6.476  3.444   5.058   1.00 86.19  ?  599  ILE A CG1 1 
ATOM   524  C CG2 . ILE A 1 75  ? -6.521  4.574   7.305   1.00 84.69  ?  599  ILE A CG2 1 
ATOM   525  C CD1 . ILE A 1 75  ? -5.236  2.635   5.322   1.00 78.94  ?  599  ILE A CD1 1 
ATOM   526  N N   . GLU A 1 76  ? -8.031  5.382   2.954   1.00 88.18  ?  600  GLU A N   1 
ATOM   527  C CA  . GLU A 1 76  ? -8.029  5.826   1.573   1.00 86.11  ?  600  GLU A CA  1 
ATOM   528  C C   . GLU A 1 76  ? -9.279  5.280   0.932   1.00 84.08  ?  600  GLU A C   1 
ATOM   529  O O   . GLU A 1 76  ? -9.755  4.212   1.311   1.00 82.13  ?  600  GLU A O   1 
ATOM   530  C CB  . GLU A 1 76  ? -6.782  5.343   0.822   1.00 84.96  ?  600  GLU A CB  1 
ATOM   531  C CG  . GLU A 1 76  ? -6.633  5.983   -0.564  1.00 91.03  ?  600  GLU A CG  1 
ATOM   532  C CD  . GLU A 1 76  ? -5.376  5.550   -1.329  1.00 91.26  ?  600  GLU A CD  1 
ATOM   533  O OE1 . GLU A 1 76  ? -4.548  6.429   -1.672  1.00 94.46  ?  600  GLU A OE1 1 
ATOM   534  O OE2 . GLU A 1 76  ? -5.228  4.339   -1.608  1.00 88.77  -1 600  GLU A OE2 1 
ATOM   535  N N   . ALA A 1 77  ? -9.813  6.024   -0.027  1.00 83.64  ?  601  ALA A N   1 
ATOM   536  C CA  . ALA A 1 77  ? -10.975 5.582   -0.772  1.00 85.72  ?  601  ALA A CA  1 
ATOM   537  C C   . ALA A 1 77  ? -11.004 6.296   -2.120  1.00 89.14  ?  601  ALA A C   1 
ATOM   538  O O   . ALA A 1 77  ? -10.386 7.356   -2.254  1.00 90.47  ?  601  ALA A O   1 
ATOM   539  C CB  . ALA A 1 77  ? -12.221 5.866   0.016   1.00 88.39  ?  601  ALA A CB  1 
ATOM   540  N N   . GLY A 1 78  ? -11.709 5.723   -3.109  1.00 88.81  ?  602  GLY A N   1 
ATOM   541  C CA  . GLY A 1 78  ? -11.737 6.265   -4.468  1.00 90.85  ?  602  GLY A CA  1 
ATOM   542  C C   . GLY A 1 78  ? -12.674 5.589   -5.473  1.00 98.25  ?  602  GLY A C   1 
ATOM   543  O O   . GLY A 1 78  ? -13.332 4.592   -5.147  1.00 100.37 ?  602  GLY A O   1 
ATOM   544  N N   . GLN A 1 79  ? -12.725 6.117   -6.701  1.00 94.82  ?  603  GLN A N   1 
ATOM   545  C CA  . GLN A 1 79  ? -13.696 5.663   -7.713  1.00 97.60  ?  603  GLN A CA  1 
ATOM   546  C C   . GLN A 1 79  ? -13.119 4.851   -8.884  1.00 98.02  ?  603  GLN A C   1 
ATOM   547  O O   . GLN A 1 79  ? -12.174 5.278   -9.555  1.00 94.22  ?  603  GLN A O   1 
ATOM   548  C CB  . GLN A 1 79  ? -14.506 6.855   -8.263  1.00 102.83 ?  603  GLN A CB  1 
ATOM   549  C CG  . GLN A 1 79  ? -15.018 6.668   -9.703  1.00 102.17 ?  603  GLN A CG  1 
ATOM   550  C CD  . GLN A 1 79  ? -16.450 7.138   -9.897  1.00 103.70 ?  603  GLN A CD  1 
ATOM   551  O OE1 . GLN A 1 79  ? -17.101 7.599   -8.957  1.00 100.54 ?  603  GLN A OE1 1 
ATOM   552  N NE2 . GLN A 1 79  ? -16.949 7.018   -11.123 1.00 106.96 ?  603  GLN A NE2 1 
ATOM   553  N N   . TYR A 1 80  ? -13.704 3.682   -9.133  1.00 97.93  ?  604  TYR A N   1 
ATOM   554  C CA  . TYR A 1 80  ? -13.371 2.917   -10.334 1.00 100.26 ?  604  TYR A CA  1 
ATOM   555  C C   . TYR A 1 80  ? -14.592 2.281   -10.982 1.00 101.81 ?  604  TYR A C   1 
ATOM   556  O O   . TYR A 1 80  ? -15.359 1.583   -10.309 1.00 102.81 ?  604  TYR A O   1 
ATOM   557  C CB  . TYR A 1 80  ? -12.331 1.834   -10.041 1.00 97.19  ?  604  TYR A CB  1 
ATOM   558  C CG  . TYR A 1 80  ? -12.111 0.888   -11.210 1.00 98.02  ?  604  TYR A CG  1 
ATOM   559  C CD1 . TYR A 1 80  ? -11.562 1.344   -12.407 1.00 94.38  ?  604  TYR A CD1 1 
ATOM   560  C CD2 . TYR A 1 80  ? -12.458 -0.463  -11.117 1.00 95.77  ?  604  TYR A CD2 1 
ATOM   561  C CE1 . TYR A 1 80  ? -11.367 0.483   -13.474 1.00 91.44  ?  604  TYR A CE1 1 
ATOM   562  C CE2 . TYR A 1 80  ? -12.265 -1.328  -12.178 1.00 89.76  ?  604  TYR A CE2 1 
ATOM   563  C CZ  . TYR A 1 80  ? -11.721 -0.852  -13.355 1.00 93.49  ?  604  TYR A CZ  1 
ATOM   564  O OH  . TYR A 1 80  ? -11.525 -1.714  -14.417 1.00 96.79  ?  604  TYR A OH  1 
ATOM   565  N N   . ASN A 1 81  ? -14.745 2.515   -12.288 1.00 100.26 ?  605  ASN A N   1 
ATOM   566  C CA  . ASN A 1 81  ? -15.833 1.931   -13.066 1.00 103.30 ?  605  ASN A CA  1 
ATOM   567  C C   . ASN A 1 81  ? -17.183 2.341   -12.482 1.00 106.93 ?  605  ASN A C   1 
ATOM   568  O O   . ASN A 1 81  ? -18.102 1.522   -12.364 1.00 105.98 ?  605  ASN A O   1 
ATOM   569  C CB  . ASN A 1 81  ? -15.700 0.406   -13.104 1.00 100.30 ?  605  ASN A CB  1 
ATOM   570  C CG  . ASN A 1 81  ? -16.343 -0.210  -14.330 1.00 102.04 ?  605  ASN A CG  1 
ATOM   571  O OD1 . ASN A 1 81  ? -16.181 0.281   -15.451 1.00 99.29  ?  605  ASN A OD1 1 
ATOM   572  N ND2 . ASN A 1 81  ? -17.079 -1.298  -14.123 1.00 106.38 ?  605  ASN A ND2 1 
ATOM   573  N N   . SER A 1 82  ? -17.273 3.618   -12.111 1.00 106.64 ?  606  SER A N   1 
ATOM   574  C CA  . SER A 1 82  ? -18.436 4.191   -11.430 1.00 107.50 ?  606  SER A CA  1 
ATOM   575  C C   . SER A 1 82  ? -18.897 3.361   -10.227 1.00 107.81 ?  606  SER A C   1 
ATOM   576  O O   . SER A 1 82  ? -20.092 3.253   -9.945  1.00 115.89 ?  606  SER A O   1 
ATOM   577  C CB  . SER A 1 82  ? -19.589 4.495   -12.411 1.00 111.55 ?  606  SER A CB  1 
ATOM   578  O OG  . SER A 1 82  ? -20.094 3.329   -13.041 1.00 112.27 ?  606  SER A OG  1 
ATOM   579  N N   . HIS A 1 83  ? -17.932 2.777   -9.526  1.00 105.61 ?  607  HIS A N   1 
ATOM   580  C CA  . HIS A 1 83  ? -18.183 2.126   -8.244  1.00 104.98 ?  607  HIS A CA  1 
ATOM   581  C C   . HIS A 1 83  ? -17.171 2.661   -7.244  1.00 103.69 ?  607  HIS A C   1 
ATOM   582  O O   . HIS A 1 83  ? -16.200 3.306   -7.634  1.00 103.69 ?  607  HIS A O   1 
ATOM   583  C CB  . HIS A 1 83  ? -18.081 0.607   -8.367  1.00 103.29 ?  607  HIS A CB  1 
ATOM   584  C CG  . HIS A 1 83  ? -19.181 -0.002  -9.179  1.00 109.38 ?  607  HIS A CG  1 
ATOM   585  N ND1 . HIS A 1 83  ? -20.451 -0.199  -8.679  1.00 110.30 ?  607  HIS A ND1 1 
ATOM   586  C CD2 . HIS A 1 83  ? -19.206 -0.451  -10.458 1.00 108.65 ?  607  HIS A CD2 1 
ATOM   587  C CE1 . HIS A 1 83  ? -21.210 -0.745  -9.613  1.00 108.73 ?  607  HIS A CE1 1 
ATOM   588  N NE2 . HIS A 1 83  ? -20.479 -0.908  -10.702 1.00 110.96 ?  607  HIS A NE2 1 
ATOM   589  N N   . LEU A 1 84  ? -17.393 2.412   -5.959  1.00 101.06 ?  608  LEU A N   1 
ATOM   590  C CA  . LEU A 1 84  ? -16.470 2.913   -4.945  1.00 97.94  ?  608  LEU A CA  1 
ATOM   591  C C   . LEU A 1 84  ? -15.664 1.802   -4.269  1.00 98.83  ?  608  LEU A C   1 
ATOM   592  O O   . LEU A 1 84  ? -16.114 0.651   -4.196  1.00 95.69  ?  608  LEU A O   1 
ATOM   593  C CB  . LEU A 1 84  ? -17.209 3.748   -3.897  1.00 102.50 ?  608  LEU A CB  1 
ATOM   594  C CG  . LEU A 1 84  ? -17.959 4.981   -4.405  1.00 102.57 ?  608  LEU A CG  1 
ATOM   595  C CD1 . LEU A 1 84  ? -18.461 5.845   -3.243  1.00 102.92 ?  608  LEU A CD1 1 
ATOM   596  C CD2 . LEU A 1 84  ? -17.078 5.784   -5.348  1.00 99.64  ?  608  LEU A CD2 1 
ATOM   597  N N   . TYR A 1 85  ? -14.465 2.170   -3.803  1.00 95.78  ?  609  TYR A N   1 
ATOM   598  C CA  . TYR A 1 85  ? -13.528 1.267   -3.129  1.00 90.07  ?  609  TYR A CA  1 
ATOM   599  C C   . TYR A 1 85  ? -12.837 1.980   -1.977  1.00 86.22  ?  609  TYR A C   1 
ATOM   600  O O   . TYR A 1 85  ? -12.519 3.164   -2.069  1.00 81.69  ?  609  TYR A O   1 
ATOM   601  C CB  . TYR A 1 85  ? -12.442 0.782   -4.094  1.00 90.59  ?  609  TYR A CB  1 
ATOM   602  C CG  . TYR A 1 85  ? -12.935 -0.020  -5.280  1.00 87.86  ?  609  TYR A CG  1 
ATOM   603  C CD1 . TYR A 1 85  ? -13.414 0.612   -6.417  1.00 91.53  ?  609  TYR A CD1 1 
ATOM   604  C CD2 . TYR A 1 85  ? -12.907 -1.411  -5.266  1.00 85.44  ?  609  TYR A CD2 1 
ATOM   605  C CE1 . TYR A 1 85  ? -13.859 -0.110  -7.501  1.00 93.01  ?  609  TYR A CE1 1 
ATOM   606  C CE2 . TYR A 1 85  ? -13.350 -2.144  -6.348  1.00 86.32  ?  609  TYR A CE2 1 
ATOM   607  C CZ  . TYR A 1 85  ? -13.825 -1.484  -7.466  1.00 89.10  ?  609  TYR A CZ  1 
ATOM   608  O OH  . TYR A 1 85  ? -14.275 -2.191  -8.559  1.00 93.20  ?  609  TYR A OH  1 
ATOM   609  N N   . GLY A 1 86  ? -12.573 1.253   -0.902  1.00 85.55  ?  610  GLY A N   1 
ATOM   610  C CA  . GLY A 1 86  ? -11.883 1.842   0.226   1.00 84.14  ?  610  GLY A CA  1 
ATOM   611  C C   . GLY A 1 86  ? -11.207 0.851   1.155   1.00 85.01  ?  610  GLY A C   1 
ATOM   612  O O   . GLY A 1 86  ? -11.556 -0.329  1.211   1.00 86.86  ?  610  GLY A O   1 
ATOM   613  N N   . THR A 1 87  ? -10.223 1.343   1.894   1.00 86.26  ?  611  THR A N   1 
ATOM   614  C CA  . THR A 1 87  ? -9.575  0.541   2.914   1.00 86.62  ?  611  THR A CA  1 
ATOM   615  C C   . THR A 1 87  ? -9.916  1.075   4.304   1.00 90.33  ?  611  THR A C   1 
ATOM   616  O O   . THR A 1 87  ? -9.431  2.129   4.725   1.00 87.23  ?  611  THR A O   1 
ATOM   617  C CB  . THR A 1 87  ? -8.061  0.550   2.723   1.00 85.83  ?  611  THR A CB  1 
ATOM   618  O OG1 . THR A 1 87  ? -7.759  0.174   1.375   1.00 81.45  ?  611  THR A OG1 1 
ATOM   619  C CG2 . THR A 1 87  ? -7.406  -0.424  3.687   1.00 78.90  ?  611  THR A CG2 1 
ATOM   620  N N   . SER A 1 88  ? -10.744 0.328   5.021   1.00 91.87  ?  612  SER A N   1 
ATOM   621  C CA  . SER A 1 88  ? -11.218 0.775   6.312   1.00 88.02  ?  612  SER A CA  1 
ATOM   622  C C   . SER A 1 88  ? -10.122 0.635   7.346   1.00 86.04  ?  612  SER A C   1 
ATOM   623  O O   . SER A 1 88  ? -9.357  -0.328  7.333   1.00 86.19  ?  612  SER A O   1 
ATOM   624  C CB  . SER A 1 88  ? -12.403 -0.070  6.746   1.00 89.33  ?  612  SER A CB  1 
ATOM   625  O OG  . SER A 1 88  ? -11.960 -1.376  7.073   1.00 90.12  ?  612  SER A OG  1 
ATOM   626  N N   . VAL A 1 89  ? -10.074 1.599   8.255   1.00 87.64  ?  613  VAL A N   1 
ATOM   627  C CA  . VAL A 1 89  ? -9.244  1.527   9.449   1.00 81.27  ?  613  VAL A CA  1 
ATOM   628  C C   . VAL A 1 89  ? -9.503  0.207   10.161  1.00 84.48  ?  613  VAL A C   1 
ATOM   629  O O   . VAL A 1 89  ? -8.606  -0.401  10.772  1.00 80.64  ?  613  VAL A O   1 
ATOM   630  C CB  . VAL A 1 89  ? -9.599  2.696   10.396  1.00 85.35  ?  613  VAL A CB  1 
ATOM   631  C CG1 . VAL A 1 89  ? -9.009  2.496   11.793  1.00 80.62  ?  613  VAL A CG1 1 
ATOM   632  C CG2 . VAL A 1 89  ? -9.164  4.027   9.789   1.00 82.27  ?  613  VAL A CG2 1 
ATOM   633  N N   . GLN A 1 90  ? -10.742 -0.249  10.066  1.00 86.02  ?  614  GLN A N   1 
ATOM   634  C CA  . GLN A 1 90  ? -11.119 -1.440  10.784  1.00 86.65  ?  614  GLN A CA  1 
ATOM   635  C C   . GLN A 1 90  ? -10.454 -2.680  10.212  1.00 85.95  ?  614  GLN A C   1 
ATOM   636  O O   . GLN A 1 90  ? -9.819  -3.449  10.956  1.00 83.58  ?  614  GLN A O   1 
ATOM   637  C CB  . GLN A 1 90  ? -12.636 -1.600  10.828  1.00 88.21  ?  614  GLN A CB  1 
ATOM   638  C CG  . GLN A 1 90  ? -13.096 -2.602  11.888  1.00 90.45  ?  614  GLN A CG  1 
ATOM   639  C CD  . GLN A 1 90  ? -12.414 -2.401  13.244  1.00 87.73  ?  614  GLN A CD  1 
ATOM   640  O OE1 . GLN A 1 90  ? -12.127 -1.269  13.656  1.00 91.60  ?  614  GLN A OE1 1 
ATOM   641  N NE2 . GLN A 1 90  ? -12.148 -3.507  13.941  1.00 85.47  ?  614  GLN A NE2 1 
ATOM   642  N N   . SER A 1 91  ? -10.585 -2.864  8.898   1.00 86.29  ?  615  SER A N   1 
ATOM   643  C CA  . SER A 1 91  ? -10.068 -4.066  8.249   1.00 84.84  ?  615  SER A CA  1 
ATOM   644  C C   . SER A 1 91  ? -8.583  -4.140  8.490   1.00 76.85  ?  615  SER A C   1 
ATOM   645  O O   . SER A 1 91  ? -8.033  -5.202  8.786   1.00 76.98  ?  615  SER A O   1 
ATOM   646  C CB  . SER A 1 91  ? -10.362 -4.068  6.756   1.00 83.07  ?  615  SER A CB  1 
ATOM   647  O OG  . SER A 1 91  ? -10.187 -5.368  6.212   1.00 83.81  ?  615  SER A OG  1 
ATOM   648  N N   . VAL A 1 92  ? -7.946  -2.987  8.390   1.00 77.25  ?  616  VAL A N   1 
ATOM   649  C CA  . VAL A 1 92  ? -6.551  -2.884  8.752   1.00 76.43  ?  616  VAL A CA  1 
ATOM   650  C C   . VAL A 1 92  ? -6.375  -3.273  10.200  1.00 77.50  ?  616  VAL A C   1 
ATOM   651  O O   . VAL A 1 92  ? -5.524  -4.104  10.524  1.00 77.59  ?  616  VAL A O   1 
ATOM   652  C CB  . VAL A 1 92  ? -6.027  -1.471  8.586   1.00 75.78  ?  616  VAL A CB  1 
ATOM   653  C CG1 . VAL A 1 92  ? -4.554  -1.426  8.956   1.00 69.46  ?  616  VAL A CG1 1 
ATOM   654  C CG2 . VAL A 1 92  ? -6.237  -1.005  7.168   1.00 75.31  ?  616  VAL A CG2 1 
ATOM   655  N N   . ARG A 1 93  ? -7.190  -2.680  11.069  1.00 79.44  ?  617  ARG A N   1 
ATOM   656  C CA  . ARG A 1 93  ? -7.074  -2.960  12.491  1.00 80.27  ?  617  ARG A CA  1 
ATOM   657  C C   . ARG A 1 93  ? -7.115  -4.451  12.819  1.00 79.82  ?  617  ARG A C   1 
ATOM   658  O O   . ARG A 1 93  ? -6.263  -4.942  13.553  1.00 82.01  ?  617  ARG A O   1 
ATOM   659  C CB  . ARG A 1 93  ? -8.118  -2.208  13.312  1.00 86.09  ?  617  ARG A CB  1 
ATOM   660  C CG  . ARG A 1 93  ? -7.954  -2.450  14.818  1.00 80.67  ?  617  ARG A CG  1 
ATOM   661  C CD  . ARG A 1 93  ? -8.899  -1.600  15.648  1.00 77.73  ?  617  ARG A CD  1 
ATOM   662  N NE  . ARG A 1 93  ? -8.385  -0.254  15.897  1.00 75.93  ?  617  ARG A NE  1 
ATOM   663  C CZ  . ARG A 1 93  ? -8.927  0.866   15.417  1.00 79.85  ?  617  ARG A CZ  1 
ATOM   664  N NH1 . ARG A 1 93  ? -10.016 0.812   14.647  1.00 76.49  ?  617  ARG A NH1 1 
ATOM   665  N NH2 . ARG A 1 93  ? -8.378  2.045   15.716  1.00 75.71  ?  617  ARG A NH2 1 
ATOM   666  N N   . GLU A 1 94  ? -8.073  -5.179  12.266  1.00 78.82  ?  618  GLU A N   1 
ATOM   667  C CA  . GLU A 1 94  ? -8.139  -6.605  12.567  1.00 81.09  ?  618  GLU A CA  1 
ATOM   668  C C   . GLU A 1 94  ? -6.889  -7.377  12.110  1.00 79.52  ?  618  GLU A C   1 
ATOM   669  O O   . GLU A 1 94  ? -6.510  -8.367  12.744  1.00 80.24  ?  618  GLU A O   1 
ATOM   670  C CB  . GLU A 1 94  ? -9.404  -7.224  11.982  1.00 85.39  ?  618  GLU A CB  1 
ATOM   671  C CG  . GLU A 1 94  ? -10.630 -6.321  12.045  1.00 87.88  ?  618  GLU A CG  1 
ATOM   672  C CD  . GLU A 1 94  ? -11.509 -6.459  10.789  1.00 98.47  ?  618  GLU A CD  1 
ATOM   673  O OE1 . GLU A 1 94  ? -11.594 -7.589  10.242  1.00 94.47  ?  618  GLU A OE1 1 
ATOM   674  O OE2 . GLU A 1 94  ? -12.097 -5.439  10.338  1.00 98.36  -1 618  GLU A OE2 1 
ATOM   675  N N   . VAL A 1 95  ? -6.246  -6.933  11.026  1.00 76.53  ?  619  VAL A N   1 
ATOM   676  C CA  . VAL A 1 95  ? -4.995  -7.569  10.593  1.00 75.82  ?  619  VAL A CA  1 
ATOM   677  C C   . VAL A 1 95  ? -3.935  -7.387  11.664  1.00 75.50  ?  619  VAL A C   1 
ATOM   678  O O   . VAL A 1 95  ? -3.338  -8.351  12.147  1.00 73.02  ?  619  VAL A O   1 
ATOM   679  C CB  . VAL A 1 95  ? -4.433  -6.994  9.268   1.00 75.86  ?  619  VAL A CB  1 
ATOM   680  C CG1 . VAL A 1 95  ? -3.100  -7.659  8.934   1.00 63.90  ?  619  VAL A CG1 1 
ATOM   681  C CG2 . VAL A 1 95  ? -5.413  -7.178  8.128   1.00 70.97  ?  619  VAL A CG2 1 
ATOM   682  N N   . ALA A 1 96  ? -3.720  -6.133  12.039  1.00 73.88  ?  620  ALA A N   1 
ATOM   683  C CA  . ALA A 1 96  ? -2.762  -5.802  13.080  1.00 75.18  ?  620  ALA A CA  1 
ATOM   684  C C   . ALA A 1 96  ? -3.013  -6.538  14.397  1.00 79.17  ?  620  ALA A C   1 
ATOM   685  O O   . ALA A 1 96  ? -2.069  -7.064  14.996  1.00 79.23  ?  620  ALA A O   1 
ATOM   686  C CB  . ALA A 1 96  ? -2.738  -4.318  13.308  1.00 76.90  ?  620  ALA A CB  1 
ATOM   687  N N   . GLU A 1 97  ? -4.271  -6.580  14.843  1.00 81.72  ?  621  GLU A N   1 
ATOM   688  C CA  . GLU A 1 97  ? -4.619  -7.236  16.113  1.00 83.84  ?  621  GLU A CA  1 
ATOM   689  C C   . GLU A 1 97  ? -4.140  -8.688  16.088  1.00 83.84  ?  621  GLU A C   1 
ATOM   690  O O   . GLU A 1 97  ? -3.801  -9.266  17.126  1.00 83.91  ?  621  GLU A O   1 
ATOM   691  C CB  . GLU A 1 97  ? -6.137  -7.215  16.384  1.00 86.30  ?  621  GLU A CB  1 
ATOM   692  C CG  . GLU A 1 97  ? -6.863  -5.853  16.293  1.00 86.42  ?  621  GLU A CG  1 
ATOM   693  C CD  . GLU A 1 97  ? -6.663  -4.942  17.510  1.00 93.90  ?  621  GLU A CD  1 
ATOM   694  O OE1 . GLU A 1 97  ? -5.917  -5.322  18.440  1.00 98.05  ?  621  GLU A OE1 1 
ATOM   695  O OE2 . GLU A 1 97  ? -7.259  -3.838  17.536  1.00 90.70  -1 621  GLU A OE2 1 
ATOM   696  N N   . GLN A 1 98  ? -4.102  -9.254  14.881  1.00 83.80  ?  622  GLN A N   1 
ATOM   697  C CA  . GLN A 1 98  ? -3.670  -10.635 14.663  1.00 82.52  ?  622  GLN A CA  1 
ATOM   698  C C   . GLN A 1 98  ? -2.171  -10.893 14.826  1.00 78.99  ?  622  GLN A C   1 
ATOM   699  O O   . GLN A 1 98  ? -1.723  -12.043 14.747  1.00 77.82  ?  622  GLN A O   1 
ATOM   700  C CB  . GLN A 1 98  ? -4.148  -11.130 13.297  1.00 77.25  ?  622  GLN A CB  1 
ATOM   701  C CG  . GLN A 1 98  ? -5.543  -11.705 13.362  1.00 82.32  ?  622  GLN A CG  1 
ATOM   702  C CD  . GLN A 1 98  ? -5.709  -12.637 14.567  1.00 92.24  ?  622  GLN A CD  1 
ATOM   703  O OE1 . GLN A 1 98  ? -6.151  -12.213 15.653  1.00 90.92  ?  622  GLN A OE1 1 
ATOM   704  N NE2 . GLN A 1 98  ? -5.338  -13.912 14.387  1.00 85.60  ?  622  GLN A NE2 1 
ATOM   705  N N   . GLY A 1 99  ? -1.402  -9.829  15.042  1.00 76.11  ?  623  GLY A N   1 
ATOM   706  C CA  . GLY A 1 99  ? 0.044   -9.945  15.154  1.00 77.09  ?  623  GLY A CA  1 
ATOM   707  C C   . GLY A 1 99  ? 0.735   -9.937  13.796  1.00 75.49  ?  623  GLY A C   1 
ATOM   708  O O   . GLY A 1 99  ? 1.867   -10.402 13.670  1.00 77.67  ?  623  GLY A O   1 
ATOM   709  N N   . LYS A 1 100 ? 0.051   -9.405  12.783  1.00 73.42  ?  624  LYS A N   1 
ATOM   710  C CA  . LYS A 1 100 ? 0.572   -9.359  11.417  1.00 72.16  ?  624  LYS A CA  1 
ATOM   711  C C   . LYS A 1 100 ? 0.728   -7.935  10.859  1.00 69.93  ?  624  LYS A C   1 
ATOM   712  O O   . LYS A 1 100 ? -0.173  -7.082  10.971  1.00 69.91  ?  624  LYS A O   1 
ATOM   713  C CB  . LYS A 1 100 ? -0.334  -10.146 10.466  1.00 71.55  ?  624  LYS A CB  1 
ATOM   714  C CG  . LYS A 1 100 ? -0.068  -11.635 10.324  1.00 68.18  ?  624  LYS A CG  1 
ATOM   715  C CD  . LYS A 1 100 ? -0.906  -12.156 9.143   1.00 68.97  ?  624  LYS A CD  1 
ATOM   716  C CE  . LYS A 1 100 ? -1.103  -13.666 9.170   1.00 72.66  ?  624  LYS A CE  1 
ATOM   717  N NZ  . LYS A 1 100 ? 0.189   -14.407 9.051   1.00 77.31  ?  624  LYS A NZ  1 
ATOM   718  N N   . HIS A 1 101 ? 1.874   -7.699  10.230  1.00 64.93  ?  625  HIS A N   1 
ATOM   719  C CA  . HIS A 1 101 ? 2.111   -6.453  9.532   1.00 60.12  ?  625  HIS A CA  1 
ATOM   720  C C   . HIS A 1 101 ? 1.235   -6.392  8.316   1.00 62.59  ?  625  HIS A C   1 
ATOM   721  O O   . HIS A 1 101 ? 1.236   -7.284  7.475   1.00 65.52  ?  625  HIS A O   1 
ATOM   722  C CB  . HIS A 1 101 ? 3.566   -6.333  9.128   1.00 57.98  ?  625  HIS A CB  1 
ATOM   723  C CG  . HIS A 1 101 ? 4.497   -6.189  10.290  1.00 59.63  ?  625  HIS A CG  1 
ATOM   724  N ND1 . HIS A 1 101 ? 4.477   -5.095  11.131  1.00 54.88  ?  625  HIS A ND1 1 
ATOM   725  C CD2 . HIS A 1 101 ? 5.477   -7.001  10.751  1.00 58.04  ?  625  HIS A CD2 1 
ATOM   726  C CE1 . HIS A 1 101 ? 5.408   -5.237  12.052  1.00 57.69  ?  625  HIS A CE1 1 
ATOM   727  N NE2 . HIS A 1 101 ? 6.030   -6.386  11.846  1.00 58.50  ?  625  HIS A NE2 1 
ATOM   728  N N   . CYS A 1 102 ? 0.482   -5.318  8.225   1.00 60.98  ?  626  CYS A N   1 
ATOM   729  C CA  . CYS A 1 102 ? -0.494  -5.195  7.180   1.00 58.45  ?  626  CYS A CA  1 
ATOM   730  C C   . CYS A 1 102 ? 0.138   -4.460  6.015   1.00 61.38  ?  626  CYS A C   1 
ATOM   731  O O   . CYS A 1 102 ? 0.491   -3.286  6.118   1.00 59.96  ?  626  CYS A O   1 
ATOM   732  C CB  . CYS A 1 102 ? -1.691  -4.437  7.718   1.00 63.15  ?  626  CYS A CB  1 
ATOM   733  S SG  . CYS A 1 102 ? -3.110  -4.563  6.709   1.00 75.47  ?  626  CYS A SG  1 
ATOM   734  N N   . ILE A 1 103 ? 0.299   -5.165  4.904   1.00 58.07  ?  627  ILE A N   1 
ATOM   735  C CA  . ILE A 1 103 ? 0.959   -4.589  3.746   1.00 60.29  ?  627  ILE A CA  1 
ATOM   736  C C   . ILE A 1 103 ? 0.005   -3.618  3.054   1.00 60.02  ?  627  ILE A C   1 
ATOM   737  O O   . ILE A 1 103 ? -1.074  -4.006  2.620   1.00 62.08  ?  627  ILE A O   1 
ATOM   738  C CB  . ILE A 1 103 ? 1.471   -5.697  2.744   1.00 62.20  ?  627  ILE A CB  1 
ATOM   739  C CG1 . ILE A 1 103 ? 2.527   -6.603  3.408   1.00 57.63  ?  627  ILE A CG1 1 
ATOM   740  C CG2 . ILE A 1 103 ? 2.021   -5.069  1.441   1.00 52.39  ?  627  ILE A CG2 1 
ATOM   741  C CD1 . ILE A 1 103 ? 3.790   -5.863  3.816   1.00 57.20  ?  627  ILE A CD1 1 
ATOM   742  N N   . LEU A 1 104 ? 0.407   -2.358  2.938   1.00 56.79  ?  628  LEU A N   1 
ATOM   743  C CA  . LEU A 1 104 ? -0.473  -1.372  2.346   1.00 57.73  ?  628  LEU A CA  1 
ATOM   744  C C   . LEU A 1 104 ? 0.118   -0.774  1.098   1.00 57.95  ?  628  LEU A C   1 
ATOM   745  O O   . LEU A 1 104 ? 1.304   -0.448  1.057   1.00 58.68  ?  628  LEU A O   1 
ATOM   746  C CB  . LEU A 1 104 ? -0.785  -0.275  3.351   1.00 59.15  ?  628  LEU A CB  1 
ATOM   747  C CG  . LEU A 1 104 ? -1.466  -0.782  4.624   1.00 59.41  ?  628  LEU A CG  1 
ATOM   748  C CD1 . LEU A 1 104 ? -1.651  0.354   5.594   1.00 65.06  ?  628  LEU A CD1 1 
ATOM   749  C CD2 . LEU A 1 104 ? -2.797  -1.423  4.319   1.00 59.03  ?  628  LEU A CD2 1 
ATOM   750  N N   . ASP A 1 105 ? -0.707  -0.666  0.068   1.00 56.54  ?  629  ASP A N   1 
ATOM   751  C CA  . ASP A 1 105 ? -0.341  0.103   -1.103  1.00 63.64  ?  629  ASP A CA  1 
ATOM   752  C C   . ASP A 1 105 ? -1.328  1.267   -1.090  1.00 68.36  ?  629  ASP A C   1 
ATOM   753  O O   . ASP A 1 105 ? -2.473  1.134   -1.525  1.00 68.75  ?  629  ASP A O   1 
ATOM   754  C CB  . ASP A 1 105 ? -0.472  -0.806  -2.344  1.00 60.17  ?  629  ASP A CB  1 
ATOM   755  C CG  . ASP A 1 105 ? -0.323  -0.063  -3.680  1.00 64.82  ?  629  ASP A CG  1 
ATOM   756  O OD1 . ASP A 1 105 ? 0.028   1.135   -3.690  1.00 66.46  ?  629  ASP A OD1 1 
ATOM   757  O OD2 . ASP A 1 105 ? -0.553  -0.710  -4.738  1.00 68.80  -1 629  ASP A OD2 1 
ATOM   758  N N   . VAL A 1 106 ? -0.858  2.422   -0.630  1.00 68.05  ?  630  VAL A N   1 
ATOM   759  C CA  . VAL A 1 106 ? -1.729  3.562   -0.368  1.00 67.03  ?  630  VAL A CA  1 
ATOM   760  C C   . VAL A 1 106 ? -0.963  4.837   -0.632  1.00 73.34  ?  630  VAL A C   1 
ATOM   761  O O   . VAL A 1 106 ? 0.268   4.825   -0.756  1.00 71.37  ?  630  VAL A O   1 
ATOM   762  C CB  . VAL A 1 106 ? -2.251  3.611   1.091   1.00 68.40  ?  630  VAL A CB  1 
ATOM   763  C CG1 . VAL A 1 106 ? -3.233  2.473   1.367   1.00 67.31  ?  630  VAL A CG1 1 
ATOM   764  C CG2 . VAL A 1 106 ? -1.105  3.613   2.090   1.00 65.30  ?  630  VAL A CG2 1 
ATOM   765  N N   . SER A 1 107 ? -1.695  5.940   -0.748  1.00 77.53  ?  631  SER A N   1 
ATOM   766  C CA  . SER A 1 107 ? -1.053  7.229   -0.893  1.00 79.73  ?  631  SER A CA  1 
ATOM   767  C C   . SER A 1 107 ? -0.409  7.509   0.437   1.00 81.17  ?  631  SER A C   1 
ATOM   768  O O   . SER A 1 107 ? -0.806  6.946   1.465   1.00 75.59  ?  631  SER A O   1 
ATOM   769  C CB  . SER A 1 107 ? -2.075  8.318   -1.182  1.00 87.33  ?  631  SER A CB  1 
ATOM   770  O OG  . SER A 1 107 ? -2.940  8.468   -0.069  1.00 90.07  ?  631  SER A OG  1 
ATOM   771  N N   . ALA A 1 108 ? 0.587   8.383   0.417   1.00 83.24  ?  632  ALA A N   1 
ATOM   772  C CA  . ALA A 1 108 ? 1.207   8.831   1.652   1.00 81.80  ?  632  ALA A CA  1 
ATOM   773  C C   . ALA A 1 108 ? 0.170   9.567   2.507   1.00 83.36  ?  632  ALA A C   1 
ATOM   774  O O   . ALA A 1 108 ? 0.330   9.696   3.715   1.00 83.76  ?  632  ALA A O   1 
ATOM   775  C CB  . ALA A 1 108 ? 2.406   9.712   1.350   1.00 72.19  ?  632  ALA A CB  1 
ATOM   776  N N   . ASN A 1 109 ? -0.905  10.023  1.869   1.00 86.51  ?  633  ASN A N   1 
ATOM   777  C CA  . ASN A 1 109 ? -2.022  10.652  2.574   1.00 90.74  ?  633  ASN A CA  1 
ATOM   778  C C   . ASN A 1 109 ? -2.580  9.783   3.689   1.00 89.50  ?  633  ASN A C   1 
ATOM   779  O O   . ASN A 1 109 ? -2.914  10.272  4.774   1.00 92.82  ?  633  ASN A O   1 
ATOM   780  C CB  . ASN A 1 109 ? -3.147  10.974  1.594   1.00 92.14  ?  633  ASN A CB  1 
ATOM   781  C CG  . ASN A 1 109 ? -3.352  12.448  1.431   1.00 96.86  ?  633  ASN A CG  1 
ATOM   782  O OD1 . ASN A 1 109 ? -2.445  13.237  1.695   1.00 94.03  ?  633  ASN A OD1 1 
ATOM   783  N ND2 . ASN A 1 109 ? -4.551  12.840  1.004   1.00 104.02 ?  633  ASN A ND2 1 
ATOM   784  N N   . ALA A 1 110 ? -2.660  8.489   3.399   1.00 85.78  ?  634  ALA A N   1 
ATOM   785  C CA  . ALA A 1 110 ? -3.269  7.517   4.289   1.00 83.75  ?  634  ALA A CA  1 
ATOM   786  C C   . ALA A 1 110 ? -2.453  7.368   5.544   1.00 83.12  ?  634  ALA A C   1 
ATOM   787  O O   . ALA A 1 110 ? -2.961  6.950   6.574   1.00 87.41  ?  634  ALA A O   1 
ATOM   788  C CB  . ALA A 1 110 ? -3.392  6.174   3.593   1.00 86.43  ?  634  ALA A CB  1 
ATOM   789  N N   . VAL A 1 111 ? -1.179  7.704   5.454   1.00 83.89  ?  635  VAL A N   1 
ATOM   790  C CA  . VAL A 1 111 ? -0.305  7.609   6.611   1.00 84.85  ?  635  VAL A CA  1 
ATOM   791  C C   . VAL A 1 111 ? -0.740  8.549   7.729   1.00 84.68  ?  635  VAL A C   1 
ATOM   792  O O   . VAL A 1 111 ? -0.757  8.151   8.893   1.00 83.90  ?  635  VAL A O   1 
ATOM   793  C CB  . VAL A 1 111 ? 1.146   7.924   6.243   1.00 86.21  ?  635  VAL A CB  1 
ATOM   794  C CG1 . VAL A 1 111 ? 2.046   7.722   7.461   1.00 78.40  ?  635  VAL A CG1 1 
ATOM   795  C CG2 . VAL A 1 111 ? 1.590   7.076   5.033   1.00 76.52  ?  635  VAL A CG2 1 
ATOM   796  N N   . ARG A 1 112 ? -1.086  9.791   7.377   1.00 86.27  ?  636  ARG A N   1 
ATOM   797  C CA  . ARG A 1 112 ? -1.568  10.747  8.376   1.00 91.72  ?  636  ARG A CA  1 
ATOM   798  C C   . ARG A 1 112 ? -2.827  10.171  9.004   1.00 91.08  ?  636  ARG A C   1 
ATOM   799  O O   . ARG A 1 112 ? -2.900  9.989   10.232  1.00 88.72  ?  636  ARG A O   1 
ATOM   800  C CB  . ARG A 1 112 ? -1.869  12.111  7.749   1.00 90.79  ?  636  ARG A CB  1 
ATOM   801  N N   . ARG A 1 113 ? -3.795  9.857   8.139   1.00 89.93  ?  637  ARG A N   1 
ATOM   802  C CA  . ARG A 1 113 ? -5.056  9.238   8.537   1.00 86.93  ?  637  ARG A CA  1 
ATOM   803  C C   . ARG A 1 113 ? -4.820  7.970   9.360   1.00 88.06  ?  637  ARG A C   1 
ATOM   804  O O   . ARG A 1 113 ? -5.613  7.632   10.238  1.00 89.49  ?  637  ARG A O   1 
ATOM   805  C CB  . ARG A 1 113 ? -5.907  8.920   7.302   1.00 88.87  ?  637  ARG A CB  1 
ATOM   806  C CG  . ARG A 1 113 ? -6.862  10.034  6.868   1.00 98.65  ?  637  ARG A CG  1 
ATOM   807  C CD  . ARG A 1 113 ? -6.142  11.291  6.345   1.00 107.06 ?  637  ARG A CD  1 
ATOM   808  N NE  . ARG A 1 113 ? -7.083  12.384  6.064   1.00 115.30 ?  637  ARG A NE  1 
ATOM   809  C CZ  . ARG A 1 113 ? -6.745  13.562  5.536   1.00 112.52 ?  637  ARG A CZ  1 
ATOM   810  N NH1 . ARG A 1 113 ? -5.476  13.817  5.222   1.00 104.44 ?  637  ARG A NH1 1 
ATOM   811  N NH2 . ARG A 1 113 ? -7.678  14.484  5.318   1.00 104.81 ?  637  ARG A NH2 1 
ATOM   812  N N   . LEU A 1 114 ? -3.714  7.283   9.081   1.00 87.84  ?  638  LEU A N   1 
ATOM   813  C CA  . LEU A 1 114 ? -3.353  6.060   9.792   1.00 84.21  ?  638  LEU A CA  1 
ATOM   814  C C   . LEU A 1 114 ? -2.800  6.340   11.175  1.00 87.01  ?  638  LEU A C   1 
ATOM   815  O O   . LEU A 1 114 ? -3.096  5.618   12.135  1.00 84.91  ?  638  LEU A O   1 
ATOM   816  C CB  . LEU A 1 114 ? -2.301  5.300   9.004   1.00 82.96  ?  638  LEU A CB  1 
ATOM   817  C CG  . LEU A 1 114 ? -2.719  3.890   8.626   1.00 84.01  ?  638  LEU A CG  1 
ATOM   818  C CD1 . LEU A 1 114 ? -1.599  3.216   7.873   1.00 75.96  ?  638  LEU A CD1 1 
ATOM   819  C CD2 . LEU A 1 114 ? -3.076  3.126   9.870   1.00 78.65  ?  638  LEU A CD2 1 
ATOM   820  N N   . GLN A 1 115 ? -1.958  7.371   11.250  1.00 88.78  ?  639  GLN A N   1 
ATOM   821  C CA  . GLN A 1 115 ? -1.362  7.814   12.507  1.00 91.56  ?  639  GLN A CA  1 
ATOM   822  C C   . GLN A 1 115 ? -2.469  8.290   13.435  1.00 92.70  ?  639  GLN A C   1 
ATOM   823  O O   . GLN A 1 115 ? -2.492  7.957   14.635  1.00 86.36  ?  639  GLN A O   1 
ATOM   824  C CB  . GLN A 1 115 ? -0.377  8.965   12.250  1.00 92.07  ?  639  GLN A CB  1 
ATOM   825  C CG  . GLN A 1 115 ? 1.094   8.545   12.146  1.00 91.20  ?  639  GLN A CG  1 
ATOM   826  C CD  . GLN A 1 115 ? 1.820   9.180   10.956  1.00 91.74  ?  639  GLN A CD  1 
ATOM   827  O OE1 . GLN A 1 115 ? 1.188   9.758   10.057  1.00 97.34  ?  639  GLN A OE1 1 
ATOM   828  N NE2 . GLN A 1 115 ? 3.153   9.066   10.940  1.00 84.59  ?  639  GLN A NE2 1 
ATOM   829  N N   . ALA A 1 116 ? -3.393  9.056   12.850  1.00 91.66  ?  640  ALA A N   1 
ATOM   830  C CA  . ALA A 1 116 ? -4.518  9.634   13.579  1.00 89.58  ?  640  ALA A CA  1 
ATOM   831  C C   . ALA A 1 116 ? -5.376  8.569   14.269  1.00 89.79  ?  640  ALA A C   1 
ATOM   832  O O   . ALA A 1 116 ? -6.076  8.854   15.240  1.00 94.08  ?  640  ALA A O   1 
ATOM   833  C CB  . ALA A 1 116 ? -5.362  10.498  12.652  1.00 80.73  ?  640  ALA A CB  1 
ATOM   834  N N   . ALA A 1 117 ? -5.307  7.340   13.774  1.00 89.39  ?  641  ALA A N   1 
ATOM   835  C CA  . ALA A 1 117 ? -6.101  6.253   14.332  1.00 88.64  ?  641  ALA A CA  1 
ATOM   836  C C   . ALA A 1 117 ? -5.360  5.518   15.434  1.00 87.14  ?  641  ALA A C   1 
ATOM   837  O O   . ALA A 1 117 ? -5.816  4.471   15.896  1.00 88.17  ?  641  ALA A O   1 
ATOM   838  C CB  . ALA A 1 117 ? -6.533  5.289   13.240  1.00 91.63  ?  641  ALA A CB  1 
ATOM   839  N N   . HIS A 1 118 ? -4.203  6.052   15.816  1.00 90.38  ?  642  HIS A N   1 
ATOM   840  C CA  . HIS A 1 118 ? -3.328  5.423   16.809  1.00 94.54  ?  642  HIS A CA  1 
ATOM   841  C C   . HIS A 1 118 ? -2.895  4.030   16.337  1.00 91.92  ?  642  HIS A C   1 
ATOM   842  O O   . HIS A 1 118 ? -2.717  3.105   17.139  1.00 92.96  ?  642  HIS A O   1 
ATOM   843  C CB  . HIS A 1 118 ? -3.984  5.376   18.203  1.00 99.89  ?  642  HIS A CB  1 
ATOM   844  C CG  . HIS A 1 118 ? -3.132  5.959   19.295  1.00 105.38 ?  642  HIS A CG  1 
ATOM   845  N ND1 . HIS A 1 118 ? -2.412  5.179   20.179  1.00 102.96 ?  642  HIS A ND1 1 
ATOM   846  C CD2 . HIS A 1 118 ? -2.872  7.246   19.633  1.00 102.82 ?  642  HIS A CD2 1 
ATOM   847  C CE1 . HIS A 1 118 ? -1.751  5.960   21.017  1.00 101.53 ?  642  HIS A CE1 1 
ATOM   848  N NE2 . HIS A 1 118 ? -2.012  7.218   20.705  1.00 105.31 ?  642  HIS A NE2 1 
ATOM   849  N N   . LEU A 1 119 ? -2.772  3.887   15.018  1.00 90.03  ?  643  LEU A N   1 
ATOM   850  C CA  . LEU A 1 119 ? -2.288  2.648   14.409  1.00 86.01  ?  643  LEU A CA  1 
ATOM   851  C C   . LEU A 1 119 ? -0.799  2.594   14.050  1.00 81.62  ?  643  LEU A C   1 
ATOM   852  O O   . LEU A 1 119 ? -0.301  1.536   13.693  1.00 79.88  ?  643  LEU A O   1 
ATOM   853  C CB  . LEU A 1 119 ? -3.153  2.272   13.213  1.00 84.96  ?  643  LEU A CB  1 
ATOM   854  C CG  . LEU A 1 119 ? -4.457  1.590   13.636  1.00 85.65  ?  643  LEU A CG  1 
ATOM   855  C CD1 . LEU A 1 119 ? -5.558  1.819   12.616  1.00 85.18  ?  643  LEU A CD1 1 
ATOM   856  C CD2 . LEU A 1 119 ? -4.235  0.094   13.879  1.00 75.93  ?  643  LEU A CD2 1 
ATOM   857  N N   . HIS A 1 120 ? -0.107  3.728   14.141  1.00 83.60  ?  644  HIS A N   1 
ATOM   858  C CA  . HIS A 1 120 ? 1.359   3.781   14.036  1.00 77.00  ?  644  HIS A CA  1 
ATOM   859  C C   . HIS A 1 120 ? 1.998   2.937   12.917  1.00 70.67  ?  644  HIS A C   1 
ATOM   860  O O   . HIS A 1 120 ? 2.660   1.928   13.171  1.00 64.97  ?  644  HIS A O   1 
ATOM   861  C CB  . HIS A 1 120 ? 1.972   3.454   15.392  1.00 76.92  ?  644  HIS A CB  1 
ATOM   862  C CG  . HIS A 1 120 ? 1.440   4.314   16.491  1.00 92.32  ?  644  HIS A CG  1 
ATOM   863  N ND1 . HIS A 1 120 ? 0.770   5.497   16.245  1.00 92.99  ?  644  HIS A ND1 1 
ATOM   864  C CD2 . HIS A 1 120 ? 1.459   4.165   17.838  1.00 95.02  ?  644  HIS A CD2 1 
ATOM   865  C CE1 . HIS A 1 120 ? 0.410   6.042   17.393  1.00 99.53  ?  644  HIS A CE1 1 
ATOM   866  N NE2 . HIS A 1 120 ? 0.816   5.253   18.375  1.00 101.35 ?  644  HIS A NE2 1 
ATOM   867  N N   . PRO A 1 121 ? 1.790   3.358   11.668  1.00 68.64  ?  645  PRO A N   1 
ATOM   868  C CA  . PRO A 1 121 ? 2.371   2.672   10.514  1.00 64.56  ?  645  PRO A CA  1 
ATOM   869  C C   . PRO A 1 121 ? 3.885   2.902   10.370  1.00 62.60  ?  645  PRO A C   1 
ATOM   870  O O   . PRO A 1 121 ? 4.422   3.974   10.712  1.00 60.73  ?  645  PRO A O   1 
ATOM   871  C CB  . PRO A 1 121 ? 1.660   3.341   9.350   1.00 65.10  ?  645  PRO A CB  1 
ATOM   872  C CG  . PRO A 1 121 ? 1.394   4.726   9.850   1.00 69.71  ?  645  PRO A CG  1 
ATOM   873  C CD  . PRO A 1 121 ? 0.994   4.532   11.264  1.00 71.01  ?  645  PRO A CD  1 
ATOM   874  N N   . ILE A 1 122 ? 4.567   1.889   9.856   1.00 50.64  ?  646  ILE A N   1 
ATOM   875  C CA  . ILE A 1 122 ? 5.929   2.072   9.414   1.00 52.50  ?  646  ILE A CA  1 
ATOM   876  C C   . ILE A 1 122 ? 5.903   2.421   7.928   1.00 51.02  ?  646  ILE A C   1 
ATOM   877  O O   . ILE A 1 122 ? 5.629   1.559   7.090   1.00 53.10  ?  646  ILE A O   1 
ATOM   878  C CB  . ILE A 1 122 ? 6.723   0.775   9.577   1.00 51.74  ?  646  ILE A CB  1 
ATOM   879  C CG1 . ILE A 1 122 ? 6.719   0.323   11.039  1.00 50.98  ?  646  ILE A CG1 1 
ATOM   880  C CG2 . ILE A 1 122 ? 8.129   0.947   9.051   1.00 45.51  ?  646  ILE A CG2 1 
ATOM   881  C CD1 . ILE A 1 122 ? 7.002   -1.132  11.197  1.00 52.99  ?  646  ILE A CD1 1 
ATOM   882  N N   . ALA A 1 123 ? 6.219   3.673   7.612   1.00 44.97  ?  647  ALA A N   1 
ATOM   883  C CA  . ALA A 1 123 ? 6.227   4.150   6.241   1.00 45.16  ?  647  ALA A CA  1 
ATOM   884  C C   . ALA A 1 123 ? 7.655   4.267   5.758   1.00 45.06  ?  647  ALA A C   1 
ATOM   885  O O   . ALA A 1 123 ? 8.372   5.185   6.134   1.00 42.59  ?  647  ALA A O   1 
ATOM   886  C CB  . ALA A 1 123 ? 5.555   5.482   6.139   1.00 45.54  ?  647  ALA A CB  1 
ATOM   887  N N   . ILE A 1 124 ? 8.041   3.351   4.874   1.00 45.43  ?  648  ILE A N   1 
ATOM   888  C CA  . ILE A 1 124 ? 9.385   3.318   4.317   1.00 42.60  ?  648  ILE A CA  1 
ATOM   889  C C   . ILE A 1 124 ? 9.433   3.877   2.887   1.00 39.26  ?  648  ILE A C   1 
ATOM   890  O O   . ILE A 1 124 ? 8.613   3.551   2.046   1.00 40.46  ?  648  ILE A O   1 
ATOM   891  C CB  . ILE A 1 124 ? 9.922   1.879   4.294   1.00 43.23  ?  648  ILE A CB  1 
ATOM   892  C CG1 . ILE A 1 124 ? 9.933   1.303   5.710   1.00 39.70  ?  648  ILE A CG1 1 
ATOM   893  C CG2 . ILE A 1 124 ? 11.292  1.794   3.532   1.00 37.50  ?  648  ILE A CG2 1 
ATOM   894  C CD1 . ILE A 1 124 ? 10.046  -0.203  5.749   1.00 41.79  ?  648  ILE A CD1 1 
ATOM   895  N N   . PHE A 1 125 ? 10.428  4.701   2.623   1.00 40.83  ?  649  PHE A N   1 
ATOM   896  C CA  . PHE A 1 125 ? 10.582  5.270   1.317   1.00 41.71  ?  649  PHE A CA  1 
ATOM   897  C C   . PHE A 1 125 ? 11.852  4.763   0.694   1.00 40.15  ?  649  PHE A C   1 
ATOM   898  O O   . PHE A 1 125 ? 12.948  4.991   1.195   1.00 39.59  ?  649  PHE A O   1 
ATOM   899  C CB  . PHE A 1 125 ? 10.578  6.803   1.392   1.00 43.15  ?  649  PHE A CB  1 
ATOM   900  C CG  . PHE A 1 125 ? 10.923  7.474   0.103   1.00 41.44  ?  649  PHE A CG  1 
ATOM   901  C CD1 . PHE A 1 125 ? 10.092  7.346   -1.008  1.00 51.10  ?  649  PHE A CD1 1 
ATOM   902  C CD2 . PHE A 1 125 ? 12.064  8.247   -0.007  1.00 47.19  ?  649  PHE A CD2 1 
ATOM   903  C CE1 . PHE A 1 125 ? 10.392  7.986   -2.224  1.00 49.05  ?  649  PHE A CE1 1 
ATOM   904  C CE2 . PHE A 1 125 ? 12.380  8.892   -1.220  1.00 51.59  ?  649  PHE A CE2 1 
ATOM   905  C CZ  . PHE A 1 125 ? 11.537  8.755   -2.330  1.00 50.06  ?  649  PHE A CZ  1 
ATOM   906  N N   . ILE A 1 126 ? 11.695  4.071   -0.424  1.00 44.13  ?  650  ILE A N   1 
ATOM   907  C CA  . ILE A 1 126 ? 12.845  3.669   -1.203  1.00 44.72  ?  650  ILE A CA  1 
ATOM   908  C C   . ILE A 1 126 ? 13.231  4.817   -2.120  1.00 42.66  ?  650  ILE A C   1 
ATOM   909  O O   . ILE A 1 126 ? 12.490  5.159   -3.054  1.00 43.22  ?  650  ILE A O   1 
ATOM   910  C CB  . ILE A 1 126 ? 12.512  2.430   -2.057  1.00 45.80  ?  650  ILE A CB  1 
ATOM   911  C CG1 . ILE A 1 126 ? 12.050  1.275   -1.150  1.00 41.17  ?  650  ILE A CG1 1 
ATOM   912  C CG2 . ILE A 1 126 ? 13.708  2.059   -2.954  1.00 39.84  ?  650  ILE A CG2 1 
ATOM   913  C CD1 . ILE A 1 126 ? 11.316  0.221   -1.908  1.00 41.69  ?  650  ILE A CD1 1 
ATOM   914  N N   . ARG A 1 127 ? 14.420  5.372   -1.869  1.00 42.39  ?  651  ARG A N   1 
ATOM   915  C CA  . ARG A 1 127 ? 14.905  6.564   -2.569  1.00 42.88  ?  651  ARG A CA  1 
ATOM   916  C C   . ARG A 1 127 ? 15.884  6.263   -3.713  1.00 44.33  ?  651  ARG A C   1 
ATOM   917  O O   . ARG A 1 127 ? 16.998  5.782   -3.478  1.00 43.40  ?  651  ARG A O   1 
ATOM   918  C CB  . ARG A 1 127 ? 15.555  7.535   -1.594  1.00 44.39  ?  651  ARG A CB  1 
ATOM   919  C CG  . ARG A 1 127 ? 15.548  8.950   -2.068  1.00 44.60  ?  651  ARG A CG  1 
ATOM   920  C CD  . ARG A 1 127 ? 16.746  9.660   -1.570  1.00 48.03  ?  651  ARG A CD  1 
ATOM   921  N NE  . ARG A 1 127 ? 16.356  10.639  -0.573  1.00 60.49  ?  651  ARG A NE  1 
ATOM   922  C CZ  . ARG A 1 127 ? 16.969  10.870  0.598   1.00 63.18  ?  651  ARG A CZ  1 
ATOM   923  N NH1 . ARG A 1 127 ? 18.050  10.187  0.987   1.00 55.95  ?  651  ARG A NH1 1 
ATOM   924  N NH2 . ARG A 1 127 ? 16.483  11.816  1.390   1.00 60.15  ?  651  ARG A NH2 1 
ATOM   925  N N   . PRO A 1 128 ? 15.462  6.544   -4.962  1.00 39.13  ?  652  PRO A N   1 
ATOM   926  C CA  . PRO A 1 128 ? 16.341  6.399   -6.132  1.00 42.21  ?  652  PRO A CA  1 
ATOM   927  C C   . PRO A 1 128 ? 17.424  7.446   -6.104  1.00 42.63  ?  652  PRO A C   1 
ATOM   928  O O   . PRO A 1 128 ? 17.144  8.615   -5.846  1.00 42.75  ?  652  PRO A O   1 
ATOM   929  C CB  . PRO A 1 128 ? 15.410  6.647   -7.333  1.00 42.91  ?  652  PRO A CB  1 
ATOM   930  C CG  . PRO A 1 128 ? 14.210  7.297   -6.804  1.00 44.27  ?  652  PRO A CG  1 
ATOM   931  C CD  . PRO A 1 128 ? 14.075  6.867   -5.338  1.00 40.38  ?  652  PRO A CD  1 
ATOM   932  N N   . ARG A 1 129 ? 18.650  7.038   -6.369  1.00 43.22  ?  653  ARG A N   1 
ATOM   933  C CA  . ARG A 1 129 ? 19.747  7.969   -6.243  1.00 46.98  ?  653  ARG A CA  1 
ATOM   934  C C   . ARG A 1 129 ? 19.711  8.826   -7.457  1.00 53.00  ?  653  ARG A C   1 
ATOM   935  O O   . ARG A 1 129 ? 19.835  10.035  -7.365  1.00 63.13  ?  653  ARG A O   1 
ATOM   936  C CB  . ARG A 1 129 ? 21.082  7.246   -6.070  1.00 50.32  ?  653  ARG A CB  1 
ATOM   937  C CG  . ARG A 1 129 ? 21.203  6.664   -4.652  1.00 49.86  ?  653  ARG A CG  1 
ATOM   938  C CD  . ARG A 1 129 ? 22.490  5.887   -4.440  1.00 51.59  ?  653  ARG A CD  1 
ATOM   939  N NE  . ARG A 1 129 ? 22.529  5.326   -3.101  1.00 49.30  ?  653  ARG A NE  1 
ATOM   940  C CZ  . ARG A 1 129 ? 23.101  4.167   -2.772  1.00 56.72  ?  653  ARG A CZ  1 
ATOM   941  N NH1 . ARG A 1 129 ? 23.694  3.428   -3.707  1.00 56.90  ?  653  ARG A NH1 1 
ATOM   942  N NH2 . ARG A 1 129 ? 23.087  3.750   -1.494  1.00 51.75  ?  653  ARG A NH2 1 
ATOM   943  N N   . SER A 1 130 ? 19.454  8.184   -8.592  1.00 60.26  ?  654  SER A N   1 
ATOM   944  C CA  . SER A 1 130 ? 19.375  8.843   -9.886  1.00 54.95  ?  654  SER A CA  1 
ATOM   945  C C   . SER A 1 130 ? 18.497  7.992   -10.773 1.00 57.10  ?  654  SER A C   1 
ATOM   946  O O   . SER A 1 130 ? 17.850  7.036   -10.309 1.00 52.10  ?  654  SER A O   1 
ATOM   947  C CB  . SER A 1 130 ? 20.749  8.893   -10.510 1.00 54.26  ?  654  SER A CB  1 
ATOM   948  O OG  . SER A 1 130 ? 21.269  7.579   -10.553 1.00 60.25  ?  654  SER A OG  1 
ATOM   949  N N   . LEU A 1 131 ? 18.493  8.344   -12.059 1.00 62.32  ?  655  LEU A N   1 
ATOM   950  C CA  . LEU A 1 131 ? 17.763  7.595   -13.077 1.00 53.71  ?  655  LEU A CA  1 
ATOM   951  C C   . LEU A 1 131 ? 18.435  6.248   -13.259 1.00 53.63  ?  655  LEU A C   1 
ATOM   952  O O   . LEU A 1 131 ? 17.781  5.194   -13.225 1.00 52.93  ?  655  LEU A O   1 
ATOM   953  C CB  . LEU A 1 131 ? 17.775  8.365   -14.394 1.00 59.35  ?  655  LEU A CB  1 
ATOM   954  C CG  . LEU A 1 131 ? 17.126  7.683   -15.604 1.00 62.40  ?  655  LEU A CG  1 
ATOM   955  C CD1 . LEU A 1 131 ? 15.687  7.336   -15.275 1.00 62.91  ?  655  LEU A CD1 1 
ATOM   956  C CD2 . LEU A 1 131 ? 17.175  8.585   -16.809 1.00 63.54  ?  655  LEU A CD2 1 
ATOM   957  N N   . GLU A 1 132 ? 19.750  6.289   -13.439 1.00 51.51  ?  656  GLU A N   1 
ATOM   958  C CA  . GLU A 1 132 ? 20.535  5.081   -13.592 1.00 52.63  ?  656  GLU A CA  1 
ATOM   959  C C   . GLU A 1 132 ? 20.294  4.147   -12.415 1.00 54.64  ?  656  GLU A C   1 
ATOM   960  O O   . GLU A 1 132 ? 20.191  2.924   -12.580 1.00 58.97  ?  656  GLU A O   1 
ATOM   961  C CB  . GLU A 1 132 ? 22.024  5.420   -13.692 1.00 57.54  ?  656  GLU A CB  1 
ATOM   962  C CG  . GLU A 1 132 ? 22.361  6.532   -14.697 1.00 61.33  ?  656  GLU A CG  1 
ATOM   963  C CD  . GLU A 1 132 ? 22.400  7.935   -14.066 1.00 71.40  ?  656  GLU A CD  1 
ATOM   964  O OE1 . GLU A 1 132 ? 23.491  8.358   -13.580 1.00 76.93  ?  656  GLU A OE1 1 
ATOM   965  O OE2 . GLU A 1 132 ? 21.340  8.618   -14.057 1.00 73.97  -1 656  GLU A OE2 1 
ATOM   966  N N   . ASN A 1 133 ? 20.171  4.731   -11.229 1.00 53.60  ?  657  ASN A N   1 
ATOM   967  C CA  . ASN A 1 133 ? 20.032  3.934   -10.022 1.00 53.97  ?  657  ASN A CA  1 
ATOM   968  C C   . ASN A 1 133 ? 18.701  3.185   -9.991  1.00 48.58  ?  657  ASN A C   1 
ATOM   969  O O   . ASN A 1 133 ? 18.617  2.044   -9.500  1.00 43.81  ?  657  ASN A O   1 
ATOM   970  C CB  . ASN A 1 133 ? 20.238  4.802   -8.765  1.00 51.30  ?  657  ASN A CB  1 
ATOM   971  C CG  . ASN A 1 133 ? 20.052  4.020   -7.483  1.00 47.57  ?  657  ASN A CG  1 
ATOM   972  O OD1 . ASN A 1 133 ? 19.217  4.369   -6.673  1.00 47.91  ?  657  ASN A OD1 1 
ATOM   973  N ND2 . ASN A 1 133 ? 20.814  2.944   -7.305  1.00 47.87  ?  657  ASN A ND2 1 
ATOM   974  N N   . VAL A 1 134 ? 17.660  3.821   -10.513 1.00 42.15  ?  658  VAL A N   1 
ATOM   975  C CA  . VAL A 1 134 ? 16.413  3.102   -10.736 1.00 49.05  ?  658  VAL A CA  1 
ATOM   976  C C   . VAL A 1 134 ? 16.633  1.889   -11.681 1.00 49.36  ?  658  VAL A C   1 
ATOM   977  O O   . VAL A 1 134 ? 16.006  0.821   -11.545 1.00 43.59  ?  658  VAL A O   1 
ATOM   978  C CB  . VAL A 1 134 ? 15.353  4.026   -11.364 1.00 51.64  ?  658  VAL A CB  1 
ATOM   979  C CG1 . VAL A 1 134 ? 14.053  3.271   -11.617 1.00 45.79  ?  658  VAL A CG1 1 
ATOM   980  C CG2 . VAL A 1 134 ? 15.116  5.241   -10.488 1.00 47.85  ?  658  VAL A CG2 1 
ATOM   981  N N   . LEU A 1 135 ? 17.546  2.032   -12.629 1.00 45.41  ?  659  LEU A N   1 
ATOM   982  C CA  . LEU A 1 135 ? 17.725  0.949   -13.576 1.00 49.98  ?  659  LEU A CA  1 
ATOM   983  C C   . LEU A 1 135 ? 18.518  -0.203  -12.989 1.00 52.24  ?  659  LEU A C   1 
ATOM   984  O O   . LEU A 1 135 ? 18.432  -1.334  -13.501 1.00 46.06  ?  659  LEU A O   1 
ATOM   985  C CB  . LEU A 1 135 ? 18.375  1.453   -14.858 1.00 48.38  ?  659  LEU A CB  1 
ATOM   986  C CG  . LEU A 1 135 ? 17.428  2.337   -15.661 1.00 49.13  ?  659  LEU A CG  1 
ATOM   987  C CD1 . LEU A 1 135 ? 18.214  3.272   -16.579 1.00 42.52  ?  659  LEU A CD1 1 
ATOM   988  C CD2 . LEU A 1 135 ? 16.427  1.476   -16.404 1.00 41.63  ?  659  LEU A CD2 1 
ATOM   989  N N   . GLU A 1 136 ? 19.305  0.098   -11.947 1.00 46.48  ?  660  GLU A N   1 
ATOM   990  C CA  . GLU A 1 136 ? 20.067  -0.931  -11.230 1.00 49.50  ?  660  GLU A CA  1 
ATOM   991  C C   . GLU A 1 136 ? 19.151  -1.741  -10.373 1.00 45.99  ?  660  GLU A C   1 
ATOM   992  O O   . GLU A 1 136 ? 19.312  -2.949  -10.220 1.00 45.95  ?  660  GLU A O   1 
ATOM   993  C CB  . GLU A 1 136 ? 21.094  -0.320  -10.282 1.00 48.92  ?  660  GLU A CB  1 
ATOM   994  C CG  . GLU A 1 136 ? 22.231  0.430   -10.946 1.00 52.70  ?  660  GLU A CG  1 
ATOM   995  C CD  . GLU A 1 136 ? 22.593  1.675   -10.150 1.00 61.25  ?  660  GLU A CD  1 
ATOM   996  O OE1 . GLU A 1 136 ? 22.330  1.670   -8.912  1.00 63.11  ?  660  GLU A OE1 1 
ATOM   997  O OE2 . GLU A 1 136 ? 23.112  2.655   -10.747 1.00 63.04  -1 660  GLU A OE2 1 
ATOM   998  N N   . ILE A 1 137 ? 18.231  -1.038  -9.741  1.00 48.43  ?  661  ILE A N   1 
ATOM   999  C CA  . ILE A 1 137 ? 17.370  -1.665  -8.761  1.00 45.24  ?  661  ILE A CA  1 
ATOM   1000 C C   . ILE A 1 137 ? 16.130  -2.339  -9.335  1.00 42.67  ?  661  ILE A C   1 
ATOM   1001 O O   . ILE A 1 137 ? 15.565  -3.241  -8.708  1.00 37.03  ?  661  ILE A O   1 
ATOM   1002 C CB  . ILE A 1 137 ? 17.048  -0.691  -7.631  1.00 42.13  ?  661  ILE A CB  1 
ATOM   1003 C CG1 . ILE A 1 137 ? 16.041  0.365   -8.072  1.00 42.13  ?  661  ILE A CG1 1 
ATOM   1004 C CG2 . ILE A 1 137 ? 18.326  -0.021  -7.188  1.00 42.29  ?  661  ILE A CG2 1 
ATOM   1005 C CD1 . ILE A 1 137 ? 15.581  1.239   -6.906  1.00 39.21  ?  661  ILE A CD1 1 
ATOM   1006 N N   . ASN A 1 138 ? 15.714  -1.908  -10.525 1.00 44.20  ?  662  ASN A N   1 
ATOM   1007 C CA  . ASN A 1 138 ? 14.628  -2.587  -11.242 1.00 44.26  ?  662  ASN A CA  1 
ATOM   1008 C C   . ASN A 1 138 ? 15.057  -2.864  -12.681 1.00 45.99  ?  662  ASN A C   1 
ATOM   1009 O O   . ASN A 1 138 ? 15.169  -1.942  -13.492 1.00 45.71  ?  662  ASN A O   1 
ATOM   1010 C CB  . ASN A 1 138 ? 13.332  -1.768  -11.194 1.00 42.29  ?  662  ASN A CB  1 
ATOM   1011 C CG  . ASN A 1 138 ? 12.183  -2.418  -11.986 1.00 45.87  ?  662  ASN A CG  1 
ATOM   1012 O OD1 . ASN A 1 138 ? 12.381  -3.365  -12.777 1.00 45.72  ?  662  ASN A OD1 1 
ATOM   1013 N ND2 . ASN A 1 138 ? 10.971  -1.890  -11.788 1.00 38.01  ?  662  ASN A ND2 1 
ATOM   1014 N N   . LYS A 1 139 ? 15.246  -4.149  -12.975 1.00 47.93  ?  663  LYS A N   1 
ATOM   1015 C CA  . LYS A 1 139 ? 15.856  -4.626  -14.224 1.00 49.66  ?  663  LYS A CA  1 
ATOM   1016 C C   . LYS A 1 139 ? 14.792  -5.046  -15.241 1.00 46.68  ?  663  LYS A C   1 
ATOM   1017 O O   . LYS A 1 139 ? 15.091  -5.413  -16.366 1.00 53.68  ?  663  LYS A O   1 
ATOM   1018 C CB  . LYS A 1 139 ? 16.829  -5.776  -13.932 1.00 49.50  ?  663  LYS A CB  1 
ATOM   1019 C CG  . LYS A 1 139 ? 17.960  -5.449  -12.894 1.00 45.68  ?  663  LYS A CG  1 
ATOM   1020 C CD  . LYS A 1 139 ? 18.661  -6.747  -12.507 1.00 54.49  ?  663  LYS A CD  1 
ATOM   1021 C CE  . LYS A 1 139 ? 19.945  -6.570  -11.686 1.00 56.75  ?  663  LYS A CE  1 
ATOM   1022 N NZ  . LYS A 1 139 ? 20.649  -7.917  -11.529 1.00 57.55  ?  663  LYS A NZ  1 
ATOM   1023 N N   . ARG A 1 140 ? 13.536  -4.956  -14.848 1.00 47.65  ?  664  ARG A N   1 
ATOM   1024 C CA  . ARG A 1 140 ? 12.433  -5.226  -15.767 1.00 49.20  ?  664  ARG A CA  1 
ATOM   1025 C C   . ARG A 1 140 ? 11.814  -4.027  -16.505 1.00 49.21  ?  664  ARG A C   1 
ATOM   1026 O O   . ARG A 1 140 ? 10.714  -4.152  -17.045 1.00 46.25  ?  664  ARG A O   1 
ATOM   1027 C CB  . ARG A 1 140 ? 11.374  -6.122  -15.131 1.00 40.65  ?  664  ARG A CB  1 
ATOM   1028 C CG  . ARG A 1 140 ? 11.992  -7.439  -14.800 1.00 41.40  ?  664  ARG A CG  1 
ATOM   1029 C CD  . ARG A 1 140 ? 11.006  -8.570  -14.615 1.00 48.79  ?  664  ARG A CD  1 
ATOM   1030 N NE  . ARG A 1 140 ? 11.735  -9.730  -14.090 1.00 47.32  ?  664  ARG A NE  1 
ATOM   1031 C CZ  . ARG A 1 140 ? 11.236  -10.603 -13.225 1.00 50.37  ?  664  ARG A CZ  1 
ATOM   1032 N NH1 . ARG A 1 140 ? 9.991   -10.450 -12.775 1.00 52.22  ?  664  ARG A NH1 1 
ATOM   1033 N NH2 . ARG A 1 140 ? 11.990  -11.618 -12.798 1.00 49.98  ?  664  ARG A NH2 1 
ATOM   1034 N N   . ILE A 1 141 ? 12.454  -2.856  -16.449 1.00 45.33  ?  665  ILE A N   1 
ATOM   1035 C CA  . ILE A 1 141 ? 11.876  -1.682  -17.089 1.00 43.02  ?  665  ILE A CA  1 
ATOM   1036 C C   . ILE A 1 141 ? 12.808  -0.938  -18.050 1.00 42.82  ?  665  ILE A C   1 
ATOM   1037 O O   . ILE A 1 141 ? 14.019  -1.088  -17.989 1.00 46.00  ?  665  ILE A O   1 
ATOM   1038 C CB  . ILE A 1 141 ? 11.277  -0.706  -16.052 1.00 47.28  ?  665  ILE A CB  1 
ATOM   1039 C CG1 . ILE A 1 141 ? 12.364  -0.063  -15.177 1.00 45.01  ?  665  ILE A CG1 1 
ATOM   1040 C CG2 . ILE A 1 141 ? 10.246  -1.409  -15.208 1.00 38.47  ?  665  ILE A CG2 1 
ATOM   1041 C CD1 . ILE A 1 141 ? 11.788  0.922   -14.178 1.00 41.50  ?  665  ILE A CD1 1 
ATOM   1042 N N   . THR A 1 142 ? 12.212  -0.172  -18.964 1.00 38.11  ?  666  THR A N   1 
ATOM   1043 C CA  . THR A 1 142 ? 12.950  0.721   -19.865 1.00 43.46  ?  666  THR A CA  1 
ATOM   1044 C C   . THR A 1 142 ? 13.308  2.084   -19.276 1.00 46.72  ?  666  THR A C   1 
ATOM   1045 O O   . THR A 1 142 ? 12.661  2.584   -18.337 1.00 45.86  ?  666  THR A O   1 
ATOM   1046 C CB  . THR A 1 142 ? 12.191  0.992   -21.187 1.00 47.36  ?  666  THR A CB  1 
ATOM   1047 O OG1 . THR A 1 142 ? 10.938  1.642   -20.899 1.00 47.03  ?  666  THR A OG1 1 
ATOM   1048 C CG2 . THR A 1 142 ? 11.961  -0.306  -21.971 1.00 44.04  ?  666  THR A CG2 1 
ATOM   1049 N N   . GLU A 1 143 ? 14.324  2.690   -19.889 1.00 48.00  ?  667  GLU A N   1 
ATOM   1050 C CA  . GLU A 1 143 ? 14.812  4.002   -19.518 1.00 45.34  ?  667  GLU A CA  1 
ATOM   1051 C C   . GLU A 1 143 ? 13.661  4.948   -19.354 1.00 50.02  ?  667  GLU A C   1 
ATOM   1052 O O   . GLU A 1 143 ? 13.618  5.750   -18.431 1.00 55.83  ?  667  GLU A O   1 
ATOM   1053 C CB  . GLU A 1 143 ? 15.713  4.552   -20.602 1.00 47.60  ?  667  GLU A CB  1 
ATOM   1054 C CG  . GLU A 1 143 ? 16.699  5.586   -20.064 1.00 48.59  ?  667  GLU A CG  1 
ATOM   1055 C CD  . GLU A 1 143 ? 17.343  6.470   -21.131 1.00 55.43  ?  667  GLU A CD  1 
ATOM   1056 O OE1 . GLU A 1 143 ? 17.438  7.696   -20.866 1.00 60.37  ?  667  GLU A OE1 1 
ATOM   1057 O OE2 . GLU A 1 143 ? 17.763  5.957   -22.208 1.00 53.53  -1 667  GLU A OE2 1 
ATOM   1058 N N   . GLU A 1 144 ? 12.693  4.831   -20.235 1.00 48.56  ?  668  GLU A N   1 
ATOM   1059 C CA  . GLU A 1 144 ? 11.577  5.739   -20.198 1.00 48.70  ?  668  GLU A CA  1 
ATOM   1060 C C   . GLU A 1 144 ? 10.613  5.432   -19.060 1.00 49.28  ?  668  GLU A C   1 
ATOM   1061 O O   . GLU A 1 144 ? 9.994   6.333   -18.504 1.00 50.78  ?  668  GLU A O   1 
ATOM   1062 C CB  . GLU A 1 144 ? 10.851  5.723   -21.535 1.00 46.77  ?  668  GLU A CB  1 
ATOM   1063 C CG  . GLU A 1 144 ? 10.194  7.033   -21.829 1.00 53.25  ?  668  GLU A CG  1 
ATOM   1064 C CD  . GLU A 1 144 ? 8.693   6.940   -21.692 1.00 65.54  ?  668  GLU A CD  1 
ATOM   1065 O OE1 . GLU A 1 144 ? 8.199   5.778   -21.552 1.00 63.93  ?  668  GLU A OE1 1 
ATOM   1066 O OE2 . GLU A 1 144 ? 8.026   8.020   -21.742 1.00 69.74  -1 668  GLU A OE2 1 
ATOM   1067 N N   . GLN A 1 145 ? 10.456  4.160   -18.733 1.00 49.41  ?  669  GLN A N   1 
ATOM   1068 C CA  . GLN A 1 145 ? 9.637   3.820   -17.579 1.00 50.89  ?  669  GLN A CA  1 
ATOM   1069 C C   . GLN A 1 145 ? 10.323  4.333   -16.305 1.00 49.43  ?  669  GLN A C   1 
ATOM   1070 O O   . GLN A 1 145 ? 9.669   4.753   -15.338 1.00 44.92  ?  669  GLN A O   1 
ATOM   1071 C CB  . GLN A 1 145 ? 9.459   2.312   -17.487 1.00 49.50  ?  669  GLN A CB  1 
ATOM   1072 C CG  . GLN A 1 145 ? 8.418   1.720   -18.462 1.00 51.80  ?  669  GLN A CG  1 
ATOM   1073 C CD  . GLN A 1 145 ? 8.460   0.177   -18.464 1.00 47.90  ?  669  GLN A CD  1 
ATOM   1074 O OE1 . GLN A 1 145 ? 9.536   -0.435  -18.675 1.00 44.39  ?  669  GLN A OE1 1 
ATOM   1075 N NE2 . GLN A 1 145 ? 7.313   -0.453  -18.167 1.00 36.99  ?  669  GLN A NE2 1 
ATOM   1076 N N   . ALA A 1 146 ? 11.651  4.295   -16.345 1.00 48.61  ?  670  ALA A N   1 
ATOM   1077 C CA  . ALA A 1 146 ? 12.496  4.629   -15.210 1.00 48.70  ?  670  ALA A CA  1 
ATOM   1078 C C   . ALA A 1 146 ? 12.482  6.144   -14.974 1.00 53.67  ?  670  ALA A C   1 
ATOM   1079 O O   . ALA A 1 146 ? 12.492  6.608   -13.831 1.00 50.38  ?  670  ALA A O   1 
ATOM   1080 C CB  . ALA A 1 146 ? 13.914  4.129   -15.449 1.00 39.13  ?  670  ALA A CB  1 
ATOM   1081 N N   . ARG A 1 147 ? 12.453  6.914   -16.058 1.00 53.84  ?  671  ARG A N   1 
ATOM   1082 C CA  . ARG A 1 147 ? 12.398  8.354   -15.924 1.00 51.98  ?  671  ARG A CA  1 
ATOM   1083 C C   . ARG A 1 147 ? 11.110  8.721   -15.212 1.00 52.84  ?  671  ARG A C   1 
ATOM   1084 O O   . ARG A 1 147 ? 11.130  9.535   -14.285 1.00 53.65  ?  671  ARG A O   1 
ATOM   1085 C CB  . ARG A 1 147 ? 12.483  9.031   -17.279 1.00 53.65  ?  671  ARG A CB  1 
ATOM   1086 C CG  . ARG A 1 147 ? 11.781  10.373  -17.297 1.00 62.88  ?  671  ARG A CG  1 
ATOM   1087 C CD  . ARG A 1 147 ? 11.186  10.704  -18.676 1.00 65.84  ?  671  ARG A CD  1 
ATOM   1088 N NE  . ARG A 1 147 ? 9.793   11.172  -18.584 1.00 64.05  ?  671  ARG A NE  1 
ATOM   1089 C CZ  . ARG A 1 147 ? 8.748   10.506  -19.091 1.00 65.89  ?  671  ARG A CZ  1 
ATOM   1090 N NH1 . ARG A 1 147 ? 8.948   9.349   -19.729 1.00 63.72  ?  671  ARG A NH1 1 
ATOM   1091 N NH2 . ARG A 1 147 ? 7.504   10.983  -18.967 1.00 62.90  ?  671  ARG A NH2 1 
ATOM   1092 N N   . LYS A 1 148 ? 10.008  8.080   -15.599 1.00 47.11  ?  672  LYS A N   1 
ATOM   1093 C CA  . LYS A 1 148 ? 8.719   8.390   -15.001 1.00 52.02  ?  672  LYS A CA  1 
ATOM   1094 C C   . LYS A 1 148 ? 8.709   8.027   -13.538 1.00 53.40  ?  672  LYS A C   1 
ATOM   1095 O O   . LYS A 1 148 ? 8.103   8.722   -12.725 1.00 55.61  ?  672  LYS A O   1 
ATOM   1096 C CB  . LYS A 1 148 ? 7.575   7.650   -15.682 1.00 59.34  ?  672  LYS A CB  1 
ATOM   1097 C CG  . LYS A 1 148 ? 7.302   8.070   -17.106 1.00 57.49  ?  672  LYS A CG  1 
ATOM   1098 C CD  . LYS A 1 148 ? 5.825   7.846   -17.461 1.00 71.98  ?  672  LYS A CD  1 
ATOM   1099 C CE  . LYS A 1 148 ? 5.625   7.561   -18.964 1.00 73.02  ?  672  LYS A CE  1 
ATOM   1100 N NZ  . LYS A 1 148 ? 6.029   6.161   -19.330 1.00 71.28  ?  672  LYS A NZ  1 
ATOM   1101 N N   . ALA A 1 149 ? 9.375   6.926   -13.213 1.00 53.92  ?  673  ALA A N   1 
ATOM   1102 C CA  . ALA A 1 149 ? 9.414   6.422   -11.837 1.00 51.56  ?  673  ALA A CA  1 
ATOM   1103 C C   . ALA A 1 149 ? 10.310  7.296   -10.950 1.00 52.41  ?  673  ALA A C   1 
ATOM   1104 O O   . ALA A 1 149 ? 10.032  7.488   -9.769  1.00 42.32  ?  673  ALA A O   1 
ATOM   1105 C CB  . ALA A 1 149 ? 9.904   4.985   -11.819 1.00 43.73  ?  673  ALA A CB  1 
ATOM   1106 N N   . PHE A 1 150 ? 11.394  7.796   -11.537 1.00 49.03  ?  674  PHE A N   1 
ATOM   1107 C CA  . PHE A 1 150 ? 12.302  8.670   -10.842 1.00 48.01  ?  674  PHE A CA  1 
ATOM   1108 C C   . PHE A 1 150 ? 11.617  9.999   -10.567 1.00 54.39  ?  674  PHE A C   1 
ATOM   1109 O O   . PHE A 1 150 ? 11.921  10.654  -9.565  1.00 57.97  ?  674  PHE A O   1 
ATOM   1110 C CB  . PHE A 1 150 ? 13.577  8.893   -11.650 1.00 45.59  ?  674  PHE A CB  1 
ATOM   1111 C CG  . PHE A 1 150 ? 14.585  9.741   -10.955 1.00 47.62  ?  674  PHE A CG  1 
ATOM   1112 C CD1 . PHE A 1 150 ? 15.339  9.229   -9.881  1.00 57.73  ?  674  PHE A CD1 1 
ATOM   1113 C CD2 . PHE A 1 150 ? 14.794  11.048  -11.343 1.00 47.72  ?  674  PHE A CD2 1 
ATOM   1114 C CE1 . PHE A 1 150 ? 16.289  10.005  -9.212  1.00 49.86  ?  674  PHE A CE1 1 
ATOM   1115 C CE2 . PHE A 1 150 ? 15.752  11.840  -10.667 1.00 51.50  ?  674  PHE A CE2 1 
ATOM   1116 C CZ  . PHE A 1 150 ? 16.497  11.313  -9.608  1.00 48.27  ?  674  PHE A CZ  1 
ATOM   1117 N N   . ASP A 1 151 ? 10.683  10.383  -11.435 1.00 53.14  ?  675  ASP A N   1 
ATOM   1118 C CA  . ASP A 1 151 ? 9.981   11.646  -11.262 1.00 55.26  ?  675  ASP A CA  1 
ATOM   1119 C C   . ASP A 1 151 ? 8.888   11.530  -10.242 1.00 56.49  ?  675  ASP A C   1 
ATOM   1120 O O   . ASP A 1 151 ? 8.691   12.452  -9.440  1.00 56.61  ?  675  ASP A O   1 
ATOM   1121 C CB  . ASP A 1 151 ? 9.421   12.182  -12.578 1.00 54.02  ?  675  ASP A CB  1 
ATOM   1122 C CG  . ASP A 1 151 ? 10.524  12.668  -13.502 1.00 59.39  ?  675  ASP A CG  1 
ATOM   1123 O OD1 . ASP A 1 151 ? 11.653  12.878  -12.990 1.00 59.77  ?  675  ASP A OD1 1 
ATOM   1124 O OD2 . ASP A 1 151 ? 10.283  12.819  -14.724 1.00 62.73  -1 675  ASP A OD2 1 
ATOM   1125 N N   . ARG A 1 152 ? 8.185   10.402  -10.259 1.00 51.71  ?  676  ARG A N   1 
ATOM   1126 C CA  . ARG A 1 152 ? 7.158   10.175  -9.259  1.00 51.13  ?  676  ARG A CA  1 
ATOM   1127 C C   . ARG A 1 152 ? 7.815   10.171  -7.891  1.00 57.15  ?  676  ARG A C   1 
ATOM   1128 O O   . ARG A 1 152 ? 7.223   10.618  -6.908  1.00 58.65  ?  676  ARG A O   1 
ATOM   1129 C CB  . ARG A 1 152 ? 6.427   8.869   -9.499  1.00 51.55  ?  676  ARG A CB  1 
ATOM   1130 C CG  . ARG A 1 152 ? 5.406   8.942   -10.627 1.00 56.27  ?  676  ARG A CG  1 
ATOM   1131 C CD  . ARG A 1 152 ? 4.510   7.699   -10.655 1.00 61.70  ?  676  ARG A CD  1 
ATOM   1132 N NE  . ARG A 1 152 ? 5.002   6.703   -11.620 1.00 78.16  ?  676  ARG A NE  1 
ATOM   1133 C CZ  . ARG A 1 152 ? 5.655   5.579   -11.300 1.00 74.99  ?  676  ARG A CZ  1 
ATOM   1134 N NH1 . ARG A 1 152 ? 5.896   5.261   -10.019 1.00 73.38  ?  676  ARG A NH1 1 
ATOM   1135 N NH2 . ARG A 1 152 ? 6.060   4.764   -12.270 1.00 64.73  ?  676  ARG A NH2 1 
ATOM   1136 N N   . ALA A 1 153 ? 9.057   9.701   -7.838  1.00 51.02  ?  677  ALA A N   1 
ATOM   1137 C CA  . ALA A 1 153 ? 9.723   9.540   -6.569  1.00 53.68  ?  677  ALA A CA  1 
ATOM   1138 C C   . ALA A 1 153 ? 10.184  10.906  -6.023  1.00 63.06  ?  677  ALA A C   1 
ATOM   1139 O O   . ALA A 1 153 ? 10.223  11.147  -4.784  1.00 54.37  ?  677  ALA A O   1 
ATOM   1140 C CB  . ALA A 1 153 ? 10.879  8.569   -6.692  1.00 41.16  ?  677  ALA A CB  1 
ATOM   1141 N N   . THR A 1 154 ? 10.510  11.802  -6.951  1.00 54.66  ?  678  THR A N   1 
ATOM   1142 C CA  . THR A 1 154 ? 10.977  13.114  -6.561  1.00 50.10  ?  678  THR A CA  1 
ATOM   1143 C C   . THR A 1 154 ? 9.833   13.957  -5.995  1.00 57.86  ?  678  THR A C   1 
ATOM   1144 O O   . THR A 1 154 ? 10.012  14.631  -4.988  1.00 64.67  ?  678  THR A O   1 
ATOM   1145 C CB  . THR A 1 154 ? 11.659  13.821  -7.720  1.00 54.99  ?  678  THR A CB  1 
ATOM   1146 O OG1 . THR A 1 154 ? 12.894  13.161  -8.010  1.00 55.74  ?  678  THR A OG1 1 
ATOM   1147 C CG2 . THR A 1 154 ? 11.962  15.245  -7.355  1.00 58.16  ?  678  THR A CG2 1 
ATOM   1148 N N   . LYS A 1 155 ? 8.654   13.903  -6.612  1.00 60.52  ?  679  LYS A N   1 
ATOM   1149 C CA  . LYS A 1 155 ? 7.504   14.638  -6.086  1.00 61.93  ?  679  LYS A CA  1 
ATOM   1150 C C   . LYS A 1 155 ? 7.168   14.082  -4.722  1.00 63.09  ?  679  LYS A C   1 
ATOM   1151 O O   . LYS A 1 155 ? 6.984   14.828  -3.766  1.00 62.93  ?  679  LYS A O   1 
ATOM   1152 C CB  . LYS A 1 155 ? 6.261   14.514  -6.979  1.00 54.94  ?  679  LYS A CB  1 
ATOM   1153 C CG  . LYS A 1 155 ? 6.546   14.562  -8.441  1.00 64.56  ?  679  LYS A CG  1 
ATOM   1154 C CD  . LYS A 1 155 ? 7.249   15.838  -8.898  1.00 64.75  ?  679  LYS A CD  1 
ATOM   1155 C CE  . LYS A 1 155 ? 7.305   15.852  -10.437 1.00 78.52  ?  679  LYS A CE  1 
ATOM   1156 N NZ  . LYS A 1 155 ? 5.992   15.429  -11.079 1.00 71.91  ?  679  LYS A NZ  1 
ATOM   1157 N N   . LEU A 1 156 ? 7.101   12.757  -4.664  1.00 60.78  ?  680  LEU A N   1 
ATOM   1158 C CA  . LEU A 1 156 ? 6.728   12.026  -3.477  1.00 57.95  ?  680  LEU A CA  1 
ATOM   1159 C C   . LEU A 1 156 ? 7.567   12.478  -2.284  1.00 63.70  ?  680  LEU A C   1 
ATOM   1160 O O   . LEU A 1 156 ? 7.052   12.866  -1.226  1.00 58.22  ?  680  LEU A O   1 
ATOM   1161 C CB  . LEU A 1 156 ? 6.955   10.555  -3.750  1.00 56.66  ?  680  LEU A CB  1 
ATOM   1162 C CG  . LEU A 1 156 ? 6.768   9.575   -2.598  1.00 58.41  ?  680  LEU A CG  1 
ATOM   1163 C CD1 . LEU A 1 156 ? 5.639   10.006  -1.681  1.00 62.33  ?  680  LEU A CD1 1 
ATOM   1164 C CD2 . LEU A 1 156 ? 6.499   8.181   -3.193  1.00 56.32  ?  680  LEU A CD2 1 
ATOM   1165 N N   . GLU A 1 157 ? 8.870   12.443  -2.482  1.00 58.55  ?  681  GLU A N   1 
ATOM   1166 C CA  . GLU A 1 157 ? 9.779   12.887  -1.474  1.00 56.80  ?  681  GLU A CA  1 
ATOM   1167 C C   . GLU A 1 157 ? 9.599   14.386  -1.177  1.00 68.57  ?  681  GLU A C   1 
ATOM   1168 O O   . GLU A 1 157 ? 9.522   14.785  -0.013  1.00 66.82  ?  681  GLU A O   1 
ATOM   1169 C CB  . GLU A 1 157 ? 11.177  12.631  -1.963  1.00 55.13  ?  681  GLU A CB  1 
ATOM   1170 C CG  . GLU A 1 157 ? 12.198  12.787  -0.899  1.00 56.22  ?  681  GLU A CG  1 
ATOM   1171 C CD  . GLU A 1 157 ? 13.581  12.729  -1.484  1.00 65.60  ?  681  GLU A CD  1 
ATOM   1172 O OE1 . GLU A 1 157 ? 13.685  12.648  -2.738  1.00 65.36  ?  681  GLU A OE1 1 
ATOM   1173 O OE2 . GLU A 1 157 ? 14.557  12.769  -0.695  1.00 64.38  -1 681  GLU A OE2 1 
ATOM   1174 N N   . GLN A 1 158 ? 9.544   15.208  -2.228  1.00 64.78  ?  682  GLN A N   1 
ATOM   1175 C CA  . GLN A 1 158 ? 9.342   16.650  -2.083  1.00 63.70  ?  682  GLN A CA  1 
ATOM   1176 C C   . GLN A 1 158 ? 8.158   16.966  -1.184  1.00 66.04  ?  682  GLN A C   1 
ATOM   1177 O O   . GLN A 1 158 ? 8.191   17.939  -0.443  1.00 68.37  ?  682  GLN A O   1 
ATOM   1178 C CB  . GLN A 1 158 ? 9.041   17.279  -3.440  1.00 62.81  ?  682  GLN A CB  1 
ATOM   1179 C CG  . GLN A 1 158 ? 10.228  17.857  -4.208  1.00 67.44  ?  682  GLN A CG  1 
ATOM   1180 C CD  . GLN A 1 158 ? 9.857   18.238  -5.668  1.00 72.05  ?  682  GLN A CD  1 
ATOM   1181 O OE1 . GLN A 1 158 ? 8.664   18.400  -6.021  1.00 67.24  ?  682  GLN A OE1 1 
ATOM   1182 N NE2 . GLN A 1 158 ? 10.882  18.370  -6.519  1.00 65.51  ?  682  GLN A NE2 1 
ATOM   1183 N N   . GLU A 1 159 ? 7.121   16.137  -1.261  1.00 64.17  ?  683  GLU A N   1 
ATOM   1184 C CA  . GLU A 1 159 ? 5.851   16.389  -0.591  1.00 67.17  ?  683  GLU A CA  1 
ATOM   1185 C C   . GLU A 1 159 ? 5.808   15.842  0.813   1.00 71.77  ?  683  GLU A C   1 
ATOM   1186 O O   . GLU A 1 159 ? 5.613   16.581  1.770   1.00 78.84  ?  683  GLU A O   1 
ATOM   1187 C CB  . GLU A 1 159 ? 4.719   15.729  -1.362  1.00 70.91  ?  683  GLU A CB  1 
ATOM   1188 C CG  . GLU A 1 159 ? 4.419   16.354  -2.714  1.00 75.37  ?  683  GLU A CG  1 
ATOM   1189 C CD  . GLU A 1 159 ? 3.123   17.123  -2.686  1.00 87.97  ?  683  GLU A CD  1 
ATOM   1190 O OE1 . GLU A 1 159 ? 2.111   16.556  -2.196  1.00 89.33  ?  683  GLU A OE1 1 
ATOM   1191 O OE2 . GLU A 1 159 ? 3.123   18.298  -3.121  1.00 96.77  -1 683  GLU A OE2 1 
ATOM   1192 N N   . PHE A 1 160 ? 5.944   14.522  0.904   1.00 72.42  ?  684  PHE A N   1 
ATOM   1193 C CA  . PHE A 1 160 ? 5.725   13.730  2.124   1.00 63.96  ?  684  PHE A CA  1 
ATOM   1194 C C   . PHE A 1 160 ? 6.914   13.302  3.003   1.00 65.41  ?  684  PHE A C   1 
ATOM   1195 O O   . PHE A 1 160 ? 6.742   12.412  3.834   1.00 67.26  ?  684  PHE A O   1 
ATOM   1196 C CB  . PHE A 1 160 ? 4.806   12.547  1.838   1.00 66.81  ?  684  PHE A CB  1 
ATOM   1197 C CG  . PHE A 1 160 ? 3.670   12.877  0.896   1.00 73.45  ?  684  PHE A CG  1 
ATOM   1198 C CD1 . PHE A 1 160 ? 2.509   13.486  1.365   1.00 73.61  ?  684  PHE A CD1 1 
ATOM   1199 C CD2 . PHE A 1 160 ? 3.761   12.566  -0.464  1.00 72.30  ?  684  PHE A CD2 1 
ATOM   1200 C CE1 . PHE A 1 160 ? 1.453   13.787  0.498   1.00 72.76  ?  684  PHE A CE1 1 
ATOM   1201 C CE2 . PHE A 1 160 ? 2.714   12.861  -1.337  1.00 70.99  ?  684  PHE A CE2 1 
ATOM   1202 C CZ  . PHE A 1 160 ? 1.560   13.474  -0.849  1.00 75.53  ?  684  PHE A CZ  1 
ATOM   1203 N N   . THR A 1 161 ? 8.104   13.877  2.803   1.00 66.33  ?  685  THR A N   1 
ATOM   1204 C CA  . THR A 1 161 ? 9.337   13.477  3.535   1.00 62.81  ?  685  THR A CA  1 
ATOM   1205 C C   . THR A 1 161 ? 9.180   13.224  5.043   1.00 64.68  ?  685  THR A C   1 
ATOM   1206 O O   . THR A 1 161 ? 9.846   12.350  5.608   1.00 63.38  ?  685  THR A O   1 
ATOM   1207 C CB  . THR A 1 161 ? 10.465  14.561  3.444   1.00 65.54  ?  685  THR A CB  1 
ATOM   1208 O OG1 . THR A 1 161 ? 10.198  15.491  2.374   1.00 80.70  ?  685  THR A OG1 1 
ATOM   1209 C CG2 . THR A 1 161 ? 11.855  13.928  3.283   1.00 55.95  ?  685  THR A CG2 1 
ATOM   1210 N N   . GLU A 1 162 ? 8.346   14.032  5.695   1.00 69.34  ?  686  GLU A N   1 
ATOM   1211 C CA  . GLU A 1 162 ? 8.184   14.017  7.149   1.00 64.61  ?  686  GLU A CA  1 
ATOM   1212 C C   . GLU A 1 162 ? 7.258   12.894  7.576   1.00 67.88  ?  686  GLU A C   1 
ATOM   1213 O O   . GLU A 1 162 ? 7.279   12.455  8.731   1.00 62.60  ?  686  GLU A O   1 
ATOM   1214 C CB  . GLU A 1 162 ? 7.649   15.358  7.665   1.00 68.77  ?  686  GLU A CB  1 
ATOM   1215 C CG  . GLU A 1 162 ? 6.473   15.910  6.867   1.00 75.63  ?  686  GLU A CG  1 
ATOM   1216 C CD  . GLU A 1 162 ? 6.914   16.454  5.494   1.00 81.80  ?  686  GLU A CD  1 
ATOM   1217 O OE1 . GLU A 1 162 ? 7.955   17.180  5.462   1.00 79.41  ?  686  GLU A OE1 1 
ATOM   1218 O OE2 . GLU A 1 162 ? 6.247   16.123  4.465   1.00 71.39  -1 686  GLU A OE2 1 
ATOM   1219 N N   . CYS A 1 163 ? 6.447   12.397  6.648   1.00 69.51  ?  687  CYS A N   1 
ATOM   1220 C CA  . CYS A 1 163 ? 5.632   11.241  6.995   1.00 63.87  ?  687  CYS A CA  1 
ATOM   1221 C C   . CYS A 1 163 ? 6.454   9.915   7.074   1.00 59.94  ?  687  CYS A C   1 
ATOM   1222 O O   . CYS A 1 163 ? 5.951   8.917   7.590   1.00 59.75  ?  687  CYS A O   1 
ATOM   1223 C CB  . CYS A 1 163 ? 4.415   11.139  6.080   1.00 68.19  ?  687  CYS A CB  1 
ATOM   1224 S SG  . CYS A 1 163 ? 4.700   10.134  4.622   1.00 85.09  ?  687  CYS A SG  1 
ATOM   1225 N N   . PHE A 1 164 ? 7.723   9.924   6.638   1.00 56.11  ?  688  PHE A N   1 
ATOM   1226 C CA  . PHE A 1 164 ? 8.532   8.696   6.578   1.00 49.36  ?  688  PHE A CA  1 
ATOM   1227 C C   . PHE A 1 164 ? 9.101   8.243   7.901   1.00 47.11  ?  688  PHE A C   1 
ATOM   1228 O O   . PHE A 1 164 ? 9.753   9.012   8.616   1.00 51.76  ?  688  PHE A O   1 
ATOM   1229 C CB  . PHE A 1 164 ? 9.694   8.825   5.592   1.00 43.07  ?  688  PHE A CB  1 
ATOM   1230 C CG  . PHE A 1 164 ? 9.260   9.210   4.219   1.00 49.80  ?  688  PHE A CG  1 
ATOM   1231 C CD1 . PHE A 1 164 ? 8.002   8.839   3.751   1.00 48.27  ?  688  PHE A CD1 1 
ATOM   1232 C CD2 . PHE A 1 164 ? 10.090  9.956   3.396   1.00 44.69  ?  688  PHE A CD2 1 
ATOM   1233 C CE1 . PHE A 1 164 ? 7.589   9.211   2.483   1.00 52.09  ?  688  PHE A CE1 1 
ATOM   1234 C CE2 . PHE A 1 164 ? 9.685   10.323  2.131   1.00 49.48  ?  688  PHE A CE2 1 
ATOM   1235 C CZ  . PHE A 1 164 ? 8.434   9.955   1.667   1.00 51.82  ?  688  PHE A CZ  1 
ATOM   1236 N N   . SER A 1 165 ? 8.858   6.974   8.201   1.00 39.53  ?  689  SER A N   1 
ATOM   1237 C CA  . SER A 1 165 ? 9.550   6.282   9.262   1.00 39.00  ?  689  SER A CA  1 
ATOM   1238 C C   . SER A 1 165 ? 11.009  6.012   8.891   1.00 44.20  ?  689  SER A C   1 
ATOM   1239 O O   . SER A 1 165 ? 11.907  6.029   9.743   1.00 44.38  ?  689  SER A O   1 
ATOM   1240 C CB  . SER A 1 165 ? 8.844   4.971   9.601   1.00 41.65  ?  689  SER A CB  1 
ATOM   1241 O OG  . SER A 1 165 ? 7.453   5.166   9.803   1.00 45.93  ?  689  SER A OG  1 
ATOM   1242 N N   . ALA A 1 166 ? 11.262  5.746   7.619   1.00 43.29  ?  690  ALA A N   1 
ATOM   1243 C CA  . ALA A 1 166 ? 12.629  5.496   7.198   1.00 37.71  ?  690  ALA A CA  1 
ATOM   1244 C C   . ALA A 1 166 ? 12.803  5.750   5.726   1.00 39.86  ?  690  ALA A C   1 
ATOM   1245 O O   . ALA A 1 166 ? 11.823  5.749   4.951   1.00 45.59  ?  690  ALA A O   1 
ATOM   1246 C CB  . ALA A 1 166 ? 13.069  4.066   7.566   1.00 31.97  ?  690  ALA A CB  1 
ATOM   1247 N N   . ILE A 1 167 ? 14.057  5.988   5.354   1.00 38.34  ?  691  ILE A N   1 
ATOM   1248 C CA  . ILE A 1 167 ? 14.446  6.159   3.963   1.00 40.32  ?  691  ILE A CA  1 
ATOM   1249 C C   . ILE A 1 167 ? 15.595  5.209   3.647   1.00 42.87  ?  691  ILE A C   1 
ATOM   1250 O O   . ILE A 1 167 ? 16.638  5.209   4.285   1.00 46.86  ?  691  ILE A O   1 
ATOM   1251 C CB  . ILE A 1 167 ? 14.815  7.623   3.627   1.00 40.61  ?  691  ILE A CB  1 
ATOM   1252 C CG1 . ILE A 1 167 ? 13.580  8.513   3.745   1.00 38.15  ?  691  ILE A CG1 1 
ATOM   1253 C CG2 . ILE A 1 167 ? 15.406  7.738   2.238   1.00 47.11  ?  691  ILE A CG2 1 
ATOM   1254 C CD1 . ILE A 1 167 ? 13.904  9.978   3.908   1.00 41.16  ?  691  ILE A CD1 1 
ATOM   1255 N N   . VAL A 1 168 ? 15.372  4.378   2.650   1.00 49.03  ?  692  VAL A N   1 
ATOM   1256 C CA  . VAL A 1 168 ? 16.312  3.355   2.270   1.00 42.48  ?  692  VAL A CA  1 
ATOM   1257 C C   . VAL A 1 168 ? 16.809  3.668   0.858   1.00 44.15  ?  692  VAL A C   1 
ATOM   1258 O O   . VAL A 1 168 ? 16.104  4.326   0.061   1.00 40.25  ?  692  VAL A O   1 
ATOM   1259 C CB  . VAL A 1 168 ? 15.611  2.011   2.395   1.00 45.52  ?  692  VAL A CB  1 
ATOM   1260 C CG1 . VAL A 1 168 ? 16.164  0.986   1.431   1.00 49.97  ?  692  VAL A CG1 1 
ATOM   1261 C CG2 . VAL A 1 168 ? 15.698  1.549   3.849   1.00 44.26  ?  692  VAL A CG2 1 
ATOM   1262 N N   . GLU A 1 169 ? 18.057  3.266   0.609   1.00 40.93  ?  693  GLU A N   1 
ATOM   1263 C CA  . GLU A 1 169 ? 18.736  3.394   -0.674  1.00 44.63  ?  693  GLU A CA  1 
ATOM   1264 C C   . GLU A 1 169 ? 19.640  2.170   -0.884  1.00 47.86  ?  693  GLU A C   1 
ATOM   1265 O O   . GLU A 1 169 ? 19.878  1.423   0.064   1.00 48.50  ?  693  GLU A O   1 
ATOM   1266 C CB  . GLU A 1 169 ? 19.582  4.646   -0.722  1.00 40.59  ?  693  GLU A CB  1 
ATOM   1267 C CG  . GLU A 1 169 ? 18.815  5.950   -0.728  1.00 48.54  ?  693  GLU A CG  1 
ATOM   1268 C CD  . GLU A 1 169 ? 19.764  7.175   -0.742  1.00 56.20  ?  693  GLU A CD  1 
ATOM   1269 O OE1 . GLU A 1 169 ? 20.995  7.010   -0.990  1.00 55.40  ?  693  GLU A OE1 1 
ATOM   1270 O OE2 . GLU A 1 169 ? 19.276  8.306   -0.496  1.00 59.77  -1 693  GLU A OE2 1 
ATOM   1271 N N   . GLY A 1 170 ? 20.129  1.960   -2.115  1.00 46.21  ?  694  GLY A N   1 
ATOM   1272 C CA  . GLY A 1 170 ? 20.919  0.786   -2.444  1.00 47.46  ?  694  GLY A CA  1 
ATOM   1273 C C   . GLY A 1 170 ? 21.331  0.755   -3.896  1.00 49.11  ?  694  GLY A C   1 
ATOM   1274 O O   . GLY A 1 170 ? 20.811  1.513   -4.705  1.00 50.25  ?  694  GLY A O   1 
ATOM   1275 N N   . ASP A 1 171 ? 22.300  -0.088  -4.223  1.00 50.18  ?  695  ASP A N   1 
ATOM   1276 C CA  . ASP A 1 171 ? 22.728  -0.247  -5.623  1.00 56.09  ?  695  ASP A CA  1 
ATOM   1277 C C   . ASP A 1 171 ? 22.122  -1.471  -6.317  1.00 49.58  ?  695  ASP A C   1 
ATOM   1278 O O   . ASP A 1 171 ? 22.464  -1.795  -7.452  1.00 52.81  ?  695  ASP A O   1 
ATOM   1279 C CB  . ASP A 1 171 ? 24.257  -0.273  -5.717  1.00 53.74  ?  695  ASP A CB  1 
ATOM   1280 C CG  . ASP A 1 171 ? 24.873  1.049   -5.305  1.00 65.03  ?  695  ASP A CG  1 
ATOM   1281 O OD1 . ASP A 1 171 ? 24.714  2.048   -6.069  1.00 68.21  -1 695  ASP A OD1 1 
ATOM   1282 O OD2 . ASP A 1 171 ? 25.478  1.098   -4.200  1.00 70.60  ?  695  ASP A OD2 1 
ATOM   1283 N N   . SER A 1 172 ? 21.263  -2.175  -5.596  1.00 49.04  ?  696  SER A N   1 
ATOM   1284 C CA  . SER A 1 172 ? 20.605  -3.368  -6.093  1.00 47.36  ?  696  SER A CA  1 
ATOM   1285 C C   . SER A 1 172 ? 19.347  -3.554  -5.241  1.00 46.34  ?  696  SER A C   1 
ATOM   1286 O O   . SER A 1 172 ? 19.281  -3.083  -4.091  1.00 41.64  ?  696  SER A O   1 
ATOM   1287 C CB  . SER A 1 172 ? 21.518  -4.594  -5.923  1.00 43.73  ?  696  SER A CB  1 
ATOM   1288 O OG  . SER A 1 172 ? 21.697  -4.915  -4.541  1.00 54.20  ?  696  SER A OG  1 
ATOM   1289 N N   . PHE A 1 173 ? 18.373  -4.278  -5.771  1.00 41.43  ?  697  PHE A N   1 
ATOM   1290 C CA  . PHE A 1 173 ? 17.192  -4.529  -4.996  1.00 40.77  ?  697  PHE A CA  1 
ATOM   1291 C C   . PHE A 1 173 ? 17.499  -5.348  -3.724  1.00 46.14  ?  697  PHE A C   1 
ATOM   1292 O O   . PHE A 1 173 ? 17.013  -5.020  -2.621  1.00 42.10  ?  697  PHE A O   1 
ATOM   1293 C CB  . PHE A 1 173 ? 16.145  -5.202  -5.832  1.00 38.39  ?  697  PHE A CB  1 
ATOM   1294 C CG  . PHE A 1 173 ? 14.933  -5.563  -5.061  1.00 41.23  ?  697  PHE A CG  1 
ATOM   1295 C CD1 . PHE A 1 173 ? 13.970  -4.596  -4.778  1.00 40.42  ?  697  PHE A CD1 1 
ATOM   1296 C CD2 . PHE A 1 173 ? 14.766  -6.853  -4.579  1.00 39.41  ?  697  PHE A CD2 1 
ATOM   1297 C CE1 . PHE A 1 173 ? 12.840  -4.917  -4.041  1.00 42.26  ?  697  PHE A CE1 1 
ATOM   1298 C CE2 . PHE A 1 173 ? 13.638  -7.188  -3.844  1.00 43.82  ?  697  PHE A CE2 1 
ATOM   1299 C CZ  . PHE A 1 173 ? 12.671  -6.221  -3.568  1.00 41.43  ?  697  PHE A CZ  1 
ATOM   1300 N N   . GLU A 1 174 ? 18.354  -6.360  -3.879  1.00 47.21  ?  698  GLU A N   1 
ATOM   1301 C CA  . GLU A 1 174 ? 18.847  -7.185  -2.761  1.00 49.26  ?  698  GLU A CA  1 
ATOM   1302 C C   . GLU A 1 174 ? 19.229  -6.356  -1.548  1.00 46.34  ?  698  GLU A C   1 
ATOM   1303 O O   . GLU A 1 174 ? 18.786  -6.622  -0.431  1.00 49.66  ?  698  GLU A O   1 
ATOM   1304 C CB  . GLU A 1 174 ? 20.129  -7.903  -3.200  1.00 47.49  ?  698  GLU A CB  1 
ATOM   1305 C CG  . GLU A 1 174 ? 19.874  -9.136  -3.993  1.00 56.30  ?  698  GLU A CG  1 
ATOM   1306 C CD  . GLU A 1 174 ? 18.822  -10.006 -3.318  1.00 60.63  ?  698  GLU A CD  1 
ATOM   1307 O OE1 . GLU A 1 174 ? 19.179  -10.692 -2.303  1.00 57.03  ?  698  GLU A OE1 1 
ATOM   1308 O OE2 . GLU A 1 174 ? 17.649  -9.979  -3.797  1.00 57.67  -1 698  GLU A OE2 1 
ATOM   1309 N N   . GLU A 1 175 ? 20.039  -5.336  -1.804  1.00 42.04  ?  699  GLU A N   1 
ATOM   1310 C CA  . GLU A 1 175 ? 20.493  -4.435  -0.775  1.00 43.11  ?  699  GLU A CA  1 
ATOM   1311 C C   . GLU A 1 175 ? 19.337  -3.623  -0.188  1.00 44.04  ?  699  GLU A C   1 
ATOM   1312 O O   . GLU A 1 175 ? 19.233  -3.471  1.031   1.00 50.48  ?  699  GLU A O   1 
ATOM   1313 C CB  . GLU A 1 175 ? 21.579  -3.521  -1.347  1.00 48.63  ?  699  GLU A CB  1 
ATOM   1314 C CG  . GLU A 1 175 ? 21.879  -2.315  -0.500  1.00 50.59  ?  699  GLU A CG  1 
ATOM   1315 C CD  . GLU A 1 175 ? 22.991  -1.414  -1.062  1.00 58.45  ?  699  GLU A CD  1 
ATOM   1316 O OE1 . GLU A 1 175 ? 23.496  -1.648  -2.206  1.00 57.92  ?  699  GLU A OE1 1 
ATOM   1317 O OE2 . GLU A 1 175 ? 23.341  -0.451  -0.325  1.00 58.29  -1 699  GLU A OE2 1 
ATOM   1318 N N   . ILE A 1 176 ? 18.477  -3.094  -1.048  1.00 42.18  ?  700  ILE A N   1 
ATOM   1319 C CA  . ILE A 1 176 ? 17.269  -2.392  -0.609  1.00 40.54  ?  700  ILE A CA  1 
ATOM   1320 C C   . ILE A 1 176 ? 16.334  -3.289  0.242   1.00 43.78  ?  700  ILE A C   1 
ATOM   1321 O O   . ILE A 1 176 ? 15.857  -2.905  1.311   1.00 36.52  ?  700  ILE A O   1 
ATOM   1322 C CB  . ILE A 1 176 ? 16.539  -1.817  -1.862  1.00 38.15  ?  700  ILE A CB  1 
ATOM   1323 C CG1 . ILE A 1 176 ? 17.212  -0.522  -2.321  1.00 41.20  ?  700  ILE A CG1 1 
ATOM   1324 C CG2 . ILE A 1 176 ? 15.053  -1.574  -1.628  1.00 35.92  ?  700  ILE A CG2 1 
ATOM   1325 C CD1 . ILE A 1 176 ? 17.021  -0.218  -3.767  1.00 35.62  ?  700  ILE A CD1 1 
ATOM   1326 N N   . TYR A 1 177 ? 16.083  -4.494  -0.256  1.00 43.77  ?  701  TYR A N   1 
ATOM   1327 C CA  . TYR A 1 177 ? 15.209  -5.438  0.411   1.00 41.63  ?  701  TYR A CA  1 
ATOM   1328 C C   . TYR A 1 177 ? 15.751  -5.739  1.813   1.00 46.34  ?  701  TYR A C   1 
ATOM   1329 O O   . TYR A 1 177 ? 15.007  -5.826  2.799   1.00 44.51  ?  701  TYR A O   1 
ATOM   1330 C CB  . TYR A 1 177 ? 15.116  -6.716  -0.436  1.00 39.25  ?  701  TYR A CB  1 
ATOM   1331 C CG  . TYR A 1 177 ? 14.180  -7.758  0.132   1.00 43.82  ?  701  TYR A CG  1 
ATOM   1332 C CD1 . TYR A 1 177 ? 12.846  -7.437  0.454   1.00 42.12  ?  701  TYR A CD1 1 
ATOM   1333 C CD2 . TYR A 1 177 ? 14.620  -9.065  0.363   1.00 42.14  ?  701  TYR A CD2 1 
ATOM   1334 C CE1 . TYR A 1 177 ? 11.966  -8.404  0.998   1.00 42.88  ?  701  TYR A CE1 1 
ATOM   1335 C CE2 . TYR A 1 177 ? 13.750  -10.040 0.898   1.00 46.38  ?  701  TYR A CE2 1 
ATOM   1336 C CZ  . TYR A 1 177 ? 12.431  -9.704  1.215   1.00 46.28  ?  701  TYR A CZ  1 
ATOM   1337 O OH  . TYR A 1 177 ? 11.595  -10.663 1.745   1.00 43.51  ?  701  TYR A OH  1 
ATOM   1338 N N   . HIS A 1 178 ? 17.065  -5.888  1.890   1.00 46.34  ?  702  HIS A N   1 
ATOM   1339 C CA  . HIS A 1 178 ? 17.700  -6.164  3.150   1.00 43.19  ?  702  HIS A CA  1 
ATOM   1340 C C   . HIS A 1 178 ? 17.422  -5.004  4.115   1.00 44.40  ?  702  HIS A C   1 
ATOM   1341 O O   . HIS A 1 178 ? 16.961  -5.208  5.252   1.00 49.15  ?  702  HIS A O   1 
ATOM   1342 C CB  . HIS A 1 178 ? 19.197  -6.368  2.925   1.00 44.82  ?  702  HIS A CB  1 
ATOM   1343 C CG  . HIS A 1 178 ? 19.919  -6.912  4.122   1.00 60.43  ?  702  HIS A CG  1 
ATOM   1344 N ND1 . HIS A 1 178 ? 20.518  -6.099  5.070   1.00 59.51  ?  702  HIS A ND1 1 
ATOM   1345 C CD2 . HIS A 1 178 ? 20.124  -8.187  4.535   1.00 59.04  ?  702  HIS A CD2 1 
ATOM   1346 C CE1 . HIS A 1 178 ? 21.071  -6.850  6.004   1.00 61.33  ?  702  HIS A CE1 1 
ATOM   1347 N NE2 . HIS A 1 178 ? 20.846  -8.120  5.705   1.00 71.96  ?  702  HIS A NE2 1 
ATOM   1348 N N   . LYS A 1 179 ? 17.671  -3.778  3.667   1.00 42.39  ?  703  LYS A N   1 
ATOM   1349 C CA  . LYS A 1 179 ? 17.380  -2.623  4.520   1.00 39.86  ?  703  LYS A CA  1 
ATOM   1350 C C   . LYS A 1 179 ? 15.930  -2.550  4.931   1.00 41.69  ?  703  LYS A C   1 
ATOM   1351 O O   . LYS A 1 179 ? 15.630  -2.322  6.100   1.00 42.64  ?  703  LYS A O   1 
ATOM   1352 C CB  . LYS A 1 179 ? 17.840  -1.338  3.887   1.00 35.63  ?  703  LYS A CB  1 
ATOM   1353 C CG  . LYS A 1 179 ? 19.345  -1.388  3.635   1.00 40.31  ?  703  LYS A CG  1 
ATOM   1354 C CD  . LYS A 1 179 ? 19.830  -0.247  2.779   1.00 41.99  ?  703  LYS A CD  1 
ATOM   1355 C CE  . LYS A 1 179 ? 21.334  -0.188  2.746   1.00 41.07  ?  703  LYS A CE  1 
ATOM   1356 N NZ  . LYS A 1 179 ? 21.813  1.123   2.239   1.00 40.57  ?  703  LYS A NZ  1 
ATOM   1357 N N   . VAL A 1 180 ? 15.028  -2.825  4.000   1.00 43.27  ?  704  VAL A N   1 
ATOM   1358 C CA  . VAL A 1 180 ? 13.612  -2.810  4.327   1.00 40.31  ?  704  VAL A CA  1 
ATOM   1359 C C   . VAL A 1 180 ? 13.280  -3.749  5.478   1.00 45.68  ?  704  VAL A C   1 
ATOM   1360 O O   . VAL A 1 180 ? 12.589  -3.362  6.418   1.00 42.65  ?  704  VAL A O   1 
ATOM   1361 C CB  . VAL A 1 180 ? 12.748  -3.131  3.124   1.00 40.04  ?  704  VAL A CB  1 
ATOM   1362 C CG1 . VAL A 1 180 ? 11.322  -3.363  3.554   1.00 38.39  ?  704  VAL A CG1 1 
ATOM   1363 C CG2 . VAL A 1 180 ? 12.810  -1.985  2.116   1.00 42.43  ?  704  VAL A CG2 1 
ATOM   1364 N N   . LYS A 1 181 ? 13.794  -4.974  5.401   1.00 47.24  ?  705  LYS A N   1 
ATOM   1365 C CA  . LYS A 1 181 ? 13.591  -5.966  6.446   1.00 46.42  ?  705  LYS A CA  1 
ATOM   1366 C C   . LYS A 1 181 ? 14.201  -5.518  7.795   1.00 47.62  ?  705  LYS A C   1 
ATOM   1367 O O   . LYS A 1 181 ? 13.544  -5.632  8.836   1.00 43.50  ?  705  LYS A O   1 
ATOM   1368 C CB  . LYS A 1 181 ? 14.149  -7.324  6.008   1.00 44.87  ?  705  LYS A CB  1 
ATOM   1369 C CG  . LYS A 1 181 ? 13.309  -8.024  4.936   1.00 48.15  ?  705  LYS A CG  1 
ATOM   1370 C CD  . LYS A 1 181 ? 13.759  -9.486  4.708   1.00 44.65  ?  705  LYS A CD  1 
ATOM   1371 C CE  . LYS A 1 181 ? 15.261  -9.543  4.441   1.00 46.66  ?  705  LYS A CE  1 
ATOM   1372 N NZ  . LYS A 1 181 ? 15.648  -10.847 3.815   1.00 57.45  ?  705  LYS A NZ  1 
ATOM   1373 N N   . ARG A 1 182 ? 15.437  -5.003  7.755   1.00 46.64  ?  706  ARG A N   1 
ATOM   1374 C CA  . ARG A 1 182 ? 16.106  -4.432  8.932   1.00 48.95  ?  706  ARG A CA  1 
ATOM   1375 C C   . ARG A 1 182 ? 15.246  -3.381  9.612   1.00 52.08  ?  706  ARG A C   1 
ATOM   1376 O O   . ARG A 1 182 ? 15.006  -3.426  10.825  1.00 52.14  ?  706  ARG A O   1 
ATOM   1377 C CB  . ARG A 1 182 ? 17.398  -3.739  8.521   1.00 53.27  ?  706  ARG A CB  1 
ATOM   1378 C CG  . ARG A 1 182 ? 18.468  -4.659  8.021   1.00 59.79  ?  706  ARG A CG  1 
ATOM   1379 C CD  . ARG A 1 182 ? 19.143  -5.370  9.191   1.00 64.81  ?  706  ARG A CD  1 
ATOM   1380 N NE  . ARG A 1 182 ? 19.724  -4.405  10.115  1.00 68.82  ?  706  ARG A NE  1 
ATOM   1381 C CZ  . ARG A 1 182 ? 19.158  -4.029  11.260  1.00 70.46  ?  706  ARG A CZ  1 
ATOM   1382 N NH1 . ARG A 1 182 ? 17.983  -4.559  11.605  1.00 67.77  ?  706  ARG A NH1 1 
ATOM   1383 N NH2 . ARG A 1 182 ? 19.760  -3.128  12.057  1.00 64.05  ?  706  ARG A NH2 1 
ATOM   1384 N N   . VAL A 1 183 ? 14.796  -2.424  8.814   1.00 45.06  ?  707  VAL A N   1 
ATOM   1385 C CA  . VAL A 1 183 ? 14.009  -1.338  9.330   1.00 45.40  ?  707  VAL A CA  1 
ATOM   1386 C C   . VAL A 1 183 ? 12.758  -1.844  10.009  1.00 49.24  ?  707  VAL A C   1 
ATOM   1387 O O   . VAL A 1 183 ? 12.418  -1.392  11.110  1.00 50.36  ?  707  VAL A O   1 
ATOM   1388 C CB  . VAL A 1 183 ? 13.586  -0.384  8.209   1.00 49.89  ?  707  VAL A CB  1 
ATOM   1389 C CG1 . VAL A 1 183 ? 12.402  0.497   8.657   1.00 48.00  ?  707  VAL A CG1 1 
ATOM   1390 C CG2 . VAL A 1 183 ? 14.773  0.453   7.742   1.00 45.72  ?  707  VAL A CG2 1 
ATOM   1391 N N   . ILE A 1 184 ? 12.063  -2.774  9.363   1.00 45.13  ?  708  ILE A N   1 
ATOM   1392 C CA  . ILE A 1 184 ? 10.817  -3.236  9.935   1.00 50.38  ?  708  ILE A CA  1 
ATOM   1393 C C   . ILE A 1 184 ? 11.011  -3.892  11.298  1.00 53.07  ?  708  ILE A C   1 
ATOM   1394 O O   . ILE A 1 184 ? 10.325  -3.530  12.249  1.00 55.37  ?  708  ILE A O   1 
ATOM   1395 C CB  . ILE A 1 184 ? 10.057  -4.145  9.012   1.00 44.86  ?  708  ILE A CB  1 
ATOM   1396 C CG1 . ILE A 1 184 ? 9.588   -3.345  7.811   1.00 45.41  ?  708  ILE A CG1 1 
ATOM   1397 C CG2 . ILE A 1 184 ? 8.838   -4.723  9.726   1.00 48.27  ?  708  ILE A CG2 1 
ATOM   1398 C CD1 . ILE A 1 184 ? 9.253   -4.252  6.602   1.00 56.79  ?  708  ILE A CD1 1 
ATOM   1399 N N   . GLU A 1 185 ? 11.960  -4.807  11.424  1.00 49.59  ?  709  GLU A N   1 
ATOM   1400 C CA  . GLU A 1 185 ? 12.142  -5.442  12.723  1.00 55.46  ?  709  GLU A CA  1 
ATOM   1401 C C   . GLU A 1 185 ? 12.591  -4.444  13.810  1.00 57.10  ?  709  GLU A C   1 
ATOM   1402 O O   . GLU A 1 185 ? 12.098  -4.482  14.931  1.00 55.45  ?  709  GLU A O   1 
ATOM   1403 C CB  . GLU A 1 185 ? 13.098  -6.627  12.636  1.00 56.74  ?  709  GLU A CB  1 
ATOM   1404 C CG  . GLU A 1 185 ? 14.441  -6.291  12.038  1.00 58.82  ?  709  GLU A CG  1 
ATOM   1405 C CD  . GLU A 1 185 ? 15.526  -7.257  12.494  1.00 74.76  ?  709  GLU A CD  1 
ATOM   1406 O OE1 . GLU A 1 185 ? 16.721  -7.076  12.098  1.00 72.20  ?  709  GLU A OE1 1 
ATOM   1407 O OE2 . GLU A 1 185 ? 15.167  -8.196  13.260  1.00 77.90  ?  709  GLU A OE2 1 
ATOM   1408 N N   . ASP A 1 186 ? 13.503  -3.553  13.434  1.00 54.97  ?  710  ASP A N   1 
ATOM   1409 C CA  . ASP A 1 186 ? 14.053  -2.519  14.292  1.00 46.40  ?  710  ASP A CA  1 
ATOM   1410 C C   . ASP A 1 186 ? 12.965  -1.628  14.871  1.00 55.55  ?  710  ASP A C   1 
ATOM   1411 O O   . ASP A 1 186 ? 12.978  -1.308  16.072  1.00 60.42  ?  710  ASP A O   1 
ATOM   1412 C CB  . ASP A 1 186 ? 15.056  -1.655  13.512  1.00 50.65  ?  710  ASP A CB  1 
ATOM   1413 C CG  . ASP A 1 186 ? 16.456  -2.277  13.440  1.00 54.72  ?  710  ASP A CG  1 
ATOM   1414 O OD1 . ASP A 1 186 ? 16.611  -3.454  13.839  1.00 56.86  ?  710  ASP A OD1 1 
ATOM   1415 O OD2 . ASP A 1 186 ? 17.410  -1.588  12.989  1.00 52.74  -1 710  ASP A OD2 1 
ATOM   1416 N N   . LEU A 1 187 ? 12.023  -1.228  14.028  1.00 52.94  ?  711  LEU A N   1 
ATOM   1417 C CA  . LEU A 1 187 ? 10.954  -0.344  14.479  1.00 55.21  ?  711  LEU A CA  1 
ATOM   1418 C C   . LEU A 1 187 ? 9.807   -1.163  15.056  1.00 57.55  ?  711  LEU A C   1 
ATOM   1419 O O   . LEU A 1 187 ? 8.857   -0.606  15.601  1.00 64.76  ?  711  LEU A O   1 
ATOM   1420 C CB  . LEU A 1 187 ? 10.419  0.570   13.352  1.00 51.25  ?  711  LEU A CB  1 
ATOM   1421 C CG  . LEU A 1 187 ? 11.311  1.371   12.385  1.00 49.56  ?  711  LEU A CG  1 
ATOM   1422 C CD1 . LEU A 1 187 ? 10.515  2.516   11.778  1.00 51.87  ?  711  LEU A CD1 1 
ATOM   1423 C CD2 . LEU A 1 187 ? 12.599  1.902   12.980  1.00 55.01  ?  711  LEU A CD2 1 
ATOM   1424 N N   . SER A 1 188 ? 9.874   -2.482  14.925  1.00 54.09  ?  712  SER A N   1 
ATOM   1425 C CA  . SER A 1 188 ? 8.809   -3.296  15.493  1.00 59.45  ?  712  SER A CA  1 
ATOM   1426 C C   . SER A 1 188 ? 8.969   -3.502  16.994  1.00 61.34  ?  712  SER A C   1 
ATOM   1427 O O   . SER A 1 188 ? 7.976   -3.552  17.717  1.00 66.24  ?  712  SER A O   1 
ATOM   1428 C CB  . SER A 1 188 ? 8.642   -4.613  14.747  1.00 57.33  ?  712  SER A CB  1 
ATOM   1429 O OG  . SER A 1 188 ? 7.905   -4.381  13.555  1.00 53.72  ?  712  SER A OG  1 
ATOM   1430 N N   . GLY A 1 189 ? 10.209  -3.597  17.460  1.00 59.02  ?  713  GLY A N   1 
ATOM   1431 C CA  . GLY A 1 189 ? 10.469  -3.677  18.888  1.00 67.58  ?  713  GLY A CA  1 
ATOM   1432 C C   . GLY A 1 189 ? 10.628  -5.104  19.385  1.00 78.89  ?  713  GLY A C   1 
ATOM   1433 O O   . GLY A 1 189 ? 9.822   -5.987  19.059  1.00 79.49  ?  713  GLY A O   1 
ATOM   1434 N N   . GLU B 2 2   ? -10.173 7.125   -11.590 1.00 96.61  ?  2105 GLU B N   1 
ATOM   1435 C CA  . GLU B 2 2   ? -9.400  7.923   -10.633 1.00 100.57 ?  2105 GLU B CA  1 
ATOM   1436 C C   . GLU B 2 2   ? -8.718  7.096   -9.526  1.00 96.99  ?  2105 GLU B C   1 
ATOM   1437 O O   . GLU B 2 2   ? -8.515  7.601   -8.421  1.00 101.79 ?  2105 GLU B O   1 
ATOM   1438 C CB  . GLU B 2 2   ? -10.278 9.010   -10.001 1.00 92.23  ?  2105 GLU B CB  1 
ATOM   1439 N N   . LEU B 2 3   ? -8.391  5.833   -9.816  1.00 96.46  ?  2106 LEU B N   1 
ATOM   1440 C CA  . LEU B 2 3   ? -7.640  4.970   -8.881  1.00 94.12  ?  2106 LEU B CA  1 
ATOM   1441 C C   . LEU B 2 3   ? -6.580  4.094   -9.568  1.00 89.35  ?  2106 LEU B C   1 
ATOM   1442 O O   . LEU B 2 3   ? -6.911  3.268   -10.417 1.00 91.69  ?  2106 LEU B O   1 
ATOM   1443 C CB  . LEU B 2 3   ? -8.596  4.047   -8.109  1.00 89.47  ?  2106 LEU B CB  1 
ATOM   1444 C CG  . LEU B 2 3   ? -8.905  4.299   -6.631  1.00 88.06  ?  2106 LEU B CG  1 
ATOM   1445 C CD1 . LEU B 2 3   ? -9.715  3.133   -6.063  1.00 88.09  ?  2106 LEU B CD1 1 
ATOM   1446 C CD2 . LEU B 2 3   ? -7.630  4.516   -5.834  1.00 85.38  ?  2106 LEU B CD2 1 
ATOM   1447 N N   . GLU B 2 4   ? -5.317  4.239   -9.181  1.00 83.54  ?  2107 GLU B N   1 
ATOM   1448 C CA  . GLU B 2 4   ? -4.287  3.334   -9.674  1.00 81.48  ?  2107 GLU B CA  1 
ATOM   1449 C C   . GLU B 2 4   ? -3.572  2.688   -8.499  1.00 86.92  ?  2107 GLU B C   1 
ATOM   1450 O O   . GLU B 2 4   ? -2.883  3.344   -7.712  1.00 97.30  ?  2107 GLU B O   1 
ATOM   1451 C CB  . GLU B 2 4   ? -3.324  4.036   -10.629 1.00 81.50  ?  2107 GLU B CB  1 
ATOM   1452 C CG  . GLU B 2 4   ? -3.178  5.536   -10.409 1.00 86.41  ?  2107 GLU B CG  1 
ATOM   1453 C CD  . GLU B 2 4   ? -2.701  6.269   -11.665 1.00 91.39  ?  2107 GLU B CD  1 
ATOM   1454 O OE1 . GLU B 2 4   ? -2.244  5.594   -12.617 1.00 96.37  ?  2107 GLU B OE1 1 
ATOM   1455 O OE2 . GLU B 2 4   ? -2.790  7.517   -11.704 1.00 88.48  ?  2107 GLU B OE2 1 
ATOM   1456 N N   . GLY B 2 5   ? -3.763  1.386   -8.381  1.00 77.53  ?  2108 GLY B N   1 
ATOM   1457 C CA  . GLY B 2 5   ? -3.414  0.672   -7.179  1.00 74.29  ?  2108 GLY B CA  1 
ATOM   1458 C C   . GLY B 2 5   ? -3.219  -0.766  -7.565  1.00 71.88  ?  2108 GLY B C   1 
ATOM   1459 O O   . GLY B 2 5   ? -3.227  -1.101  -8.742  1.00 84.65  ?  2108 GLY B O   1 
ATOM   1460 N N   . GLY B 2 6   ? -3.095  -1.626  -6.575  1.00 69.60  ?  2109 GLY B N   1 
ATOM   1461 C CA  . GLY B 2 6   ? -2.598  -2.963  -6.784  1.00 65.16  ?  2109 GLY B CA  1 
ATOM   1462 C C   . GLY B 2 6   ? -3.283  -3.837  -5.767  1.00 65.66  ?  2109 GLY B C   1 
ATOM   1463 O O   . GLY B 2 6   ? -4.231  -3.406  -5.105  1.00 65.30  ?  2109 GLY B O   1 
ATOM   1464 N N   . PRO B 2 7   ? -2.847  -5.092  -5.681  1.00 60.03  ?  2110 PRO B N   1 
ATOM   1465 C CA  . PRO B 2 7   ? -3.457  -6.105  -4.823  1.00 63.31  ?  2110 PRO B CA  1 
ATOM   1466 C C   . PRO B 2 7   ? -3.691  -5.562  -3.417  1.00 66.25  ?  2110 PRO B C   1 
ATOM   1467 O O   . PRO B 2 7   ? -4.742  -5.801  -2.823  1.00 69.87  ?  2110 PRO B O   1 
ATOM   1468 C CB  . PRO B 2 7   ? -2.397  -7.208  -4.783  1.00 61.99  ?  2110 PRO B CB  1 
ATOM   1469 C CG  . PRO B 2 7   ? -1.642  -7.043  -6.033  1.00 63.10  ?  2110 PRO B CG  1 
ATOM   1470 C CD  . PRO B 2 7   ? -1.637  -5.581  -6.356  1.00 61.83  ?  2110 PRO B CD  1 
ATOM   1471 N N   . TYR B 2 8   ? -2.728  -4.807  -2.909  1.00 61.54  ?  2111 TYR B N   1 
ATOM   1472 C CA  . TYR B 2 8   ? -2.792  -4.342  -1.538  1.00 61.90  ?  2111 TYR B CA  1 
ATOM   1473 C C   . TYR B 2 8   ? -3.363  -2.943  -1.453  1.00 63.28  ?  2111 TYR B C   1 
ATOM   1474 O O   . TYR B 2 8   ? -3.368  -2.314  -0.391  1.00 64.94  ?  2111 TYR B O   1 
ATOM   1475 C CB  . TYR B 2 8   ? -1.432  -4.494  -0.868  1.00 62.92  ?  2111 TYR B CB  1 
ATOM   1476 C CG  . TYR B 2 8   ? -0.819  -5.779  -1.322  1.00 59.40  ?  2111 TYR B CG  1 
ATOM   1477 C CD1 . TYR B 2 8   ? -1.486  -6.981  -1.116  1.00 60.11  ?  2111 TYR B CD1 1 
ATOM   1478 C CD2 . TYR B 2 8   ? 0.388   -5.797  -2.018  1.00 61.34  ?  2111 TYR B CD2 1 
ATOM   1479 C CE1 . TYR B 2 8   ? -0.958  -8.183  -1.559  1.00 62.42  ?  2111 TYR B CE1 1 
ATOM   1480 C CE2 . TYR B 2 8   ? 0.934   -6.991  -2.473  1.00 63.33  ?  2111 TYR B CE2 1 
ATOM   1481 C CZ  . TYR B 2 8   ? 0.252   -8.192  -2.246  1.00 67.47  ?  2111 TYR B CZ  1 
ATOM   1482 O OH  . TYR B 2 8   ? 0.778   -9.402  -2.694  1.00 63.72  ?  2111 TYR B OH  1 
ATOM   1483 N N   . SER B 2 9   ? -3.830  -2.452  -2.593  1.00 63.75  ?  2112 SER B N   1 
ATOM   1484 C CA  . SER B 2 9   ? -4.596  -1.213  -2.614  1.00 69.50  ?  2112 SER B CA  1 
ATOM   1485 C C   . SER B 2 9   ? -6.079  -1.466  -2.277  1.00 71.66  ?  2112 SER B C   1 
ATOM   1486 O O   . SER B 2 9   ? -6.508  -2.625  -2.106  1.00 62.55  ?  2112 SER B O   1 
ATOM   1487 C CB  . SER B 2 9   ? -4.480  -0.551  -3.991  1.00 68.04  ?  2112 SER B CB  1 
ATOM   1488 O OG  . SER B 2 9   ? -4.219  0.839   -3.862  1.00 76.27  ?  2112 SER B OG  1 
ATOM   1489 N N   . PRO B 2 10  ? -6.864  -0.374  -2.169  1.00 74.77  ?  2113 PRO B N   1 
ATOM   1490 C CA  . PRO B 2 10  ? -8.325  -0.469  -2.099  1.00 78.56  ?  2113 PRO B CA  1 
ATOM   1491 C C   . PRO B 2 10  ? -8.949  -1.124  -3.335  1.00 76.29  ?  2113 PRO B C   1 
ATOM   1492 O O   . PRO B 2 10  ? -10.091 -1.577  -3.266  1.00 78.77  ?  2113 PRO B O   1 
ATOM   1493 C CB  . PRO B 2 10  ? -8.758  0.993   -1.988  1.00 81.32  ?  2113 PRO B CB  1 
ATOM   1494 C CG  . PRO B 2 10  ? -7.663  1.625   -1.223  1.00 80.77  ?  2113 PRO B CG  1 
ATOM   1495 C CD  . PRO B 2 10  ? -6.393  0.930   -1.661  1.00 75.52  ?  2113 PRO B CD  1 
ATOM   1496 N N   . LEU B 2 11  ? -8.213  -1.180  -4.439  1.00 73.91  ?  2114 LEU B N   1 
ATOM   1497 C CA  . LEU B 2 11  ? -8.672  -1.889  -5.622  1.00 69.93  ?  2114 LEU B CA  1 
ATOM   1498 C C   . LEU B 2 11  ? -8.778  -3.398  -5.419  1.00 73.33  ?  2114 LEU B C   1 
ATOM   1499 O O   . LEU B 2 11  ? -9.493  -4.063  -6.162  1.00 77.55  ?  2114 LEU B O   1 
ATOM   1500 C CB  . LEU B 2 11  ? -7.767  -1.596  -6.816  1.00 69.58  ?  2114 LEU B CB  1 
ATOM   1501 C CG  . LEU B 2 11  ? -8.025  -0.292  -7.563  1.00 74.85  ?  2114 LEU B CG  1 
ATOM   1502 C CD1 . LEU B 2 11  ? -7.159  -0.187  -8.818  1.00 73.92  ?  2114 LEU B CD1 1 
ATOM   1503 C CD2 . LEU B 2 11  ? -9.493  -0.191  -7.914  1.00 81.77  ?  2114 LEU B CD2 1 
ATOM   1504 N N   . GLY B 2 12  ? -8.044  -3.944  -4.455  1.00 69.70  ?  2115 GLY B N   1 
ATOM   1505 C CA  . GLY B 2 12  ? -8.118  -5.365  -4.160  1.00 71.86  ?  2115 GLY B CA  1 
ATOM   1506 C C   . GLY B 2 12  ? -8.010  -6.262  -5.383  1.00 75.27  ?  2115 GLY B C   1 
ATOM   1507 O O   . GLY B 2 12  ? -7.128  -6.067  -6.218  1.00 73.90  ?  2115 GLY B O   1 
ATOM   1508 N N   . LYS B 2 13  ? -8.942  -7.214  -5.493  1.00 77.97  ?  2116 LYS B N   1 
ATOM   1509 C CA  . LYS B 2 13  ? -9.000  -8.200  -6.587  1.00 78.62  ?  2116 LYS B CA  1 
ATOM   1510 C C   . LYS B 2 13  ? -9.027  -7.596  -7.991  1.00 76.99  ?  2116 LYS B C   1 
ATOM   1511 O O   . LYS B 2 13  ? -8.556  -8.216  -8.941  1.00 78.35  ?  2116 LYS B O   1 
ATOM   1512 C CB  . LYS B 2 13  ? -10.223 -9.124  -6.422  1.00 73.28  ?  2116 LYS B CB  1 
ATOM   1513 N N   . ASP B 2 14  ? -9.583  -6.392  -8.115  1.00 79.51  ?  2117 ASP B N   1 
ATOM   1514 C CA  . ASP B 2 14  ? -9.837  -5.787  -9.429  1.00 78.52  ?  2117 ASP B CA  1 
ATOM   1515 C C   . ASP B 2 14  ? -8.701  -4.908  -9.956  1.00 80.46  ?  2117 ASP B C   1 
ATOM   1516 O O   . ASP B 2 14  ? -8.848  -4.272  -11.000 1.00 83.89  ?  2117 ASP B O   1 
ATOM   1517 C CB  . ASP B 2 14  ? -11.139 -4.967  -9.417  1.00 83.10  ?  2117 ASP B CB  1 
ATOM   1518 C CG  . ASP B 2 14  ? -12.374 -5.793  -9.011  1.00 87.15  ?  2117 ASP B CG  1 
ATOM   1519 O OD1 . ASP B 2 14  ? -12.321 -7.047  -9.030  1.00 88.49  ?  2117 ASP B OD1 1 
ATOM   1520 O OD2 . ASP B 2 14  ? -13.413 -5.173  -8.684  1.00 81.51  ?  2117 ASP B OD2 1 
ATOM   1521 N N   . TYR B 2 15  ? -7.588  -4.855  -9.225  1.00 81.91  ?  2118 TYR B N   1 
ATOM   1522 C CA  . TYR B 2 15  ? -6.444  -4.020  -9.601  1.00 79.57  ?  2118 TYR B CA  1 
ATOM   1523 C C   . TYR B 2 15  ? -6.036  -4.321  -11.044 1.00 81.37  ?  2118 TYR B C   1 
ATOM   1524 O O   . TYR B 2 15  ? -5.744  -3.416  -11.826 1.00 82.78  ?  2118 TYR B O   1 
ATOM   1525 C CB  . TYR B 2 15  ? -5.259  -4.245  -8.631  1.00 72.17  ?  2118 TYR B CB  1 
ATOM   1526 C CG  . TYR B 2 15  ? -4.313  -5.374  -9.040  1.00 72.53  ?  2118 TYR B CG  1 
ATOM   1527 C CD1 . TYR B 2 15  ? -4.593  -6.695  -8.703  1.00 70.84  ?  2118 TYR B CD1 1 
ATOM   1528 C CD2 . TYR B 2 15  ? -3.153  -5.122  -9.796  1.00 73.03  ?  2118 TYR B CD2 1 
ATOM   1529 C CE1 . TYR B 2 15  ? -3.751  -7.734  -9.093  1.00 69.15  ?  2118 TYR B CE1 1 
ATOM   1530 C CE2 . TYR B 2 15  ? -2.305  -6.160  -10.190 1.00 69.56  ?  2118 TYR B CE2 1 
ATOM   1531 C CZ  . TYR B 2 15  ? -2.617  -7.466  -9.833  1.00 70.95  ?  2118 TYR B CZ  1 
ATOM   1532 O OH  . TYR B 2 15  ? -1.808  -8.523  -10.200 1.00 71.02  ?  2118 TYR B OH  1 
ATOM   1533 N N   . ARG B 2 16  ? -6.060  -5.609  -11.385 1.00 82.04  ?  2119 ARG B N   1 
ATOM   1534 C CA  . ARG B 2 16  ? -5.538  -6.110  -12.647 1.00 84.96  ?  2119 ARG B CA  1 
ATOM   1535 C C   . ARG B 2 16  ? -6.390  -5.614  -13.799 1.00 89.27  ?  2119 ARG B C   1 
ATOM   1536 O O   . ARG B 2 16  ? -5.870  -5.052  -14.767 1.00 93.82  ?  2119 ARG B O   1 
ATOM   1537 C CB  . ARG B 2 16  ? -5.497  -7.648  -12.635 1.00 80.70  ?  2119 ARG B CB  1 
ATOM   1538 C CG  . ARG B 2 16  ? -4.927  -8.281  -13.901 1.00 82.41  ?  2119 ARG B CG  1 
ATOM   1539 C CD  . ARG B 2 16  ? -3.560  -7.700  -14.264 1.00 84.23  ?  2119 ARG B CD  1 
ATOM   1540 N NE  . ARG B 2 16  ? -3.138  -8.067  -15.620 1.00 93.17  ?  2119 ARG B NE  1 
ATOM   1541 C CZ  . ARG B 2 16  ? -1.973  -7.709  -16.166 1.00 96.80  ?  2119 ARG B CZ  1 
ATOM   1542 N NH1 . ARG B 2 16  ? -1.112  -6.969  -15.466 1.00 95.16  ?  2119 ARG B NH1 1 
ATOM   1543 N NH2 . ARG B 2 16  ? -1.660  -8.091  -17.407 1.00 91.33  ?  2119 ARG B NH2 1 
ATOM   1544 N N   . LYS B 2 17  ? -7.703  -5.806  -13.682 1.00 89.77  ?  2120 LYS B N   1 
ATOM   1545 C CA  . LYS B 2 17  ? -8.635  -5.420  -14.742 1.00 93.37  ?  2120 LYS B CA  1 
ATOM   1546 C C   . LYS B 2 17  ? -8.476  -3.935  -15.066 1.00 93.83  ?  2120 LYS B C   1 
ATOM   1547 O O   . LYS B 2 17  ? -8.707  -3.509  -16.203 1.00 97.34  ?  2120 LYS B O   1 
ATOM   1548 C CB  . LYS B 2 17  ? -10.090 -5.745  -14.357 1.00 84.16  ?  2120 LYS B CB  1 
ATOM   1549 N N   . ALA B 2 18  ? -8.029  -3.170  -14.069 1.00 90.22  ?  2121 ALA B N   1 
ATOM   1550 C CA  . ALA B 2 18  ? -7.965  -1.716  -14.164 1.00 90.81  ?  2121 ALA B CA  1 
ATOM   1551 C C   . ALA B 2 18  ? -6.716  -1.200  -14.885 1.00 93.82  ?  2121 ALA B C   1 
ATOM   1552 O O   . ALA B 2 18  ? -6.544  0.008   -15.042 1.00 98.78  ?  2121 ALA B O   1 
ATOM   1553 C CB  . ALA B 2 18  ? -8.091  -1.084  -12.770 1.00 87.02  ?  2121 ALA B CB  1 
ATOM   1554 N N   . GLU B 2 19  ? -5.855  -2.108  -15.335 1.00 93.00  ?  2122 GLU B N   1 
ATOM   1555 C CA  . GLU B 2 19  ? -4.615  -1.703  -15.993 1.00 95.35  ?  2122 GLU B CA  1 
ATOM   1556 C C   . GLU B 2 19  ? -4.709  -1.557  -17.514 1.00 97.50  ?  2122 GLU B C   1 
ATOM   1557 O O   . GLU B 2 19  ? -3.714  -1.234  -18.170 1.00 97.90  ?  2122 GLU B O   1 
ATOM   1558 C CB  . GLU B 2 19  ? -3.495  -2.676  -15.638 1.00 96.38  ?  2122 GLU B CB  1 
ATOM   1559 C CG  . GLU B 2 19  ? -3.164  -2.715  -14.165 1.00 90.64  ?  2122 GLU B CG  1 
ATOM   1560 C CD  . GLU B 2 19  ? -1.886  -3.490  -13.896 1.00 99.20  ?  2122 GLU B CD  1 
ATOM   1561 O OE1 . GLU B 2 19  ? -1.415  -3.498  -12.730 1.00 100.54 ?  2122 GLU B OE1 1 
ATOM   1562 O OE2 . GLU B 2 19  ? -1.352  -4.091  -14.860 1.00 100.90 ?  2122 GLU B OE2 1 
ATOM   1563 N N   . GLY B 2 20  ? -5.893  -1.802  -18.072 1.00 97.85  ?  2123 GLY B N   1 
ATOM   1564 C CA  . GLY B 2 20  ? -6.092  -1.689  -19.510 1.00 92.76  ?  2123 GLY B CA  1 
ATOM   1565 C C   . GLY B 2 20  ? -6.246  -0.245  -19.965 1.00 93.26  ?  2123 GLY B C   1 
ATOM   1566 O O   . GLY B 2 20  ? -5.278  0.519   -20.032 1.00 90.14  ?  2123 GLY B O   1 
HETATM 1567 S S   . SO4 C 3 .   ? -7.660  -16.329 -1.233  0.50 95.34  ?  801  SO4 A S   1 
HETATM 1568 O O1  . SO4 C 3 .   ? -8.472  -17.360 -1.884  0.50 90.87  ?  801  SO4 A O1  1 
HETATM 1569 O O2  . SO4 C 3 .   ? -6.398  -16.910 -0.778  0.50 93.50  ?  801  SO4 A O2  1 
HETATM 1570 O O3  . SO4 C 3 .   ? -7.414  -15.275 -2.220  0.50 93.81  ?  801  SO4 A O3  1 
HETATM 1571 O O4  . SO4 C 3 .   ? -8.344  -15.766 -0.069  0.50 89.68  ?  801  SO4 A O4  1 
HETATM 1572 S S   . SO4 D 3 .   ? 17.656  -8.355  -8.750  0.61 67.00  ?  802  SO4 A S   1 
HETATM 1573 O O1  . SO4 D 3 .   ? 17.154  -9.341  -9.714  0.61 48.90  ?  802  SO4 A O1  1 
HETATM 1574 O O2  . SO4 D 3 .   ? 17.528  -8.786  -7.332  0.61 51.64  ?  802  SO4 A O2  1 
HETATM 1575 O O3  . SO4 D 3 .   ? 19.080  -8.218  -9.067  0.61 65.71  ?  802  SO4 A O3  1 
HETATM 1576 O O4  . SO4 D 3 .   ? 16.998  -7.045  -8.941  0.61 48.97  ?  802  SO4 A O4  1 
HETATM 1577 O O   . HOH E 4 .   ? 4.914   10.225  -6.957  1.00 58.68  ?  901  HOH A O   1 
HETATM 1578 O O   . HOH E 4 .   ? -11.086 -2.022  4.707   1.00 82.90  ?  902  HOH A O   1 
HETATM 1579 O O   . HOH E 4 .   ? 7.262   -0.641  -8.171  1.00 41.47  ?  903  HOH A O   1 
HETATM 1580 O O   . HOH E 4 .   ? 3.288   0.152   -0.952  1.00 52.92  ?  904  HOH A O   1 
HETATM 1581 O O   . HOH E 4 .   ? 24.767  1.523   -0.760  1.00 65.08  ?  905  HOH A O   1 
HETATM 1582 O O   . HOH E 4 .   ? 19.400  -7.281  -6.667  1.00 50.57  ?  906  HOH A O   1 
HETATM 1583 O O   . HOH E 4 .   ? 10.381  11.870  8.043   1.00 50.50  ?  907  HOH A O   1 
HETATM 1584 O O   . HOH E 4 .   ? 1.977   2.812   -1.980  1.00 62.04  ?  908  HOH A O   1 
HETATM 1585 O O   . HOH E 4 .   ? 18.781  3.863   -4.146  1.00 46.00  ?  909  HOH A O   1 
HETATM 1586 O O   . HOH E 4 .   ? 19.060  -5.490  -8.525  1.00 42.72  ?  910  HOH A O   1 
HETATM 1587 O O   . HOH E 4 .   ? 3.661   -1.516  1.822   1.00 50.26  ?  911  HOH A O   1 
HETATM 1588 O O   . HOH E 4 .   ? 8.604   2.336   -22.137 1.00 45.56  ?  912  HOH A O   1 
HETATM 1589 O O   . HOH E 4 .   ? 2.627   -6.299  -5.414  1.00 57.33  ?  913  HOH A O   1 
HETATM 1590 O O   . HOH E 4 .   ? 8.937   -2.684  -20.112 1.00 48.42  ?  914  HOH A O   1 
HETATM 1591 O O   . HOH E 4 .   ? 8.885   -11.046 -6.602  1.00 58.60  ?  915  HOH A O   1 
HETATM 1592 O O   . HOH E 4 .   ? 7.134   -9.125  -7.444  1.00 59.59  ?  916  HOH A O   1 
HETATM 1593 O O   . HOH E 4 .   ? 13.447  -5.027  -8.681  1.00 32.89  ?  917  HOH A O   1 
HETATM 1594 O O   . HOH E 4 .   ? -4.204  -5.054  2.367   1.00 60.30  ?  918  HOH A O   1 
HETATM 1595 O O   . HOH E 4 .   ? 2.184   -3.937  -4.541  1.00 50.42  ?  919  HOH A O   1 
HETATM 1596 O O   . HOH E 4 .   ? 14.742  -5.867  -10.774 1.00 49.38  ?  920  HOH A O   1 
HETATM 1597 O O   . HOH E 4 .   ? 6.390   1.737   -7.191  1.00 50.96  ?  921  HOH A O   1 
HETATM 1598 O O   . HOH E 4 .   ? 8.401   5.593   -7.950  1.00 48.67  ?  922  HOH A O   1 
HETATM 1599 O O   . HOH E 4 .   ? 7.579   2.781   -9.249  1.00 48.12  ?  923  HOH A O   1 
HETATM 1600 O O   . HOH E 4 .   ? 16.812  10.399  -19.482 1.00 57.43  ?  924  HOH A O   1 
HETATM 1601 O O   . HOH E 4 .   ? 5.150   -4.077  15.040  1.00 56.62  ?  925  HOH A O   1 
HETATM 1602 O O   . HOH E 4 .   ? 23.894  4.472   -8.016  1.00 59.95  ?  926  HOH A O   1 
HETATM 1603 O O   . HOH E 4 .   ? 20.309  -9.325  -14.402 1.00 52.90  ?  927  HOH A O   1 
HETATM 1604 O O   . HOH E 4 .   ? 13.123  1.357   17.887  1.00 62.63  ?  928  HOH A O   1 
HETATM 1605 O O   . HOH E 4 .   ? 24.464  -4.946  -2.847  1.00 60.47  ?  929  HOH A O   1 
HETATM 1606 O O   . HOH E 4 .   ? -5.175  10.807  -1.495  1.00 71.52  ?  930  HOH A O   1 
HETATM 1607 O O   . HOH E 4 .   ? 14.129  -4.799  -19.486 1.00 61.19  ?  931  HOH A O   1 
HETATM 1608 O O   . HOH E 4 .   ? 18.256  12.502  4.135   1.00 71.82  ?  932  HOH A O   1 
HETATM 1609 O O   . HOH E 4 .   ? 9.759   0.792   -10.168 1.00 39.10  ?  933  HOH A O   1 
HETATM 1610 O O   . HOH E 4 .   ? 4.977   3.948   -16.917 1.00 54.39  ?  934  HOH A O   1 
HETATM 1611 O O   . HOH E 4 .   ? 8.100   -3.098  -8.317  1.00 44.69  ?  935  HOH A O   1 
HETATM 1612 O O   . HOH E 4 .   ? 10.775  -4.347  -8.957  1.00 40.96  ?  936  HOH A O   1 
# 
